data_8TCV
#
_entry.id   8TCV
#
_cell.length_a   110.656
_cell.length_b   180.962
_cell.length_c   88.225
_cell.angle_alpha   90.00
_cell.angle_beta   106.42
_cell.angle_gamma   90.00
#
_symmetry.space_group_name_H-M   'C 1 2 1'
#
loop_
_entity.id
_entity.type
_entity.pdbx_description
1 polymer 'Pyrroline-5-carboxylate reductase 1, mitochondrial'
2 non-polymer 'SULFATE ION'
3 non-polymer '4-bromobenzene-1,3-dicarboxylic acid'
4 water water
#
_entity_poly.entity_id   1
_entity_poly.type   'polypeptide(L)'
_entity_poly.pdbx_seq_one_letter_code
;MHHHHHHSSGVDLGTENLYFQSMSVGFIGAGQLAFALAKGFTAAGVLAAHKIMASSPDMDLATVSALRKMGVKLTPHNKE
TVQHSDVLFLAVKPHIIPFILDEIGADIEDRHIVVSCAAGVTISSIEKKLSAFRPAPRVIRCMTNTPVVVREGATVYATG
THAQVEDGRLMEQLLSSVGFCTEVEEDLIDAVTGLSGSGPAYAFTALDALADGGVKMGLPRRLAVRLGAQALLGAAKMLL
HSEQHPGQLKDNVSSPGGATIHALHVLESGGFRSLLINAVEASCIRTRELQSMADQEQVSPAAIKKTILDKVKLDS
;
_entity_poly.pdbx_strand_id   A,B,C,D,E
#
loop_
_chem_comp.id
_chem_comp.type
_chem_comp.name
_chem_comp.formula
SO4 non-polymer 'SULFATE ION' 'O4 S -2'
ZR0 non-polymer '4-bromobenzene-1,3-dicarboxylic acid' 'C8 H5 Br O4'
#
# COMPACT_ATOMS: atom_id res chain seq x y z
N GLN A 21 23.19 21.35 -25.48
CA GLN A 21 22.94 21.88 -24.14
C GLN A 21 24.25 22.04 -23.35
N SER A 22 24.95 20.92 -23.14
CA SER A 22 26.19 20.90 -22.33
C SER A 22 25.94 21.42 -20.91
N MET A 23 24.75 21.14 -20.40
CA MET A 23 24.33 21.62 -19.08
C MET A 23 24.97 20.78 -17.99
N SER A 24 25.43 21.45 -16.92
CA SER A 24 25.98 20.76 -15.76
C SER A 24 24.93 20.73 -14.67
N VAL A 25 24.72 19.58 -14.06
CA VAL A 25 23.67 19.41 -13.06
C VAL A 25 24.29 19.00 -11.74
N GLY A 26 23.77 19.56 -10.65
CA GLY A 26 24.20 19.18 -9.32
C GLY A 26 23.03 18.79 -8.46
N PHE A 27 23.31 17.86 -7.54
CA PHE A 27 22.38 17.42 -6.52
C PHE A 27 23.01 17.62 -5.16
N ILE A 28 22.37 18.43 -4.32
CA ILE A 28 22.74 18.46 -2.90
C ILE A 28 21.80 17.46 -2.23
N GLY A 29 22.38 16.39 -1.72
CA GLY A 29 21.61 15.21 -1.34
C GLY A 29 21.89 14.13 -2.36
N ALA A 30 22.10 12.91 -1.89
CA ALA A 30 22.38 11.77 -2.77
C ALA A 30 21.52 10.58 -2.40
N GLY A 31 20.26 10.83 -2.05
CA GLY A 31 19.34 9.78 -1.65
C GLY A 31 18.58 9.18 -2.82
N GLN A 32 17.43 8.56 -2.49
CA GLN A 32 16.66 7.81 -3.47
C GLN A 32 16.21 8.69 -4.63
N LEU A 33 15.83 9.94 -4.34
CA LEU A 33 15.31 10.79 -5.40
C LEU A 33 16.42 11.31 -6.31
N ALA A 34 17.56 11.71 -5.72
CA ALA A 34 18.71 12.10 -6.54
C ALA A 34 19.13 10.95 -7.43
N PHE A 35 19.16 9.74 -6.88
CA PHE A 35 19.54 8.60 -7.71
C PHE A 35 18.49 8.35 -8.79
N ALA A 36 17.20 8.47 -8.45
CA ALA A 36 16.17 8.23 -9.45
C ALA A 36 16.24 9.26 -10.58
N LEU A 37 16.41 10.55 -10.24
CA LEU A 37 16.51 11.57 -11.28
C LEU A 37 17.77 11.41 -12.14
N ALA A 38 18.92 11.16 -11.50
CA ALA A 38 20.15 10.96 -12.27
C ALA A 38 20.01 9.78 -13.22
N LYS A 39 19.50 8.65 -12.71
CA LYS A 39 19.25 7.49 -13.55
C LYS A 39 18.29 7.82 -14.70
N GLY A 40 17.22 8.57 -14.40
CA GLY A 40 16.29 8.94 -15.46
C GLY A 40 16.93 9.84 -16.51
N PHE A 41 17.59 10.90 -16.06
CA PHE A 41 18.20 11.86 -16.99
C PHE A 41 19.22 11.19 -17.90
N THR A 42 20.02 10.27 -17.36
CA THR A 42 21.05 9.66 -18.18
C THR A 42 20.44 8.64 -19.13
N ALA A 43 19.45 7.87 -18.67
CA ALA A 43 18.75 6.94 -19.55
C ALA A 43 18.03 7.69 -20.66
N ALA A 44 17.47 8.87 -20.34
CA ALA A 44 16.85 9.69 -21.37
C ALA A 44 17.85 10.24 -22.37
N GLY A 45 19.15 10.21 -22.07
CA GLY A 45 20.14 10.82 -22.94
C GLY A 45 20.23 12.32 -22.85
N VAL A 46 19.64 12.96 -21.85
CA VAL A 46 19.69 14.42 -21.79
C VAL A 46 21.01 14.87 -21.16
N LEU A 47 21.57 14.08 -20.26
CA LEU A 47 22.77 14.43 -19.51
C LEU A 47 23.73 13.27 -19.53
N ALA A 48 25.01 13.56 -19.71
CA ALA A 48 26.02 12.54 -19.44
C ALA A 48 26.18 12.37 -17.93
N ALA A 49 26.30 11.12 -17.49
CA ALA A 49 26.47 10.86 -16.06
C ALA A 49 27.57 11.71 -15.44
N HIS A 50 28.71 11.83 -16.12
CA HIS A 50 29.84 12.59 -15.56
C HIS A 50 29.61 14.10 -15.59
N LYS A 51 28.52 14.59 -16.17
CA LYS A 51 28.19 16.00 -16.05
C LYS A 51 27.28 16.27 -14.85
N ILE A 52 26.95 15.24 -14.07
CA ILE A 52 26.21 15.36 -12.82
C ILE A 52 27.18 15.24 -11.66
N MET A 53 27.04 16.11 -10.66
CA MET A 53 27.78 15.99 -9.41
C MET A 53 26.79 15.95 -8.25
N ALA A 54 27.02 15.06 -7.28
CA ALA A 54 26.16 14.98 -6.11
C ALA A 54 27.02 15.00 -4.84
N SER A 55 26.48 15.61 -3.79
CA SER A 55 27.16 15.63 -2.51
C SER A 55 26.25 15.05 -1.44
N SER A 56 26.86 14.52 -0.37
CA SER A 56 26.14 13.93 0.75
C SER A 56 27.01 14.02 1.99
N PRO A 57 26.43 14.32 3.16
CA PRO A 57 27.20 14.22 4.40
C PRO A 57 27.56 12.78 4.76
N ASP A 58 26.75 11.81 4.31
CA ASP A 58 27.00 10.40 4.57
C ASP A 58 27.40 9.77 3.24
N MET A 59 28.70 9.65 3.00
CA MET A 59 29.18 9.08 1.74
C MET A 59 29.05 7.57 1.70
N ASP A 60 28.53 6.93 2.76
CA ASP A 60 28.45 5.48 2.84
C ASP A 60 27.05 4.94 2.56
N LEU A 61 26.13 5.78 2.09
CA LEU A 61 24.82 5.30 1.70
C LEU A 61 24.94 4.38 0.48
N ALA A 62 23.96 3.48 0.33
CA ALA A 62 23.94 2.62 -0.84
C ALA A 62 23.59 3.41 -2.10
N THR A 63 22.71 4.41 -1.97
CA THR A 63 22.39 5.25 -3.12
C THR A 63 23.64 5.95 -3.64
N VAL A 64 24.58 6.27 -2.75
CA VAL A 64 25.83 6.90 -3.18
C VAL A 64 26.65 5.93 -4.00
N SER A 65 26.63 4.64 -3.64
CA SER A 65 27.40 3.64 -4.37
C SER A 65 26.82 3.41 -5.76
N ALA A 66 25.49 3.41 -5.87
CA ALA A 66 24.87 3.27 -7.18
C ALA A 66 25.16 4.49 -8.06
N LEU A 67 25.13 5.69 -7.47
CA LEU A 67 25.50 6.88 -8.23
C LEU A 67 26.94 6.79 -8.72
N ARG A 68 27.84 6.32 -7.85
CA ARG A 68 29.25 6.16 -8.20
C ARG A 68 29.40 5.21 -9.38
N LYS A 69 28.69 4.08 -9.35
CA LYS A 69 28.77 3.11 -10.44
C LYS A 69 28.27 3.71 -11.75
N MET A 70 27.25 4.58 -11.67
CA MET A 70 26.70 5.24 -12.85
C MET A 70 27.70 6.16 -13.54
N GLY A 71 28.74 6.61 -12.85
CA GLY A 71 29.62 7.63 -13.38
C GLY A 71 29.32 9.05 -12.93
N VAL A 72 28.41 9.23 -11.97
CA VAL A 72 28.16 10.55 -11.41
C VAL A 72 29.32 10.93 -10.49
N LYS A 73 29.71 12.20 -10.53
CA LYS A 73 30.78 12.68 -9.66
C LYS A 73 30.26 12.91 -8.26
N LEU A 74 31.03 12.46 -7.26
CA LEU A 74 30.62 12.54 -5.87
C LEU A 74 31.65 13.32 -5.07
N THR A 75 31.17 14.14 -4.14
CA THR A 75 32.02 14.95 -3.27
C THR A 75 31.33 15.10 -1.93
N PRO A 76 32.08 15.20 -0.84
CA PRO A 76 31.47 15.52 0.45
C PRO A 76 31.14 16.99 0.62
N HIS A 77 31.50 17.84 -0.34
CA HIS A 77 31.49 19.30 -0.17
C HIS A 77 30.38 19.91 -1.01
N ASN A 78 29.36 20.46 -0.35
CA ASN A 78 28.25 21.08 -1.06
C ASN A 78 28.70 22.26 -1.92
N LYS A 79 29.74 22.98 -1.48
CA LYS A 79 30.25 24.09 -2.28
C LYS A 79 30.74 23.60 -3.64
N GLU A 80 31.39 22.43 -3.68
CA GLU A 80 31.88 21.91 -4.95
C GLU A 80 30.72 21.58 -5.89
N THR A 81 29.65 21.01 -5.35
CA THR A 81 28.46 20.77 -6.16
C THR A 81 27.88 22.08 -6.71
N VAL A 82 27.78 23.11 -5.86
CA VAL A 82 27.26 24.40 -6.33
C VAL A 82 28.13 24.95 -7.45
N GLN A 83 29.45 24.96 -7.24
CA GLN A 83 30.35 25.56 -8.24
C GLN A 83 30.33 24.80 -9.55
N HIS A 84 30.13 23.47 -9.49
CA HIS A 84 30.05 22.67 -10.70
C HIS A 84 28.78 22.97 -11.50
N SER A 85 27.68 23.26 -10.80
CA SER A 85 26.35 23.16 -11.37
C SER A 85 25.92 24.43 -12.09
N ASP A 86 25.10 24.22 -13.13
CA ASP A 86 24.27 25.24 -13.72
C ASP A 86 22.84 25.16 -13.19
N VAL A 87 22.27 23.95 -13.18
CA VAL A 87 20.99 23.66 -12.54
C VAL A 87 21.31 22.87 -11.29
N LEU A 88 20.83 23.35 -10.14
CA LEU A 88 21.17 22.77 -8.84
C LEU A 88 19.90 22.25 -8.18
N PHE A 89 19.82 20.94 -7.99
CA PHE A 89 18.68 20.32 -7.33
C PHE A 89 18.95 20.22 -5.83
N LEU A 90 17.98 20.65 -5.02
CA LEU A 90 18.02 20.46 -3.57
C LEU A 90 17.16 19.23 -3.23
N ALA A 91 17.83 18.10 -3.02
CA ALA A 91 17.18 16.82 -2.82
C ALA A 91 17.54 16.29 -1.44
N VAL A 92 17.31 17.12 -0.42
CA VAL A 92 17.52 16.75 0.97
C VAL A 92 16.19 16.80 1.69
N LYS A 93 16.21 16.31 2.92
CA LYS A 93 15.02 16.32 3.76
C LYS A 93 14.58 17.76 4.04
N PRO A 94 13.26 18.00 4.12
CA PRO A 94 12.76 19.37 4.32
C PRO A 94 13.42 20.12 5.47
N HIS A 95 13.68 19.46 6.59
CA HIS A 95 14.23 20.19 7.71
C HIS A 95 15.69 20.56 7.52
N ILE A 96 16.36 19.99 6.51
CA ILE A 96 17.76 20.31 6.26
C ILE A 96 17.92 21.51 5.32
N ILE A 97 16.88 21.86 4.56
CA ILE A 97 17.00 22.95 3.58
C ILE A 97 17.54 24.25 4.19
N PRO A 98 17.04 24.74 5.33
CA PRO A 98 17.57 26.02 5.83
C PRO A 98 19.05 25.97 6.22
N PHE A 99 19.56 24.84 6.72
CA PHE A 99 20.99 24.78 7.00
C PHE A 99 21.81 24.75 5.71
N ILE A 100 21.27 24.12 4.65
CA ILE A 100 21.96 24.12 3.36
C ILE A 100 22.01 25.53 2.79
N LEU A 101 20.90 26.25 2.84
CA LEU A 101 20.88 27.59 2.24
C LEU A 101 21.84 28.52 2.97
N ASP A 102 21.97 28.39 4.29
CA ASP A 102 22.99 29.13 5.02
C ASP A 102 24.39 28.76 4.58
N GLU A 103 24.64 27.46 4.37
CA GLU A 103 25.99 27.00 4.11
C GLU A 103 26.49 27.45 2.73
N ILE A 104 25.67 27.32 1.69
CA ILE A 104 26.15 27.60 0.35
C ILE A 104 25.46 28.81 -0.28
N GLY A 105 24.69 29.57 0.49
CA GLY A 105 23.99 30.71 -0.07
C GLY A 105 24.91 31.72 -0.72
N ALA A 106 26.08 31.95 -0.11
CA ALA A 106 27.04 32.89 -0.67
C ALA A 106 27.61 32.41 -2.01
N ASP A 107 27.50 31.12 -2.31
CA ASP A 107 28.06 30.55 -3.53
C ASP A 107 27.06 30.49 -4.68
N ILE A 108 25.79 30.80 -4.44
CA ILE A 108 24.82 30.85 -5.53
C ILE A 108 25.12 32.06 -6.40
N GLU A 109 25.21 31.85 -7.71
CA GLU A 109 25.53 32.93 -8.63
C GLU A 109 24.33 33.28 -9.49
N ASP A 110 24.44 34.38 -10.22
CA ASP A 110 23.34 34.81 -11.08
C ASP A 110 22.99 33.74 -12.12
N ARG A 111 23.97 32.94 -12.56
CA ARG A 111 23.74 31.94 -13.60
C ARG A 111 22.95 30.73 -13.10
N HIS A 112 22.82 30.55 -11.79
CA HIS A 112 22.21 29.33 -11.24
C HIS A 112 20.69 29.32 -11.36
N ILE A 113 20.14 28.13 -11.63
CA ILE A 113 18.72 27.85 -11.39
C ILE A 113 18.70 26.88 -10.22
N VAL A 114 18.03 27.26 -9.13
CA VAL A 114 17.94 26.44 -7.93
C VAL A 114 16.57 25.76 -7.93
N VAL A 115 16.58 24.43 -8.00
CA VAL A 115 15.36 23.63 -8.07
C VAL A 115 15.21 22.89 -6.75
N SER A 116 14.22 23.26 -5.95
CA SER A 116 14.03 22.58 -4.68
C SER A 116 13.02 21.46 -4.86
N CYS A 117 13.41 20.25 -4.45
CA CYS A 117 12.54 19.10 -4.46
C CYS A 117 11.93 18.79 -3.10
N ALA A 118 12.37 19.47 -2.04
CA ALA A 118 11.95 19.13 -0.69
C ALA A 118 10.45 19.32 -0.52
N ALA A 119 9.79 18.33 0.08
CA ALA A 119 8.35 18.43 0.27
C ALA A 119 8.03 19.60 1.19
N GLY A 120 7.01 20.37 0.81
CA GLY A 120 6.47 21.39 1.69
C GLY A 120 7.25 22.69 1.78
N VAL A 121 8.52 22.70 1.36
CA VAL A 121 9.35 23.90 1.50
C VAL A 121 8.94 24.94 0.46
N THR A 122 8.58 26.13 0.94
CA THR A 122 8.02 27.13 0.05
C THR A 122 9.10 27.89 -0.70
N ILE A 123 8.73 28.37 -1.88
CA ILE A 123 9.62 29.26 -2.62
C ILE A 123 10.00 30.46 -1.78
N SER A 124 9.03 31.00 -1.04
CA SER A 124 9.28 32.18 -0.23
C SER A 124 10.40 31.96 0.77
N SER A 125 10.39 30.81 1.47
CA SER A 125 11.43 30.55 2.47
C SER A 125 12.81 30.45 1.82
N ILE A 126 12.89 29.83 0.64
CA ILE A 126 14.16 29.70 -0.05
C ILE A 126 14.64 31.06 -0.51
N GLU A 127 13.76 31.83 -1.14
CA GLU A 127 14.17 33.13 -1.66
C GLU A 127 14.59 34.06 -0.52
N LYS A 128 13.93 33.96 0.64
CA LYS A 128 14.30 34.84 1.76
C LYS A 128 15.73 34.57 2.21
N LYS A 129 16.12 33.29 2.33
CA LYS A 129 17.50 32.95 2.64
C LYS A 129 18.47 33.41 1.56
N LEU A 130 18.18 33.06 0.31
CA LEU A 130 19.16 33.30 -0.75
C LEU A 130 19.29 34.79 -1.07
N SER A 131 18.20 35.56 -0.92
CA SER A 131 18.25 36.98 -1.22
C SER A 131 19.17 37.78 -0.30
N ALA A 132 19.48 37.26 0.89
CA ALA A 132 20.46 37.95 1.73
C ALA A 132 21.84 37.98 1.08
N PHE A 133 22.09 37.10 0.09
CA PHE A 133 23.40 37.07 -0.56
C PHE A 133 23.36 37.77 -1.92
N ARG A 134 22.80 37.16 -2.92
CA ARG A 134 22.62 37.89 -4.17
C ARG A 134 21.14 38.21 -4.35
N PRO A 135 20.81 39.34 -5.00
CA PRO A 135 19.45 39.89 -4.86
C PRO A 135 18.35 39.16 -5.62
N ALA A 136 18.63 38.40 -6.66
CA ALA A 136 17.57 37.87 -7.51
C ALA A 136 17.80 36.39 -7.79
N PRO A 137 17.81 35.55 -6.75
CA PRO A 137 18.00 34.11 -6.96
C PRO A 137 16.85 33.51 -7.76
N ARG A 138 17.20 32.67 -8.73
CA ARG A 138 16.23 32.03 -9.61
C ARG A 138 15.86 30.69 -9.01
N VAL A 139 14.64 30.60 -8.49
CA VAL A 139 14.20 29.45 -7.71
C VAL A 139 13.01 28.80 -8.41
N ILE A 140 13.02 27.48 -8.46
CA ILE A 140 11.89 26.69 -8.95
C ILE A 140 11.61 25.63 -7.91
N ARG A 141 10.33 25.44 -7.58
CA ARG A 141 9.93 24.37 -6.66
C ARG A 141 9.32 23.23 -7.46
N CYS A 142 9.74 22.02 -7.14
CA CYS A 142 9.42 20.82 -7.90
C CYS A 142 8.80 19.79 -6.96
N MET A 143 7.85 18.99 -7.46
CA MET A 143 7.41 17.80 -6.74
C MET A 143 7.38 16.69 -7.79
N THR A 144 8.21 15.68 -7.60
CA THR A 144 8.32 14.61 -8.59
C THR A 144 8.19 13.28 -7.84
N ASN A 145 8.51 12.14 -8.46
CA ASN A 145 8.37 10.89 -7.72
C ASN A 145 9.36 9.88 -8.27
N THR A 146 9.47 8.74 -7.58
CA THR A 146 10.53 7.80 -7.93
C THR A 146 10.40 7.19 -9.32
N PRO A 147 9.22 7.04 -9.93
CA PRO A 147 9.19 6.45 -11.29
C PRO A 147 9.89 7.25 -12.38
N VAL A 148 10.46 8.44 -12.10
CA VAL A 148 11.39 9.03 -13.06
C VAL A 148 12.52 8.05 -13.41
N VAL A 149 12.81 7.11 -12.51
CA VAL A 149 13.87 6.15 -12.76
C VAL A 149 13.56 5.28 -13.97
N VAL A 150 12.28 5.07 -14.30
CA VAL A 150 11.89 4.37 -15.52
C VAL A 150 11.28 5.34 -16.53
N ARG A 151 11.58 6.64 -16.37
CA ARG A 151 11.09 7.70 -17.27
C ARG A 151 9.56 7.74 -17.34
N GLU A 152 8.89 7.42 -16.23
CA GLU A 152 7.43 7.54 -16.14
C GLU A 152 7.04 8.32 -14.89
N GLY A 153 7.82 9.34 -14.55
CA GLY A 153 7.53 10.13 -13.38
C GLY A 153 6.30 10.99 -13.58
N ALA A 154 5.84 11.55 -12.47
CA ALA A 154 4.79 12.58 -12.45
C ALA A 154 5.40 13.79 -11.75
N THR A 155 5.56 14.89 -12.49
CA THR A 155 6.25 16.05 -11.96
C THR A 155 5.40 17.30 -12.13
N VAL A 156 5.33 18.13 -11.10
CA VAL A 156 4.80 19.49 -11.24
C VAL A 156 5.88 20.45 -10.75
N TYR A 157 5.81 21.69 -11.21
CA TYR A 157 6.76 22.70 -10.75
C TYR A 157 6.06 24.06 -10.71
N ALA A 158 6.57 24.93 -9.84
CA ALA A 158 6.15 26.32 -9.77
C ALA A 158 7.38 27.20 -9.84
N THR A 159 7.27 28.32 -10.54
CA THR A 159 8.41 29.21 -10.76
C THR A 159 8.42 30.31 -9.69
N GLY A 160 9.63 30.69 -9.27
CA GLY A 160 9.79 31.70 -8.24
C GLY A 160 9.74 33.11 -8.80
N THR A 161 9.94 34.06 -7.88
CA THR A 161 9.84 35.49 -8.22
C THR A 161 10.79 35.88 -9.35
N HIS A 162 12.02 35.40 -9.32
CA HIS A 162 13.05 35.85 -10.25
C HIS A 162 13.34 34.84 -11.35
N ALA A 163 12.62 33.73 -11.39
CA ALA A 163 12.85 32.74 -12.44
C ALA A 163 12.40 33.31 -13.78
N GLN A 164 13.29 33.26 -14.76
CA GLN A 164 12.96 33.77 -16.09
C GLN A 164 11.98 32.82 -16.78
N VAL A 165 11.30 33.35 -17.80
CA VAL A 165 10.38 32.51 -18.56
C VAL A 165 11.13 31.36 -19.20
N GLU A 166 12.36 31.62 -19.68
CA GLU A 166 13.19 30.55 -20.22
C GLU A 166 13.55 29.52 -19.16
N ASP A 167 13.57 29.92 -17.88
CA ASP A 167 13.91 28.99 -16.81
C ASP A 167 12.81 27.94 -16.65
N GLY A 168 11.55 28.38 -16.64
CA GLY A 168 10.45 27.43 -16.56
C GLY A 168 10.43 26.49 -17.74
N ARG A 169 10.70 27.01 -18.94
CA ARG A 169 10.68 26.18 -20.14
C ARG A 169 11.80 25.16 -20.12
N LEU A 170 13.00 25.57 -19.69
CA LEU A 170 14.11 24.64 -19.56
C LEU A 170 13.76 23.54 -18.56
N MET A 171 13.22 23.92 -17.41
CA MET A 171 12.81 22.94 -16.39
CA MET A 171 12.89 22.89 -16.42
C MET A 171 11.78 21.97 -16.93
N GLU A 172 10.80 22.48 -17.67
CA GLU A 172 9.79 21.56 -18.20
C GLU A 172 10.39 20.63 -19.25
N GLN A 173 11.31 21.12 -20.09
CA GLN A 173 11.99 20.25 -21.05
C GLN A 173 12.78 19.15 -20.33
N LEU A 174 13.50 19.53 -19.28
CA LEU A 174 14.31 18.58 -18.53
C LEU A 174 13.43 17.55 -17.83
N LEU A 175 12.44 18.00 -17.07
CA LEU A 175 11.63 17.03 -16.34
C LEU A 175 10.69 16.24 -17.24
N SER A 176 10.30 16.78 -18.40
CA SER A 176 9.49 15.99 -19.33
C SER A 176 10.26 14.82 -19.92
N SER A 177 11.59 14.87 -19.86
CA SER A 177 12.36 13.75 -20.41
C SER A 177 12.25 12.49 -19.56
N VAL A 178 11.73 12.60 -18.33
CA VAL A 178 11.60 11.46 -17.43
C VAL A 178 10.16 11.22 -16.98
N GLY A 179 9.19 11.81 -17.67
CA GLY A 179 7.81 11.57 -17.31
C GLY A 179 6.92 12.74 -17.68
N PHE A 180 5.71 12.71 -17.11
CA PHE A 180 4.77 13.82 -17.26
C PHE A 180 5.29 15.01 -16.46
N CYS A 181 5.14 16.21 -17.03
CA CYS A 181 5.55 17.41 -16.31
C CYS A 181 4.63 18.56 -16.68
N THR A 182 4.22 19.35 -15.68
CA THR A 182 3.38 20.51 -15.97
C THR A 182 3.59 21.56 -14.90
N GLU A 183 3.45 22.83 -15.28
CA GLU A 183 3.53 23.94 -14.35
C GLU A 183 2.23 24.07 -13.57
N VAL A 184 2.35 24.32 -12.26
CA VAL A 184 1.20 24.58 -11.40
C VAL A 184 1.47 25.83 -10.56
N GLU A 185 0.39 26.38 -10.00
CA GLU A 185 0.54 27.34 -8.93
C GLU A 185 1.09 26.64 -7.69
N GLU A 186 1.97 27.34 -6.96
CA GLU A 186 2.63 26.72 -5.83
C GLU A 186 1.65 26.17 -4.80
N ASP A 187 0.48 26.79 -4.65
CA ASP A 187 -0.40 26.32 -3.57
C ASP A 187 -1.03 24.97 -3.86
N LEU A 188 -0.79 24.38 -5.02
CA LEU A 188 -1.27 23.02 -5.25
C LEU A 188 -0.23 21.96 -4.90
N ILE A 189 1.01 22.34 -4.58
CA ILE A 189 2.07 21.34 -4.57
C ILE A 189 1.95 20.41 -3.37
N ASP A 190 1.45 20.89 -2.23
CA ASP A 190 1.29 19.98 -1.09
C ASP A 190 0.27 18.89 -1.40
N ALA A 191 -0.81 19.22 -2.10
CA ALA A 191 -1.79 18.21 -2.53
C ALA A 191 -1.20 17.26 -3.57
N VAL A 192 -0.39 17.77 -4.49
CA VAL A 192 0.27 16.88 -5.43
C VAL A 192 1.14 15.88 -4.69
N THR A 193 1.81 16.34 -3.64
CA THR A 193 2.64 15.44 -2.83
C THR A 193 1.82 14.27 -2.30
N GLY A 194 0.63 14.56 -1.79
CA GLY A 194 -0.21 13.50 -1.24
C GLY A 194 -0.73 12.54 -2.29
N LEU A 195 -0.84 12.98 -3.54
CA LEU A 195 -1.39 12.15 -4.62
C LEU A 195 -0.28 11.43 -5.37
N SER A 196 0.50 12.14 -6.20
CA SER A 196 1.51 11.47 -7.01
C SER A 196 2.89 11.36 -6.36
N GLY A 197 3.21 12.20 -5.38
CA GLY A 197 4.47 12.04 -4.67
C GLY A 197 4.50 10.75 -3.85
N SER A 198 3.48 10.59 -2.99
CA SER A 198 3.29 9.38 -2.19
C SER A 198 2.64 8.25 -2.97
N GLY A 199 1.96 8.55 -4.08
CA GLY A 199 1.24 7.58 -4.88
C GLY A 199 1.94 6.25 -5.18
N PRO A 200 3.19 6.29 -5.60
CA PRO A 200 3.86 5.01 -5.92
C PRO A 200 3.87 4.07 -4.74
N ALA A 201 3.94 4.60 -3.52
CA ALA A 201 3.92 3.74 -2.33
C ALA A 201 2.55 3.11 -2.12
N TYR A 202 1.46 3.85 -2.40
CA TYR A 202 0.14 3.22 -2.35
C TYR A 202 0.05 2.09 -3.36
N ALA A 203 0.60 2.30 -4.56
CA ALA A 203 0.57 1.29 -5.60
C ALA A 203 1.42 0.07 -5.22
N PHE A 204 2.59 0.29 -4.63
CA PHE A 204 3.41 -0.85 -4.23
C PHE A 204 2.71 -1.68 -3.15
N THR A 205 2.05 -1.01 -2.21
CA THR A 205 1.23 -1.69 -1.20
C THR A 205 0.11 -2.50 -1.86
N ALA A 206 -0.59 -1.89 -2.82
CA ALA A 206 -1.68 -2.57 -3.51
C ALA A 206 -1.18 -3.79 -4.29
N LEU A 207 -0.03 -3.65 -4.95
CA LEU A 207 0.51 -4.76 -5.77
C LEU A 207 0.94 -5.93 -4.90
N ASP A 208 1.53 -5.64 -3.73
CA ASP A 208 1.88 -6.70 -2.79
C ASP A 208 0.63 -7.43 -2.32
N ALA A 209 -0.42 -6.67 -1.98
CA ALA A 209 -1.65 -7.29 -1.50
C ALA A 209 -2.34 -8.09 -2.61
N LEU A 210 -2.40 -7.53 -3.82
CA LEU A 210 -3.00 -8.26 -4.94
C LEU A 210 -2.28 -9.58 -5.18
N ALA A 211 -0.93 -9.56 -5.10
CA ALA A 211 -0.18 -10.79 -5.29
C ALA A 211 -0.49 -11.79 -4.19
N ASP A 212 -0.58 -11.34 -2.93
CA ASP A 212 -1.03 -12.21 -1.85
C ASP A 212 -2.37 -12.84 -2.18
N GLY A 213 -3.28 -12.06 -2.76
CA GLY A 213 -4.58 -12.63 -3.12
C GLY A 213 -4.46 -13.67 -4.22
N GLY A 214 -3.61 -13.40 -5.22
CA GLY A 214 -3.38 -14.40 -6.25
C GLY A 214 -2.80 -15.69 -5.69
N VAL A 215 -1.81 -15.57 -4.80
CA VAL A 215 -1.22 -16.74 -4.15
C VAL A 215 -2.27 -17.50 -3.32
N LYS A 216 -3.10 -16.78 -2.56
CA LYS A 216 -4.13 -17.45 -1.77
C LYS A 216 -5.03 -18.32 -2.65
N MET A 217 -5.35 -17.83 -3.85
CA MET A 217 -6.20 -18.55 -4.78
C MET A 217 -5.44 -19.53 -5.68
N GLY A 218 -4.14 -19.74 -5.44
CA GLY A 218 -3.41 -20.85 -6.03
C GLY A 218 -2.37 -20.50 -7.07
N LEU A 219 -2.11 -19.20 -7.32
CA LEU A 219 -1.07 -18.81 -8.28
C LEU A 219 0.31 -18.83 -7.63
N PRO A 220 1.34 -19.22 -8.39
CA PRO A 220 2.71 -18.99 -7.92
C PRO A 220 2.96 -17.51 -7.73
N ARG A 221 3.78 -17.19 -6.73
CA ARG A 221 4.02 -15.79 -6.38
C ARG A 221 4.58 -15.00 -7.56
N ARG A 222 5.56 -15.56 -8.26
CA ARG A 222 6.20 -14.84 -9.36
C ARG A 222 5.17 -14.42 -10.41
N LEU A 223 4.30 -15.37 -10.81
CA LEU A 223 3.25 -15.05 -11.78
C LEU A 223 2.26 -14.04 -11.23
N ALA A 224 1.88 -14.16 -9.96
CA ALA A 224 0.91 -13.24 -9.39
C ALA A 224 1.46 -11.81 -9.34
N VAL A 225 2.74 -11.65 -9.03
CA VAL A 225 3.36 -10.31 -9.03
C VAL A 225 3.34 -9.73 -10.44
N ARG A 226 3.74 -10.54 -11.43
CA ARG A 226 3.78 -10.09 -12.82
C ARG A 226 2.40 -9.71 -13.32
N LEU A 227 1.39 -10.56 -13.04
CA LEU A 227 0.03 -10.30 -13.52
C LEU A 227 -0.57 -9.07 -12.87
N GLY A 228 -0.38 -8.90 -11.57
CA GLY A 228 -0.94 -7.74 -10.89
C GLY A 228 -0.34 -6.45 -11.40
N ALA A 229 0.99 -6.42 -11.54
CA ALA A 229 1.65 -5.20 -12.03
C ALA A 229 1.22 -4.89 -13.46
N GLN A 230 1.13 -5.93 -14.30
CA GLN A 230 0.68 -5.71 -15.67
C GLN A 230 -0.75 -5.20 -15.71
N ALA A 231 -1.62 -5.73 -14.82
CA ALA A 231 -3.00 -5.24 -14.77
C ALA A 231 -3.04 -3.76 -14.43
N LEU A 232 -2.25 -3.35 -13.44
CA LEU A 232 -2.29 -1.96 -13.01
C LEU A 232 -1.67 -1.05 -14.06
N LEU A 233 -0.58 -1.48 -14.69
CA LEU A 233 0.02 -0.70 -15.77
C LEU A 233 -0.96 -0.52 -16.91
N GLY A 234 -1.56 -1.62 -17.37
CA GLY A 234 -2.51 -1.54 -18.47
C GLY A 234 -3.69 -0.64 -18.15
N ALA A 235 -4.23 -0.75 -16.94
CA ALA A 235 -5.40 0.05 -16.58
C ALA A 235 -5.04 1.53 -16.53
N ALA A 236 -3.90 1.85 -15.95
CA ALA A 236 -3.48 3.25 -15.90
C ALA A 236 -3.30 3.81 -17.30
N LYS A 237 -2.70 3.02 -18.21
CA LYS A 237 -2.52 3.48 -19.58
C LYS A 237 -3.86 3.62 -20.30
N MET A 238 -4.77 2.68 -20.10
CA MET A 238 -6.11 2.81 -20.68
C MET A 238 -6.73 4.15 -20.30
N LEU A 239 -6.66 4.50 -19.02
CA LEU A 239 -7.27 5.74 -18.53
C LEU A 239 -6.59 6.95 -19.14
N LEU A 240 -5.26 6.95 -19.19
CA LEU A 240 -4.56 8.10 -19.77
C LEU A 240 -4.88 8.27 -21.25
N HIS A 241 -5.11 7.17 -21.96
CA HIS A 241 -5.43 7.23 -23.38
C HIS A 241 -6.92 7.40 -23.66
N SER A 242 -7.77 7.31 -22.66
CA SER A 242 -9.20 7.45 -22.84
C SER A 242 -9.65 8.85 -22.41
N GLU A 243 -10.70 9.33 -23.07
CA GLU A 243 -11.41 10.51 -22.62
C GLU A 243 -12.59 10.17 -21.72
N GLN A 244 -12.72 8.91 -21.32
CA GLN A 244 -13.84 8.46 -20.51
C GLN A 244 -13.54 8.56 -19.02
N HIS A 245 -14.61 8.71 -18.25
CA HIS A 245 -14.52 8.70 -16.80
C HIS A 245 -14.04 7.33 -16.32
N PRO A 246 -13.22 7.25 -15.27
CA PRO A 246 -12.84 5.92 -14.77
C PRO A 246 -14.02 5.09 -14.31
N GLY A 247 -15.10 5.73 -13.83
CA GLY A 247 -16.31 4.97 -13.54
C GLY A 247 -16.92 4.36 -14.78
N GLN A 248 -16.81 5.05 -15.92
CA GLN A 248 -17.26 4.46 -17.18
C GLN A 248 -16.40 3.28 -17.59
N LEU A 249 -15.07 3.40 -17.49
CA LEU A 249 -14.20 2.27 -17.82
C LEU A 249 -14.52 1.08 -16.91
N LYS A 250 -14.75 1.35 -15.62
CA LYS A 250 -15.15 0.31 -14.68
C LYS A 250 -16.47 -0.33 -15.09
N ASP A 251 -17.44 0.48 -15.52
CA ASP A 251 -18.71 -0.07 -16.00
C ASP A 251 -18.53 -0.95 -17.23
N ASN A 252 -17.69 -0.52 -18.18
CA ASN A 252 -17.45 -1.30 -19.40
C ASN A 252 -16.87 -2.66 -19.11
N VAL A 253 -16.14 -2.78 -18.00
CA VAL A 253 -15.44 -4.02 -17.68
C VAL A 253 -16.32 -5.02 -16.90
N SER A 254 -17.34 -4.55 -16.18
CA SER A 254 -18.10 -5.37 -15.23
C SER A 254 -19.36 -5.91 -15.89
N SER A 255 -19.31 -7.16 -16.34
CA SER A 255 -20.49 -7.80 -16.92
C SER A 255 -21.52 -8.15 -15.83
N PRO A 256 -22.80 -8.19 -16.19
CA PRO A 256 -23.86 -8.47 -15.21
C PRO A 256 -23.70 -9.83 -14.54
N GLY A 257 -23.86 -9.84 -13.22
CA GLY A 257 -23.71 -11.02 -12.39
C GLY A 257 -22.32 -11.59 -12.31
N GLY A 258 -21.32 -10.94 -12.91
CA GLY A 258 -20.03 -11.55 -13.17
C GLY A 258 -19.03 -11.44 -12.00
N ALA A 259 -17.83 -11.97 -12.27
CA ALA A 259 -16.80 -12.05 -11.25
C ALA A 259 -16.35 -10.66 -10.81
N THR A 260 -16.18 -9.75 -11.75
CA THR A 260 -15.64 -8.43 -11.40
C THR A 260 -16.60 -7.65 -10.50
N ILE A 261 -17.88 -7.63 -10.83
CA ILE A 261 -18.82 -6.84 -10.00
C ILE A 261 -18.94 -7.47 -8.62
N HIS A 262 -18.76 -8.79 -8.50
CA HIS A 262 -18.74 -9.39 -7.16
C HIS A 262 -17.54 -8.88 -6.36
N ALA A 263 -16.38 -8.81 -7.01
CA ALA A 263 -15.17 -8.29 -6.36
C ALA A 263 -15.30 -6.82 -6.03
N LEU A 264 -15.91 -6.04 -6.94
CA LEU A 264 -16.07 -4.61 -6.63
C LEU A 264 -16.93 -4.41 -5.40
N HIS A 265 -17.94 -5.27 -5.18
CA HIS A 265 -18.78 -5.13 -4.00
C HIS A 265 -17.95 -5.29 -2.72
N VAL A 266 -17.05 -6.28 -2.69
CA VAL A 266 -16.34 -6.47 -1.42
C VAL A 266 -15.36 -5.32 -1.20
N LEU A 267 -14.85 -4.71 -2.26
CA LEU A 267 -14.05 -3.49 -2.07
C LEU A 267 -14.90 -2.38 -1.45
N GLU A 268 -16.09 -2.15 -2.01
CA GLU A 268 -16.98 -1.13 -1.46
C GLU A 268 -17.33 -1.40 -0.01
N SER A 269 -17.55 -2.68 0.35
CA SER A 269 -17.99 -2.96 1.71
C SER A 269 -16.92 -2.63 2.74
N GLY A 270 -15.65 -2.62 2.32
CA GLY A 270 -14.55 -2.23 3.18
C GLY A 270 -14.22 -0.75 3.13
N GLY A 271 -14.94 0.03 2.33
CA GLY A 271 -14.61 1.44 2.23
C GLY A 271 -13.32 1.71 1.50
N PHE A 272 -12.96 0.85 0.54
CA PHE A 272 -11.75 0.99 -0.28
C PHE A 272 -11.51 2.41 -0.77
N ARG A 273 -12.55 3.02 -1.37
CA ARG A 273 -12.40 4.39 -1.86
C ARG A 273 -12.00 5.33 -0.74
N SER A 274 -12.67 5.24 0.42
CA SER A 274 -12.38 6.17 1.50
C SER A 274 -10.94 6.01 2.01
N LEU A 275 -10.38 4.80 1.94
CA LEU A 275 -9.01 4.65 2.42
C LEU A 275 -8.03 5.44 1.56
N LEU A 276 -8.23 5.40 0.25
CA LEU A 276 -7.36 6.14 -0.66
C LEU A 276 -7.54 7.65 -0.50
N ILE A 277 -8.77 8.12 -0.29
CA ILE A 277 -8.96 9.54 0.06
C ILE A 277 -8.23 9.88 1.36
N ASN A 278 -8.39 9.03 2.39
CA ASN A 278 -7.70 9.23 3.66
C ASN A 278 -6.19 9.36 3.45
N ALA A 279 -5.62 8.51 2.58
CA ALA A 279 -4.18 8.52 2.36
C ALA A 279 -3.72 9.83 1.72
N VAL A 280 -4.38 10.24 0.63
CA VAL A 280 -4.00 11.50 -0.01
C VAL A 280 -4.08 12.66 0.98
N GLU A 281 -5.16 12.69 1.77
CA GLU A 281 -5.32 13.73 2.77
C GLU A 281 -4.22 13.65 3.83
N ALA A 282 -3.92 12.45 4.32
CA ALA A 282 -2.93 12.34 5.40
C ALA A 282 -1.56 12.80 4.93
N SER A 283 -1.16 12.41 3.70
CA SER A 283 0.14 12.83 3.18
C SER A 283 0.19 14.33 2.92
N CYS A 284 -0.89 14.88 2.36
CA CYS A 284 -0.98 16.34 2.18
C CYS A 284 -0.88 17.08 3.52
N ILE A 285 -1.67 16.65 4.51
CA ILE A 285 -1.67 17.34 5.81
C ILE A 285 -0.28 17.29 6.44
N ARG A 286 0.37 16.12 6.38
CA ARG A 286 1.70 15.99 6.97
C ARG A 286 2.69 16.91 6.25
N THR A 287 2.57 17.01 4.92
CA THR A 287 3.43 17.91 4.17
C THR A 287 3.26 19.34 4.64
N ARG A 288 2.01 19.76 4.86
CA ARG A 288 1.74 21.10 5.40
C ARG A 288 2.34 21.27 6.81
N GLU A 289 2.39 20.20 7.59
CA GLU A 289 3.01 20.27 8.93
C GLU A 289 4.52 20.40 8.83
N LEU A 290 5.16 19.68 7.91
CA LEU A 290 6.60 19.77 7.76
C LEU A 290 7.02 21.21 7.51
N GLN A 291 6.21 21.97 6.76
CA GLN A 291 6.53 23.37 6.54
C GLN A 291 6.18 24.23 7.75
N SER A 292 5.03 24.01 8.39
CA SER A 292 4.71 24.77 9.59
C SER A 292 5.71 24.49 10.71
N MET A 293 6.25 23.28 10.77
CA MET A 293 7.35 22.99 11.69
C MET A 293 8.58 23.83 11.35
N ALA A 294 8.80 24.08 10.06
CA ALA A 294 9.92 24.91 9.63
C ALA A 294 9.71 26.37 10.03
N ASP A 295 8.56 26.94 9.67
CA ASP A 295 8.26 28.32 10.02
C ASP A 295 7.54 28.43 11.36
N ASN B 17 8.65 -6.88 -36.40
CA ASN B 17 8.27 -7.02 -37.81
C ASN B 17 7.42 -8.26 -38.04
N LEU B 18 6.47 -8.50 -37.14
CA LEU B 18 5.61 -9.66 -37.16
C LEU B 18 4.34 -9.37 -37.97
N TYR B 19 3.89 -10.36 -38.74
CA TYR B 19 2.65 -10.21 -39.50
C TYR B 19 2.14 -11.57 -39.91
N PHE B 20 0.88 -11.86 -39.59
CA PHE B 20 0.27 -13.15 -39.90
C PHE B 20 -0.47 -13.03 -41.23
N GLN B 21 0.25 -13.26 -42.34
CA GLN B 21 -0.35 -13.05 -43.65
C GLN B 21 -1.38 -14.11 -44.02
N SER B 22 -1.31 -15.31 -43.46
CA SER B 22 -2.21 -16.39 -43.83
C SER B 22 -3.29 -16.65 -42.78
N MET B 23 -3.50 -15.73 -41.85
CA MET B 23 -4.43 -15.94 -40.74
C MET B 23 -5.65 -15.04 -40.90
N SER B 24 -6.84 -15.65 -40.86
CA SER B 24 -8.10 -14.92 -40.82
C SER B 24 -8.69 -15.10 -39.42
N VAL B 25 -8.98 -13.99 -38.75
CA VAL B 25 -9.48 -14.02 -37.37
C VAL B 25 -10.97 -13.69 -37.37
N GLY B 26 -11.74 -14.46 -36.60
CA GLY B 26 -13.14 -14.18 -36.39
C GLY B 26 -13.47 -14.00 -34.92
N PHE B 27 -14.44 -13.12 -34.66
CA PHE B 27 -14.96 -12.92 -33.31
C PHE B 27 -16.44 -13.26 -33.30
N ILE B 28 -16.82 -14.22 -32.47
CA ILE B 28 -18.23 -14.44 -32.15
C ILE B 28 -18.50 -13.65 -30.88
N GLY B 29 -19.32 -12.61 -31.01
CA GLY B 29 -19.45 -11.58 -30.00
C GLY B 29 -18.72 -10.34 -30.48
N ALA B 30 -19.30 -9.17 -30.25
CA ALA B 30 -18.67 -7.93 -30.70
C ALA B 30 -18.77 -6.87 -29.62
N GLY B 31 -18.57 -7.28 -28.38
CA GLY B 31 -18.58 -6.38 -27.23
C GLY B 31 -17.22 -5.78 -26.96
N GLN B 32 -17.02 -5.39 -25.69
CA GLN B 32 -15.83 -4.65 -25.30
C GLN B 32 -14.55 -5.45 -25.58
N LEU B 33 -14.54 -6.73 -25.22
CA LEU B 33 -13.30 -7.50 -25.36
C LEU B 33 -12.98 -7.78 -26.82
N ALA B 34 -13.98 -8.08 -27.64
CA ALA B 34 -13.73 -8.23 -29.08
C ALA B 34 -13.19 -6.94 -29.69
N PHE B 35 -13.79 -5.80 -29.34
CA PHE B 35 -13.26 -4.54 -29.84
C PHE B 35 -11.83 -4.31 -29.37
N ALA B 36 -11.55 -4.63 -28.11
CA ALA B 36 -10.23 -4.37 -27.55
C ALA B 36 -9.16 -5.18 -28.25
N LEU B 37 -9.42 -6.47 -28.48
CA LEU B 37 -8.44 -7.32 -29.16
C LEU B 37 -8.28 -6.89 -30.62
N ALA B 38 -9.39 -6.60 -31.32
CA ALA B 38 -9.27 -6.15 -32.71
C ALA B 38 -8.52 -4.84 -32.81
N LYS B 39 -8.81 -3.89 -31.92
CA LYS B 39 -8.07 -2.62 -31.91
C LYS B 39 -6.60 -2.86 -31.59
N GLY B 40 -6.32 -3.73 -30.62
CA GLY B 40 -4.93 -4.02 -30.29
C GLY B 40 -4.18 -4.70 -31.41
N PHE B 41 -4.79 -5.72 -32.01
CA PHE B 41 -4.14 -6.45 -33.10
C PHE B 41 -3.84 -5.52 -34.27
N THR B 42 -4.78 -4.64 -34.60
CA THR B 42 -4.58 -3.77 -35.75
C THR B 42 -3.54 -2.70 -35.42
N ALA B 43 -3.60 -2.13 -34.21
CA ALA B 43 -2.58 -1.18 -33.79
C ALA B 43 -1.20 -1.81 -33.79
N ALA B 44 -1.12 -3.08 -33.42
CA ALA B 44 0.14 -3.80 -33.45
C ALA B 44 0.65 -4.05 -34.86
N GLY B 45 -0.19 -3.85 -35.88
CA GLY B 45 0.16 -4.13 -37.26
C GLY B 45 0.33 -5.59 -37.60
N VAL B 46 -0.11 -6.50 -36.74
CA VAL B 46 0.04 -7.93 -37.04
C VAL B 46 -1.14 -8.46 -37.84
N LEU B 47 -2.22 -7.70 -37.95
CA LEU B 47 -3.40 -8.09 -38.69
C LEU B 47 -4.00 -6.85 -39.33
N ALA B 48 -4.42 -6.98 -40.58
CA ALA B 48 -5.21 -5.95 -41.24
C ALA B 48 -6.66 -6.09 -40.81
N ALA B 49 -7.30 -4.94 -40.56
CA ALA B 49 -8.68 -4.96 -40.07
C ALA B 49 -9.61 -5.70 -41.02
N HIS B 50 -9.35 -5.67 -42.34
CA HIS B 50 -10.25 -6.31 -43.28
C HIS B 50 -10.14 -7.85 -43.24
N LYS B 51 -9.08 -8.39 -42.65
CA LYS B 51 -8.96 -9.82 -42.44
C LYS B 51 -9.59 -10.26 -41.12
N ILE B 52 -10.29 -9.35 -40.44
CA ILE B 52 -11.01 -9.67 -39.22
C ILE B 52 -12.50 -9.55 -39.49
N MET B 53 -13.27 -10.50 -38.97
CA MET B 53 -14.73 -10.47 -39.07
C MET B 53 -15.31 -10.67 -37.68
N ALA B 54 -16.37 -9.92 -37.36
CA ALA B 54 -17.05 -10.07 -36.07
C ALA B 54 -18.55 -10.22 -36.30
N SER B 55 -19.18 -11.03 -35.45
CA SER B 55 -20.62 -11.22 -35.48
C SER B 55 -21.21 -10.89 -34.12
N SER B 56 -22.45 -10.39 -34.14
CA SER B 56 -23.17 -10.03 -32.93
C SER B 56 -24.66 -10.18 -33.20
N PRO B 57 -25.46 -10.51 -32.17
CA PRO B 57 -26.92 -10.50 -32.35
C PRO B 57 -27.47 -9.09 -32.32
N ASP B 58 -26.77 -8.19 -31.63
CA ASP B 58 -27.16 -6.78 -31.53
C ASP B 58 -26.17 -5.98 -32.39
N MET B 59 -26.59 -5.62 -33.60
CA MET B 59 -25.77 -4.85 -34.51
C MET B 59 -25.90 -3.34 -34.27
N ASP B 60 -26.63 -2.92 -33.24
CA ASP B 60 -26.71 -1.53 -32.86
C ASP B 60 -25.78 -1.19 -31.70
N LEU B 61 -24.84 -2.08 -31.39
CA LEU B 61 -23.90 -1.82 -30.29
C LEU B 61 -22.92 -0.73 -30.66
N ALA B 62 -22.53 0.06 -29.64
CA ALA B 62 -21.50 1.06 -29.86
C ALA B 62 -20.17 0.42 -30.27
N THR B 63 -19.89 -0.79 -29.78
CA THR B 63 -18.68 -1.49 -30.18
C THR B 63 -18.77 -1.99 -31.62
N VAL B 64 -19.96 -2.37 -32.08
CA VAL B 64 -20.12 -2.74 -33.49
C VAL B 64 -19.90 -1.52 -34.38
N SER B 65 -20.38 -0.36 -33.96
CA SER B 65 -20.21 0.85 -34.76
C SER B 65 -18.74 1.23 -34.87
N ALA B 66 -17.95 0.93 -33.84
CA ALA B 66 -16.52 1.25 -33.84
C ALA B 66 -15.72 0.27 -34.71
N LEU B 67 -15.98 -1.03 -34.54
CA LEU B 67 -15.33 -2.03 -35.39
C LEU B 67 -15.52 -1.70 -36.87
N ARG B 68 -16.67 -1.15 -37.24
CA ARG B 68 -16.90 -0.81 -38.64
C ARG B 68 -15.95 0.28 -39.12
N LYS B 69 -15.65 1.24 -38.26
CA LYS B 69 -14.74 2.33 -38.62
C LYS B 69 -13.30 1.84 -38.77
N MET B 70 -12.89 0.84 -37.98
CA MET B 70 -11.57 0.24 -38.13
C MET B 70 -11.42 -0.47 -39.47
N GLY B 71 -12.52 -0.89 -40.09
CA GLY B 71 -12.46 -1.72 -41.26
C GLY B 71 -12.75 -3.19 -41.02
N VAL B 72 -13.07 -3.57 -39.77
CA VAL B 72 -13.42 -4.95 -39.47
C VAL B 72 -14.71 -5.33 -40.18
N LYS B 73 -14.72 -6.51 -40.81
CA LYS B 73 -15.93 -7.00 -41.48
C LYS B 73 -16.98 -7.37 -40.44
N LEU B 74 -18.22 -6.95 -40.67
CA LEU B 74 -19.30 -7.22 -39.72
C LEU B 74 -20.39 -8.02 -40.41
N THR B 75 -20.99 -8.95 -39.66
CA THR B 75 -22.11 -9.77 -40.11
C THR B 75 -22.96 -10.10 -38.90
N PRO B 76 -24.27 -10.25 -39.09
CA PRO B 76 -25.10 -10.75 -37.98
C PRO B 76 -25.07 -12.26 -37.82
N HIS B 77 -24.46 -13.01 -38.74
CA HIS B 77 -24.59 -14.47 -38.80
C HIS B 77 -23.31 -15.12 -38.32
N ASN B 78 -23.39 -15.79 -37.16
CA ASN B 78 -22.22 -16.47 -36.60
C ASN B 78 -21.65 -17.49 -37.58
N LYS B 79 -22.50 -18.11 -38.40
CA LYS B 79 -22.00 -19.08 -39.37
C LYS B 79 -21.08 -18.40 -40.40
N GLU B 80 -21.34 -17.14 -40.72
CA GLU B 80 -20.48 -16.42 -41.64
C GLU B 80 -19.10 -16.16 -41.04
N THR B 81 -19.05 -15.77 -39.76
CA THR B 81 -17.76 -15.64 -39.08
C THR B 81 -16.98 -16.95 -39.12
N VAL B 82 -17.65 -18.07 -38.86
CA VAL B 82 -16.97 -19.37 -38.84
C VAL B 82 -16.39 -19.70 -40.21
N GLN B 83 -17.15 -19.44 -41.27
CA GLN B 83 -16.68 -19.79 -42.61
C GLN B 83 -15.53 -18.89 -43.07
N HIS B 84 -15.52 -17.63 -42.61
CA HIS B 84 -14.43 -16.71 -42.96
C HIS B 84 -13.14 -17.02 -42.20
N SER B 85 -13.24 -17.58 -41.02
CA SER B 85 -12.15 -17.51 -40.05
C SER B 85 -11.36 -18.80 -39.96
N ASP B 86 -10.09 -18.66 -39.60
CA ASP B 86 -9.25 -19.76 -39.15
C ASP B 86 -9.18 -19.78 -37.62
N VAL B 87 -8.77 -18.67 -37.04
CA VAL B 87 -8.75 -18.50 -35.58
C VAL B 87 -10.07 -17.87 -35.18
N LEU B 88 -10.80 -18.54 -34.30
CA LEU B 88 -12.15 -18.12 -33.92
C LEU B 88 -12.16 -17.81 -32.42
N PHE B 89 -12.30 -16.52 -32.09
CA PHE B 89 -12.43 -16.07 -30.70
C PHE B 89 -13.90 -16.09 -30.29
N LEU B 90 -14.19 -16.79 -29.18
CA LEU B 90 -15.52 -16.77 -28.57
C LEU B 90 -15.49 -15.68 -27.51
N ALA B 91 -16.09 -14.55 -27.85
CA ALA B 91 -16.03 -13.39 -26.97
C ALA B 91 -17.45 -13.03 -26.54
N VAL B 92 -18.13 -13.99 -25.92
CA VAL B 92 -19.52 -13.87 -25.51
C VAL B 92 -19.61 -14.15 -24.01
N LYS B 93 -20.78 -13.85 -23.45
CA LYS B 93 -21.03 -14.14 -22.04
C LYS B 93 -20.96 -15.65 -21.81
N PRO B 94 -20.48 -16.07 -20.63
CA PRO B 94 -20.26 -17.51 -20.41
C PRO B 94 -21.50 -18.37 -20.61
N HIS B 95 -22.68 -17.88 -20.23
CA HIS B 95 -23.87 -18.70 -20.40
C HIS B 95 -24.35 -18.76 -21.84
N ILE B 96 -23.78 -17.95 -22.74
CA ILE B 96 -24.13 -18.01 -24.16
C ILE B 96 -23.34 -19.07 -24.91
N ILE B 97 -22.19 -19.49 -24.38
CA ILE B 97 -21.30 -20.40 -25.10
C ILE B 97 -22.00 -21.70 -25.51
N PRO B 98 -22.71 -22.40 -24.63
CA PRO B 98 -23.38 -23.64 -25.07
C PRO B 98 -24.33 -23.44 -26.24
N PHE B 99 -25.00 -22.30 -26.34
CA PHE B 99 -25.89 -22.09 -27.47
C PHE B 99 -25.12 -21.75 -28.73
N ILE B 100 -24.01 -21.03 -28.59
CA ILE B 100 -23.14 -20.75 -29.72
C ILE B 100 -22.58 -22.05 -30.28
N LEU B 101 -22.08 -22.92 -29.41
CA LEU B 101 -21.43 -24.13 -29.88
C LEU B 101 -22.43 -25.03 -30.59
N ASP B 102 -23.68 -25.05 -30.13
CA ASP B 102 -24.72 -25.81 -30.84
C ASP B 102 -25.00 -25.21 -32.20
N GLU B 103 -24.95 -23.88 -32.30
CA GLU B 103 -25.27 -23.21 -33.56
C GLU B 103 -24.23 -23.51 -34.63
N ILE B 104 -22.95 -23.38 -34.31
CA ILE B 104 -21.89 -23.46 -35.31
C ILE B 104 -21.07 -24.73 -35.19
N GLY B 105 -21.40 -25.64 -34.27
CA GLY B 105 -20.61 -26.84 -34.09
C GLY B 105 -20.41 -27.64 -35.37
N ALA B 106 -21.47 -27.76 -36.18
CA ALA B 106 -21.36 -28.49 -37.44
C ALA B 106 -20.52 -27.77 -38.48
N ASP B 107 -20.21 -26.48 -38.28
CA ASP B 107 -19.40 -25.71 -39.20
C ASP B 107 -17.92 -25.67 -38.83
N ILE B 108 -17.53 -26.31 -37.73
CA ILE B 108 -16.12 -26.35 -37.34
C ILE B 108 -15.40 -27.36 -38.22
N GLU B 109 -14.26 -26.95 -38.78
CA GLU B 109 -13.46 -27.79 -39.66
C GLU B 109 -12.10 -28.05 -39.05
N ASP B 110 -11.30 -28.86 -39.74
CA ASP B 110 -9.97 -29.21 -39.25
C ASP B 110 -9.10 -27.98 -39.06
N ARG B 111 -9.24 -26.98 -39.93
CA ARG B 111 -8.39 -25.79 -39.89
C ARG B 111 -8.68 -24.87 -38.71
N HIS B 112 -9.79 -25.03 -38.02
CA HIS B 112 -10.19 -24.06 -37.00
C HIS B 112 -9.41 -24.26 -35.70
N ILE B 113 -9.00 -23.15 -35.12
CA ILE B 113 -8.54 -23.08 -33.74
C ILE B 113 -9.58 -22.28 -33.00
N VAL B 114 -10.29 -22.90 -32.06
CA VAL B 114 -11.32 -22.22 -31.28
C VAL B 114 -10.70 -21.67 -30.00
N VAL B 115 -10.74 -20.34 -29.82
CA VAL B 115 -10.14 -19.68 -28.67
C VAL B 115 -11.27 -19.10 -27.82
N SER B 116 -11.54 -19.70 -26.66
CA SER B 116 -12.62 -19.23 -25.81
C SER B 116 -12.08 -18.25 -24.80
N CYS B 117 -12.62 -17.03 -24.81
CA CYS B 117 -12.32 -16.04 -23.79
C CYS B 117 -13.39 -15.95 -22.71
N ALA B 118 -14.37 -16.86 -22.74
CA ALA B 118 -15.46 -16.81 -21.76
C ALA B 118 -14.93 -17.19 -20.38
N ALA B 119 -15.18 -16.34 -19.40
CA ALA B 119 -14.69 -16.61 -18.06
C ALA B 119 -15.35 -17.87 -17.51
N GLY B 120 -14.55 -18.71 -16.86
CA GLY B 120 -15.03 -19.92 -16.23
C GLY B 120 -15.31 -21.10 -17.14
N VAL B 121 -15.59 -20.88 -18.43
CA VAL B 121 -15.98 -21.99 -19.32
C VAL B 121 -14.78 -22.87 -19.57
N THR B 122 -14.90 -24.15 -19.20
CA THR B 122 -13.75 -25.05 -19.23
C THR B 122 -13.50 -25.60 -20.63
N ILE B 123 -12.24 -25.98 -20.86
CA ILE B 123 -11.88 -26.67 -22.09
C ILE B 123 -12.71 -27.92 -22.26
N SER B 124 -12.91 -28.66 -21.16
CA SER B 124 -13.66 -29.92 -21.21
C SER B 124 -15.06 -29.71 -21.79
N SER B 125 -15.77 -28.68 -21.32
CA SER B 125 -17.14 -28.45 -21.75
C SER B 125 -17.20 -28.03 -23.21
N ILE B 126 -16.25 -27.22 -23.68
CA ILE B 126 -16.24 -26.84 -25.09
C ILE B 126 -15.95 -28.07 -25.96
N GLU B 127 -14.97 -28.87 -25.56
CA GLU B 127 -14.59 -30.03 -26.38
C GLU B 127 -15.71 -31.05 -26.43
N LYS B 128 -16.46 -31.19 -25.33
CA LYS B 128 -17.56 -32.16 -25.31
C LYS B 128 -18.63 -31.76 -26.32
N LYS B 129 -18.97 -30.48 -26.38
CA LYS B 129 -20.00 -30.01 -27.30
C LYS B 129 -19.54 -30.10 -28.74
N LEU B 130 -18.33 -29.62 -29.02
CA LEU B 130 -17.84 -29.66 -30.40
C LEU B 130 -17.56 -31.08 -30.86
N SER B 131 -17.15 -31.97 -29.97
CA SER B 131 -16.83 -33.33 -30.39
C SER B 131 -18.06 -34.11 -30.84
N ALA B 132 -19.26 -33.68 -30.45
CA ALA B 132 -20.47 -34.36 -30.94
C ALA B 132 -20.65 -34.19 -32.45
N PHE B 133 -20.07 -33.16 -33.04
CA PHE B 133 -20.17 -32.90 -34.47
C PHE B 133 -18.99 -33.48 -35.23
N ARG B 134 -17.77 -33.31 -34.71
CA ARG B 134 -16.59 -33.70 -35.42
C ARG B 134 -15.53 -33.97 -34.36
N PRO B 135 -14.83 -35.08 -34.39
CA PRO B 135 -13.84 -35.35 -33.35
C PRO B 135 -12.63 -34.41 -33.49
N ALA B 136 -11.87 -34.35 -32.40
CA ALA B 136 -10.61 -33.60 -32.32
C ALA B 136 -10.68 -32.10 -32.59
N PRO B 137 -11.65 -31.37 -32.04
CA PRO B 137 -11.62 -29.91 -32.19
C PRO B 137 -10.41 -29.33 -31.46
N ARG B 138 -9.78 -28.33 -32.07
CA ARG B 138 -8.60 -27.68 -31.51
C ARG B 138 -9.07 -26.48 -30.69
N VAL B 139 -8.92 -26.57 -29.37
CA VAL B 139 -9.49 -25.58 -28.44
C VAL B 139 -8.37 -25.00 -27.61
N ILE B 140 -8.39 -23.68 -27.42
CA ILE B 140 -7.51 -22.99 -26.48
C ILE B 140 -8.39 -22.13 -25.59
N ARG B 141 -8.13 -22.15 -24.29
CA ARG B 141 -8.84 -21.31 -23.35
C ARG B 141 -7.95 -20.11 -22.99
N CYS B 142 -8.53 -18.92 -23.07
CA CYS B 142 -7.80 -17.66 -22.87
C CYS B 142 -8.43 -16.88 -21.72
N MET B 143 -7.61 -16.22 -20.87
CA MET B 143 -8.10 -15.17 -19.97
C MET B 143 -7.27 -13.93 -20.26
N THR B 144 -7.91 -12.90 -20.80
CA THR B 144 -7.20 -11.67 -21.12
C THR B 144 -7.95 -10.52 -20.46
N ASN B 145 -7.61 -9.28 -20.79
CA ASN B 145 -8.28 -8.17 -20.13
C ASN B 145 -8.32 -6.96 -21.07
N THR B 146 -9.05 -5.92 -20.67
CA THR B 146 -9.36 -4.89 -21.64
C THR B 146 -8.14 -4.06 -22.05
N PRO B 147 -7.09 -3.91 -21.22
CA PRO B 147 -5.94 -3.11 -21.68
C PRO B 147 -5.19 -3.65 -22.89
N VAL B 148 -5.59 -4.81 -23.45
CA VAL B 148 -5.07 -5.16 -24.78
C VAL B 148 -5.35 -4.05 -25.79
N VAL B 149 -6.37 -3.23 -25.54
CA VAL B 149 -6.71 -2.14 -26.44
C VAL B 149 -5.56 -1.13 -26.54
N VAL B 150 -4.74 -1.00 -25.50
CA VAL B 150 -3.54 -0.16 -25.55
C VAL B 150 -2.28 -1.01 -25.58
N ARG B 151 -2.43 -2.28 -25.97
CA ARG B 151 -1.30 -3.21 -26.11
C ARG B 151 -0.56 -3.42 -24.81
N GLU B 152 -1.27 -3.35 -23.69
CA GLU B 152 -0.68 -3.64 -22.39
C GLU B 152 -1.55 -4.62 -21.62
N GLY B 153 -2.12 -5.59 -22.33
CA GLY B 153 -2.93 -6.59 -21.68
C GLY B 153 -2.10 -7.55 -20.85
N ALA B 154 -2.81 -8.34 -20.06
CA ALA B 154 -2.24 -9.48 -19.34
C ALA B 154 -3.07 -10.68 -19.74
N THR B 155 -2.43 -11.64 -20.42
CA THR B 155 -3.13 -12.79 -20.97
C THR B 155 -2.45 -14.08 -20.51
N VAL B 156 -3.26 -15.07 -20.13
CA VAL B 156 -2.76 -16.43 -19.99
C VAL B 156 -3.63 -17.31 -20.88
N TYR B 157 -3.08 -18.46 -21.30
CA TYR B 157 -3.87 -19.40 -22.08
C TYR B 157 -3.52 -20.82 -21.66
N ALA B 158 -4.47 -21.73 -21.87
CA ALA B 158 -4.25 -23.16 -21.71
C ALA B 158 -4.70 -23.88 -22.98
N THR B 159 -3.93 -24.87 -23.39
CA THR B 159 -4.22 -25.59 -24.64
C THR B 159 -5.06 -26.83 -24.36
N GLY B 160 -5.99 -27.12 -25.27
CA GLY B 160 -6.84 -28.29 -25.16
C GLY B 160 -6.17 -29.58 -25.59
N THR B 161 -6.98 -30.65 -25.52
CA THR B 161 -6.51 -32.01 -25.80
C THR B 161 -5.96 -32.15 -27.21
N HIS B 162 -6.60 -31.50 -28.18
CA HIS B 162 -6.28 -31.70 -29.59
C HIS B 162 -5.54 -30.52 -30.20
N ALA B 163 -5.25 -29.49 -29.42
CA ALA B 163 -4.43 -28.40 -29.91
C ALA B 163 -3.02 -28.90 -30.19
N GLN B 164 -2.51 -28.62 -31.39
CA GLN B 164 -1.13 -28.96 -31.67
C GLN B 164 -0.17 -28.00 -30.97
N VAL B 165 1.08 -28.42 -30.83
CA VAL B 165 2.10 -27.57 -30.22
C VAL B 165 2.22 -26.26 -30.99
N GLU B 166 2.09 -26.31 -32.32
CA GLU B 166 2.14 -25.10 -33.12
C GLU B 166 0.94 -24.18 -32.85
N ASP B 167 -0.18 -24.72 -32.37
CA ASP B 167 -1.34 -23.86 -32.12
C ASP B 167 -1.10 -22.94 -30.93
N GLY B 168 -0.56 -23.48 -29.84
CA GLY B 168 -0.26 -22.64 -28.69
C GLY B 168 0.82 -21.62 -29.00
N ARG B 169 1.83 -22.01 -29.79
CA ARG B 169 2.90 -21.10 -30.15
C ARG B 169 2.38 -19.93 -30.97
N LEU B 170 1.48 -20.22 -31.91
CA LEU B 170 0.86 -19.17 -32.72
C LEU B 170 0.00 -18.26 -31.86
N MET B 171 -0.82 -18.84 -30.98
CA MET B 171 -1.65 -17.99 -30.12
C MET B 171 -0.81 -17.17 -29.15
N GLU B 172 0.27 -17.73 -28.62
CA GLU B 172 1.13 -16.90 -27.78
C GLU B 172 1.76 -15.76 -28.60
N GLN B 173 2.13 -16.05 -29.84
CA GLN B 173 2.70 -15.01 -30.70
C GLN B 173 1.69 -13.89 -30.95
N LEU B 174 0.43 -14.27 -31.22
CA LEU B 174 -0.61 -13.28 -31.47
C LEU B 174 -0.95 -12.48 -30.20
N LEU B 175 -1.22 -13.17 -29.09
CA LEU B 175 -1.59 -12.44 -27.88
C LEU B 175 -0.40 -11.67 -27.28
N SER B 176 0.84 -12.08 -27.56
CA SER B 176 1.97 -11.27 -27.10
C SER B 176 2.08 -9.94 -27.83
N SER B 177 1.43 -9.78 -28.99
CA SER B 177 1.50 -8.49 -29.66
C SER B 177 0.68 -7.41 -28.95
N VAL B 178 -0.19 -7.78 -28.01
CA VAL B 178 -1.03 -6.81 -27.33
C VAL B 178 -0.82 -6.84 -25.82
N GLY B 179 0.28 -7.40 -25.34
CA GLY B 179 0.56 -7.38 -23.92
C GLY B 179 1.38 -8.57 -23.48
N PHE B 180 1.40 -8.79 -22.17
CA PHE B 180 2.05 -9.95 -21.59
C PHE B 180 1.23 -11.20 -21.91
N CYS B 181 1.91 -12.29 -22.24
CA CYS B 181 1.18 -13.53 -22.50
C CYS B 181 2.04 -14.71 -22.04
N THR B 182 1.43 -15.65 -21.31
CA THR B 182 2.15 -16.88 -21.00
C THR B 182 1.16 -18.04 -20.92
N GLU B 183 1.66 -19.24 -21.19
CA GLU B 183 0.88 -20.46 -21.02
C GLU B 183 0.76 -20.83 -19.55
N VAL B 184 -0.42 -21.30 -19.13
CA VAL B 184 -0.60 -21.81 -17.79
C VAL B 184 -1.41 -23.10 -17.86
N GLU B 185 -1.35 -23.88 -16.77
CA GLU B 185 -2.30 -24.96 -16.57
C GLU B 185 -3.70 -24.41 -16.41
N GLU B 186 -4.69 -25.13 -16.95
CA GLU B 186 -6.06 -24.60 -16.94
C GLU B 186 -6.54 -24.34 -15.53
N ASP B 187 -6.09 -25.13 -14.55
CA ASP B 187 -6.67 -24.93 -13.23
C ASP B 187 -6.21 -23.64 -12.54
N LEU B 188 -5.33 -22.86 -13.17
CA LEU B 188 -4.96 -21.55 -12.65
C LEU B 188 -5.81 -20.41 -13.21
N ILE B 189 -6.64 -20.66 -14.23
CA ILE B 189 -7.25 -19.56 -14.96
C ILE B 189 -8.30 -18.83 -14.12
N ASP B 190 -9.05 -19.54 -13.27
CA ASP B 190 -10.03 -18.85 -12.43
C ASP B 190 -9.35 -17.87 -11.46
N ALA B 191 -8.17 -18.24 -10.93
CA ALA B 191 -7.42 -17.31 -10.07
C ALA B 191 -6.87 -16.14 -10.88
N VAL B 192 -6.40 -16.40 -12.10
CA VAL B 192 -5.95 -15.29 -12.94
C VAL B 192 -7.10 -14.32 -13.20
N THR B 193 -8.30 -14.85 -13.42
CA THR B 193 -9.45 -13.97 -13.61
C THR B 193 -9.60 -13.01 -12.44
N GLY B 194 -9.44 -13.51 -11.21
CA GLY B 194 -9.62 -12.68 -10.04
C GLY B 194 -8.55 -11.63 -9.89
N LEU B 195 -7.35 -11.88 -10.45
CA LEU B 195 -6.22 -10.97 -10.31
C LEU B 195 -6.14 -10.01 -11.50
N SER B 196 -5.75 -10.50 -12.69
CA SER B 196 -5.55 -9.61 -13.82
C SER B 196 -6.80 -9.46 -14.69
N GLY B 197 -7.73 -10.41 -14.67
CA GLY B 197 -8.97 -10.23 -15.39
C GLY B 197 -9.82 -9.10 -14.81
N SER B 198 -10.11 -9.17 -13.50
CA SER B 198 -10.86 -8.13 -12.81
C SER B 198 -9.97 -6.95 -12.41
N GLY B 199 -8.65 -7.16 -12.40
CA GLY B 199 -7.73 -6.14 -11.91
C GLY B 199 -7.91 -4.75 -12.45
N PRO B 200 -8.14 -4.57 -13.75
CA PRO B 200 -8.31 -3.19 -14.24
C PRO B 200 -9.46 -2.46 -13.57
N ALA B 201 -10.54 -3.17 -13.22
CA ALA B 201 -11.66 -2.53 -12.51
C ALA B 201 -11.24 -2.06 -11.12
N TYR B 202 -10.42 -2.86 -10.40
CA TYR B 202 -9.90 -2.41 -9.12
C TYR B 202 -9.12 -1.12 -9.32
N ALA B 203 -8.33 -1.06 -10.39
CA ALA B 203 -7.51 0.12 -10.66
C ALA B 203 -8.35 1.33 -11.03
N PHE B 204 -9.41 1.14 -11.82
CA PHE B 204 -10.29 2.25 -12.13
C PHE B 204 -10.96 2.78 -10.86
N THR B 205 -11.39 1.89 -9.97
CA THR B 205 -11.97 2.32 -8.70
C THR B 205 -10.95 3.10 -7.88
N ALA B 206 -9.73 2.57 -7.78
CA ALA B 206 -8.67 3.23 -7.02
C ALA B 206 -8.35 4.60 -7.58
N LEU B 207 -8.34 4.74 -8.91
CA LEU B 207 -7.98 6.02 -9.52
C LEU B 207 -9.08 7.06 -9.35
N ASP B 208 -10.36 6.64 -9.41
CA ASP B 208 -11.47 7.55 -9.09
C ASP B 208 -11.33 8.07 -7.66
N ALA B 209 -11.01 7.17 -6.72
CA ALA B 209 -10.94 7.56 -5.32
C ALA B 209 -9.72 8.43 -5.05
N LEU B 210 -8.59 8.09 -5.66
CA LEU B 210 -7.40 8.94 -5.52
C LEU B 210 -7.66 10.32 -6.07
N ALA B 211 -8.37 10.41 -7.20
CA ALA B 211 -8.69 11.73 -7.73
C ALA B 211 -9.61 12.50 -6.79
N ASP B 212 -10.59 11.82 -6.18
CA ASP B 212 -11.44 12.46 -5.18
C ASP B 212 -10.59 13.02 -4.03
N GLY B 213 -9.59 12.25 -3.60
CA GLY B 213 -8.67 12.74 -2.59
C GLY B 213 -7.89 13.98 -3.02
N GLY B 214 -7.35 13.96 -4.25
CA GLY B 214 -6.69 15.15 -4.77
C GLY B 214 -7.61 16.37 -4.81
N VAL B 215 -8.85 16.17 -5.28
CA VAL B 215 -9.83 17.25 -5.31
C VAL B 215 -10.14 17.75 -3.90
N LYS B 216 -10.31 16.83 -2.93
CA LYS B 216 -10.56 17.25 -1.56
C LYS B 216 -9.46 18.18 -1.05
N MET B 217 -8.22 17.88 -1.38
CA MET B 217 -7.08 18.69 -0.94
C MET B 217 -6.80 19.88 -1.84
N GLY B 218 -7.65 20.15 -2.83
CA GLY B 218 -7.59 21.38 -3.59
C GLY B 218 -7.14 21.29 -5.05
N LEU B 219 -6.89 20.08 -5.59
CA LEU B 219 -6.50 19.98 -7.00
C LEU B 219 -7.71 20.01 -7.93
N PRO B 220 -7.58 20.63 -9.09
CA PRO B 220 -8.58 20.43 -10.15
C PRO B 220 -8.73 18.96 -10.52
N ARG B 221 -9.97 18.57 -10.83
CA ARG B 221 -10.28 17.17 -11.10
CA ARG B 221 -10.26 17.17 -11.09
C ARG B 221 -9.42 16.63 -12.25
N ARG B 222 -9.32 17.40 -13.34
CA ARG B 222 -8.56 16.93 -14.51
C ARG B 222 -7.12 16.60 -14.13
N LEU B 223 -6.46 17.51 -13.40
CA LEU B 223 -5.07 17.27 -13.00
C LEU B 223 -4.97 16.12 -12.03
N ALA B 224 -5.92 15.99 -11.09
CA ALA B 224 -5.87 14.90 -10.13
C ALA B 224 -5.95 13.55 -10.83
N VAL B 225 -6.82 13.43 -11.85
CA VAL B 225 -6.94 12.16 -12.57
C VAL B 225 -5.64 11.85 -13.29
N ARG B 226 -5.06 12.87 -13.95
CA ARG B 226 -3.84 12.68 -14.73
C ARG B 226 -2.68 12.25 -13.84
N LEU B 227 -2.49 12.94 -12.71
CA LEU B 227 -1.40 12.61 -11.79
C LEU B 227 -1.58 11.27 -11.12
N GLY B 228 -2.79 10.94 -10.68
CA GLY B 228 -3.03 9.65 -10.07
C GLY B 228 -2.74 8.52 -11.04
N ALA B 229 -3.21 8.64 -12.28
CA ALA B 229 -2.97 7.60 -13.27
C ALA B 229 -1.48 7.48 -13.60
N GLN B 230 -0.79 8.61 -13.73
CA GLN B 230 0.64 8.58 -13.99
C GLN B 230 1.39 7.91 -12.84
N ALA B 231 0.98 8.19 -11.60
CA ALA B 231 1.61 7.58 -10.44
C ALA B 231 1.46 6.07 -10.49
N LEU B 232 0.26 5.59 -10.81
CA LEU B 232 0.02 4.15 -10.84
C LEU B 232 0.78 3.51 -11.99
N LEU B 233 0.76 4.13 -13.18
CA LEU B 233 1.50 3.59 -14.32
C LEU B 233 2.98 3.52 -14.02
N GLY B 234 3.55 4.60 -13.44
CA GLY B 234 4.97 4.62 -13.16
C GLY B 234 5.38 3.57 -12.14
N ALA B 235 4.58 3.41 -11.10
CA ALA B 235 4.90 2.44 -10.05
C ALA B 235 4.85 1.02 -10.59
N ALA B 236 3.83 0.71 -11.41
CA ALA B 236 3.73 -0.62 -12.00
C ALA B 236 4.92 -0.90 -12.91
N LYS B 237 5.32 0.08 -13.74
CA LYS B 237 6.49 -0.09 -14.58
C LYS B 237 7.74 -0.28 -13.74
N MET B 238 7.90 0.51 -12.66
CA MET B 238 9.04 0.31 -11.78
C MET B 238 9.16 -1.14 -11.32
N LEU B 239 8.04 -1.71 -10.85
CA LEU B 239 8.05 -3.07 -10.32
C LEU B 239 8.36 -4.07 -11.43
N LEU B 240 7.76 -3.88 -12.60
CA LEU B 240 8.04 -4.80 -13.71
C LEU B 240 9.50 -4.75 -14.13
N HIS B 241 10.13 -3.60 -14.01
CA HIS B 241 11.53 -3.45 -14.42
C HIS B 241 12.50 -3.72 -13.29
N SER B 242 12.02 -4.08 -12.11
CA SER B 242 12.88 -4.28 -10.95
C SER B 242 12.83 -5.75 -10.51
N GLU B 243 13.95 -6.22 -9.99
CA GLU B 243 14.00 -7.51 -9.28
C GLU B 243 13.68 -7.37 -7.80
N GLN B 244 13.48 -6.15 -7.31
CA GLN B 244 13.23 -5.92 -5.89
C GLN B 244 11.78 -6.22 -5.51
N HIS B 245 11.60 -6.57 -4.25
CA HIS B 245 10.27 -6.81 -3.71
C HIS B 245 9.47 -5.50 -3.68
N PRO B 246 8.15 -5.56 -3.91
CA PRO B 246 7.34 -4.33 -3.82
C PRO B 246 7.44 -3.65 -2.47
N GLY B 247 7.71 -4.40 -1.39
CA GLY B 247 7.95 -3.77 -0.10
C GLY B 247 9.25 -2.97 -0.05
N GLN B 248 10.28 -3.42 -0.77
CA GLN B 248 11.52 -2.65 -0.80
C GLN B 248 11.34 -1.35 -1.57
N LEU B 249 10.62 -1.39 -2.70
CA LEU B 249 10.35 -0.15 -3.45
C LEU B 249 9.51 0.81 -2.61
N LYS B 250 8.53 0.28 -1.89
CA LYS B 250 7.74 1.11 -0.99
C LYS B 250 8.63 1.78 0.05
N ASP B 251 9.54 1.02 0.64
CA ASP B 251 10.46 1.58 1.63
C ASP B 251 11.25 2.74 1.05
N ASN B 252 11.65 2.65 -0.22
CA ASN B 252 12.44 3.70 -0.87
C ASN B 252 11.65 4.99 -1.06
N VAL B 253 10.34 4.90 -1.17
CA VAL B 253 9.52 6.11 -1.30
C VAL B 253 9.47 6.87 0.01
N SER B 254 9.38 6.16 1.14
CA SER B 254 8.97 6.78 2.41
C SER B 254 10.20 7.19 3.21
N SER B 255 10.38 8.50 3.38
CA SER B 255 11.43 8.99 4.24
C SER B 255 10.95 9.04 5.69
N PRO B 256 11.88 8.95 6.65
CA PRO B 256 11.49 8.85 8.06
C PRO B 256 10.65 10.04 8.52
N GLY B 257 9.55 9.73 9.21
CA GLY B 257 8.62 10.71 9.70
C GLY B 257 7.82 11.46 8.66
N GLY B 258 7.92 11.09 7.39
CA GLY B 258 7.49 11.92 6.29
C GLY B 258 6.03 11.74 5.91
N ALA B 259 5.69 12.38 4.78
CA ALA B 259 4.30 12.40 4.32
C ALA B 259 3.82 11.01 3.93
N THR B 260 4.66 10.26 3.23
CA THR B 260 4.22 8.98 2.68
C THR B 260 3.96 7.95 3.78
N ILE B 261 4.86 7.83 4.76
CA ILE B 261 4.66 6.84 5.81
C ILE B 261 3.44 7.20 6.65
N HIS B 262 3.11 8.50 6.78
CA HIS B 262 1.86 8.85 7.42
C HIS B 262 0.66 8.34 6.62
N ALA B 263 0.69 8.51 5.30
CA ALA B 263 -0.41 8.00 4.47
C ALA B 263 -0.48 6.47 4.49
N LEU B 264 0.67 5.80 4.44
CA LEU B 264 0.64 4.33 4.50
C LEU B 264 0.00 3.84 5.80
N HIS B 265 0.22 4.55 6.92
CA HIS B 265 -0.39 4.12 8.17
C HIS B 265 -1.91 4.15 8.08
N VAL B 266 -2.49 5.20 7.48
CA VAL B 266 -3.94 5.23 7.41
C VAL B 266 -4.48 4.17 6.46
N LEU B 267 -3.75 3.80 5.41
CA LEU B 267 -4.16 2.65 4.59
C LEU B 267 -4.19 1.38 5.42
N GLU B 268 -3.11 1.11 6.18
CA GLU B 268 -3.03 -0.08 7.02
C GLU B 268 -4.15 -0.11 8.05
N SER B 269 -4.45 1.04 8.65
CA SER B 269 -5.47 1.07 9.70
C SER B 269 -6.84 0.68 9.16
N GLY B 270 -7.09 0.89 7.87
CA GLY B 270 -8.34 0.44 7.31
C GLY B 270 -8.29 -0.95 6.70
N GLY B 271 -7.19 -1.68 6.83
CA GLY B 271 -7.12 -3.02 6.24
C GLY B 271 -7.10 -3.00 4.73
N PHE B 272 -6.48 -1.98 4.13
CA PHE B 272 -6.37 -1.84 2.67
C PHE B 272 -5.91 -3.12 1.99
N ARG B 273 -4.82 -3.73 2.50
CA ARG B 273 -4.31 -4.96 1.89
C ARG B 273 -5.37 -6.03 1.88
N SER B 274 -6.07 -6.21 3.00
CA SER B 274 -7.06 -7.28 3.10
C SER B 274 -8.20 -7.07 2.11
N LEU B 275 -8.54 -5.83 1.80
CA LEU B 275 -9.64 -5.60 0.85
C LEU B 275 -9.27 -6.10 -0.53
N LEU B 276 -8.02 -5.84 -0.95
CA LEU B 276 -7.57 -6.35 -2.25
C LEU B 276 -7.49 -7.87 -2.26
N ILE B 277 -7.02 -8.49 -1.17
CA ILE B 277 -7.06 -9.95 -1.12
C ILE B 277 -8.51 -10.42 -1.23
N ASN B 278 -9.41 -9.78 -0.47
CA ASN B 278 -10.84 -10.14 -0.53
C ASN B 278 -11.36 -10.08 -1.96
N ALA B 279 -10.91 -9.09 -2.73
CA ALA B 279 -11.43 -8.88 -4.09
C ALA B 279 -10.97 -10.00 -5.03
N VAL B 280 -9.67 -10.27 -5.04
CA VAL B 280 -9.17 -11.38 -5.86
C VAL B 280 -9.90 -12.66 -5.51
N GLU B 281 -10.05 -12.94 -4.21
CA GLU B 281 -10.75 -14.15 -3.78
C GLU B 281 -12.19 -14.16 -4.28
N ALA B 282 -12.90 -13.03 -4.15
CA ALA B 282 -14.32 -13.00 -4.51
C ALA B 282 -14.51 -13.20 -6.01
N SER B 283 -13.67 -12.58 -6.83
CA SER B 283 -13.77 -12.76 -8.28
C SER B 283 -13.46 -14.19 -8.70
N CYS B 284 -12.40 -14.77 -8.11
CA CYS B 284 -12.06 -16.17 -8.37
C CYS B 284 -13.20 -17.11 -7.97
N ILE B 285 -13.75 -16.92 -6.77
CA ILE B 285 -14.81 -17.82 -6.30
C ILE B 285 -16.04 -17.71 -7.19
N ARG B 286 -16.40 -16.49 -7.60
CA ARG B 286 -17.56 -16.32 -8.49
C ARG B 286 -17.31 -16.99 -9.83
N THR B 287 -16.08 -16.89 -10.34
CA THR B 287 -15.72 -17.59 -11.57
C THR B 287 -15.92 -19.10 -11.43
N ARG B 288 -15.47 -19.68 -10.31
CA ARG B 288 -15.69 -21.10 -10.08
C ARG B 288 -17.18 -21.43 -10.01
N GLU B 289 -17.96 -20.53 -9.41
CA GLU B 289 -19.41 -20.72 -9.34
C GLU B 289 -20.03 -20.75 -10.73
N LEU B 290 -19.69 -19.78 -11.56
CA LEU B 290 -20.30 -19.69 -12.89
C LEU B 290 -20.05 -20.98 -13.67
N GLN B 291 -18.85 -21.54 -13.58
CA GLN B 291 -18.55 -22.79 -14.26
C GLN B 291 -19.34 -23.95 -13.65
N SER B 292 -19.34 -24.07 -12.33
CA SER B 292 -20.07 -25.19 -11.70
C SER B 292 -21.56 -25.12 -11.99
N MET B 293 -22.12 -23.91 -12.01
CA MET B 293 -23.52 -23.77 -12.42
C MET B 293 -23.71 -24.12 -13.89
N ALA B 294 -22.67 -23.91 -14.71
CA ALA B 294 -22.75 -24.33 -16.11
C ALA B 294 -22.89 -25.84 -16.22
N ASP B 295 -22.05 -26.59 -15.53
CA ASP B 295 -22.09 -28.06 -15.59
C ASP B 295 -23.22 -28.62 -14.73
N SER C 22 40.02 -4.89 34.62
CA SER C 22 40.67 -3.62 34.29
C SER C 22 39.81 -2.43 34.66
N MET C 23 38.52 -2.47 34.29
CA MET C 23 37.61 -1.35 34.45
C MET C 23 36.65 -1.59 35.61
N SER C 24 36.16 -0.50 36.18
CA SER C 24 35.27 -0.52 37.34
C SER C 24 33.92 0.05 36.95
N VAL C 25 32.87 -0.75 37.06
CA VAL C 25 31.53 -0.39 36.65
C VAL C 25 30.64 -0.30 37.88
N GLY C 26 29.80 0.74 37.93
CA GLY C 26 28.86 0.89 39.00
C GLY C 26 27.44 1.08 38.49
N PHE C 27 26.49 0.72 39.34
CA PHE C 27 25.07 0.88 39.05
C PHE C 27 24.42 1.69 40.17
N ILE C 28 23.86 2.84 39.82
CA ILE C 28 22.93 3.54 40.69
C ILE C 28 21.53 3.06 40.33
N GLY C 29 20.87 2.38 41.27
CA GLY C 29 19.67 1.63 40.97
C GLY C 29 20.00 0.16 40.88
N ALA C 30 19.15 -0.70 41.42
CA ALA C 30 19.41 -2.14 41.44
C ALA C 30 18.16 -2.91 41.09
N GLY C 31 17.43 -2.45 40.08
CA GLY C 31 16.22 -3.08 39.62
C GLY C 31 16.44 -3.97 38.41
N GLN C 32 15.36 -4.15 37.64
CA GLN C 32 15.36 -5.10 36.53
C GLN C 32 16.51 -4.84 35.56
N LEU C 33 16.79 -3.57 35.28
CA LEU C 33 17.79 -3.23 34.27
C LEU C 33 19.21 -3.45 34.79
N ALA C 34 19.48 -3.06 36.03
CA ALA C 34 20.80 -3.28 36.59
C ALA C 34 21.12 -4.77 36.63
N PHE C 35 20.16 -5.59 37.07
CA PHE C 35 20.41 -7.03 37.10
C PHE C 35 20.65 -7.57 35.69
N ALA C 36 19.80 -7.19 34.74
CA ALA C 36 19.94 -7.70 33.38
C ALA C 36 21.32 -7.34 32.80
N LEU C 37 21.78 -6.11 33.04
CA LEU C 37 23.08 -5.70 32.51
C LEU C 37 24.22 -6.41 33.23
N ALA C 38 24.16 -6.52 34.57
CA ALA C 38 25.24 -7.18 35.30
C ALA C 38 25.28 -8.68 34.98
N LYS C 39 24.11 -9.33 34.91
CA LYS C 39 24.08 -10.73 34.50
C LYS C 39 24.68 -10.90 33.12
N GLY C 40 24.23 -10.07 32.16
CA GLY C 40 24.77 -10.16 30.81
C GLY C 40 26.26 -9.91 30.74
N PHE C 41 26.74 -8.85 31.41
CA PHE C 41 28.15 -8.50 31.34
C PHE C 41 29.03 -9.63 31.88
N THR C 42 28.62 -10.21 33.01
CA THR C 42 29.44 -11.25 33.63
C THR C 42 29.32 -12.56 32.85
N ALA C 43 28.14 -12.86 32.31
CA ALA C 43 28.02 -14.02 31.44
C ALA C 43 28.91 -13.87 30.22
N ALA C 44 29.04 -12.65 29.70
CA ALA C 44 29.91 -12.37 28.58
C ALA C 44 31.39 -12.48 28.94
N GLY C 45 31.73 -12.41 30.22
CA GLY C 45 33.13 -12.45 30.62
C GLY C 45 33.86 -11.13 30.48
N VAL C 46 33.14 -10.04 30.22
CA VAL C 46 33.81 -8.75 30.10
C VAL C 46 33.95 -8.03 31.44
N LEU C 47 33.17 -8.42 32.45
CA LEU C 47 33.33 -7.88 33.78
C LEU C 47 33.29 -9.02 34.79
N ALA C 48 34.06 -8.87 35.86
CA ALA C 48 33.97 -9.74 37.02
C ALA C 48 32.90 -9.20 37.96
N ALA C 49 32.03 -10.09 38.45
CA ALA C 49 30.96 -9.65 39.33
C ALA C 49 31.50 -8.87 40.53
N HIS C 50 32.66 -9.28 41.06
CA HIS C 50 33.20 -8.61 42.23
C HIS C 50 33.77 -7.22 41.91
N LYS C 51 33.90 -6.88 40.63
CA LYS C 51 34.34 -5.54 40.24
C LYS C 51 33.16 -4.62 39.96
N ILE C 52 31.94 -5.07 40.23
CA ILE C 52 30.72 -4.31 39.98
C ILE C 52 30.08 -3.97 41.31
N MET C 53 29.65 -2.72 41.45
CA MET C 53 28.91 -2.26 42.62
C MET C 53 27.56 -1.71 42.19
N ALA C 54 26.53 -1.99 42.99
CA ALA C 54 25.18 -1.48 42.75
C ALA C 54 24.63 -0.90 44.04
N SER C 55 23.90 0.21 43.91
CA SER C 55 23.26 0.86 45.05
C SER C 55 21.75 0.88 44.86
N SER C 56 21.04 0.88 46.00
CA SER C 56 19.57 0.87 45.98
C SER C 56 19.04 1.47 47.29
N PRO C 57 17.94 2.24 47.22
CA PRO C 57 17.33 2.71 48.46
C PRO C 57 16.53 1.64 49.17
N ASP C 58 15.88 0.75 48.40
CA ASP C 58 15.11 -0.37 48.95
C ASP C 58 15.95 -1.64 48.83
N MET C 59 16.88 -1.82 49.78
CA MET C 59 17.76 -2.98 49.78
C MET C 59 17.03 -4.32 49.99
N ASP C 60 15.69 -4.34 49.96
CA ASP C 60 14.90 -5.54 50.14
C ASP C 60 14.33 -6.06 48.83
N LEU C 61 14.76 -5.51 47.70
CA LEU C 61 14.23 -5.91 46.40
C LEU C 61 14.80 -7.26 45.98
N ALA C 62 13.97 -8.07 45.32
CA ALA C 62 14.43 -9.37 44.85
C ALA C 62 15.56 -9.24 43.85
N THR C 63 15.50 -8.20 43.00
CA THR C 63 16.61 -7.90 42.10
C THR C 63 17.88 -7.63 42.89
N VAL C 64 17.78 -7.05 44.08
CA VAL C 64 18.96 -6.81 44.90
C VAL C 64 19.51 -8.12 45.45
N SER C 65 18.65 -9.11 45.67
CA SER C 65 19.12 -10.40 46.17
C SER C 65 19.82 -11.19 45.07
N ALA C 66 19.26 -11.15 43.86
CA ALA C 66 19.87 -11.87 42.74
C ALA C 66 21.24 -11.30 42.40
N LEU C 67 21.39 -9.97 42.45
CA LEU C 67 22.70 -9.36 42.24
C LEU C 67 23.70 -9.83 43.30
N ARG C 68 23.25 -9.99 44.54
CA ARG C 68 24.15 -10.46 45.59
C ARG C 68 24.53 -11.93 45.36
N LYS C 69 23.56 -12.78 45.01
CA LYS C 69 23.90 -14.16 44.67
C LYS C 69 24.87 -14.22 43.50
N MET C 70 24.76 -13.25 42.59
CA MET C 70 25.66 -13.12 41.44
C MET C 70 27.10 -12.78 41.83
N GLY C 71 27.31 -12.19 43.01
CA GLY C 71 28.63 -11.74 43.41
C GLY C 71 28.84 -10.24 43.34
N VAL C 72 27.83 -9.48 42.91
CA VAL C 72 27.95 -8.03 42.86
C VAL C 72 28.01 -7.46 44.27
N LYS C 73 28.87 -6.46 44.47
CA LYS C 73 28.92 -5.72 45.72
C LYS C 73 27.75 -4.74 45.77
N LEU C 74 27.06 -4.70 46.90
CA LEU C 74 25.90 -3.83 47.06
C LEU C 74 26.12 -2.87 48.22
N THR C 75 25.22 -1.89 48.32
CA THR C 75 25.29 -0.79 49.28
C THR C 75 24.02 0.05 49.16
N PRO C 76 23.57 0.68 50.24
CA PRO C 76 22.45 1.62 50.12
C PRO C 76 22.87 3.04 49.80
N HIS C 77 24.16 3.35 49.90
CA HIS C 77 24.68 4.69 49.68
C HIS C 77 25.04 4.85 48.20
N ASN C 78 24.29 5.70 47.50
CA ASN C 78 24.65 6.05 46.13
C ASN C 78 26.08 6.58 46.03
N LYS C 79 26.54 7.25 47.08
CA LYS C 79 27.87 7.86 47.04
C LYS C 79 28.98 6.82 47.03
N GLU C 80 28.76 5.67 47.67
CA GLU C 80 29.75 4.61 47.63
C GLU C 80 29.92 4.06 46.22
N THR C 81 28.82 3.93 45.48
CA THR C 81 28.92 3.46 44.10
C THR C 81 29.78 4.39 43.26
N VAL C 82 29.59 5.71 43.43
CA VAL C 82 30.36 6.68 42.64
C VAL C 82 31.85 6.55 42.93
N GLN C 83 32.23 6.48 44.21
CA GLN C 83 33.64 6.42 44.57
C GLN C 83 34.30 5.14 44.06
N HIS C 84 33.52 4.07 43.90
CA HIS C 84 34.05 2.79 43.44
C HIS C 84 34.20 2.73 41.93
N SER C 85 33.40 3.48 41.19
CA SER C 85 33.19 3.21 39.77
C SER C 85 33.93 4.20 38.88
N ASP C 86 34.26 3.73 37.68
CA ASP C 86 34.69 4.55 36.57
C ASP C 86 33.56 4.81 35.59
N VAL C 87 32.92 3.75 35.12
CA VAL C 87 31.69 3.85 34.33
C VAL C 87 30.51 3.72 35.29
N LEU C 88 29.62 4.70 35.23
CA LEU C 88 28.51 4.82 36.17
C LEU C 88 27.21 4.74 35.39
N PHE C 89 26.47 3.65 35.56
CA PHE C 89 25.15 3.50 34.95
C PHE C 89 24.09 4.04 35.89
N LEU C 90 23.25 4.94 35.37
CA LEU C 90 22.07 5.41 36.11
C LEU C 90 20.91 4.52 35.67
N ALA C 91 20.62 3.49 36.47
CA ALA C 91 19.54 2.58 36.13
C ALA C 91 18.37 2.82 37.08
N VAL C 92 17.89 4.05 37.14
CA VAL C 92 16.71 4.37 37.92
C VAL C 92 15.62 4.82 36.94
N LYS C 93 14.42 5.00 37.48
CA LYS C 93 13.31 5.50 36.68
C LYS C 93 13.59 6.94 36.25
N PRO C 94 13.04 7.36 35.11
CA PRO C 94 13.34 8.72 34.61
C PRO C 94 13.04 9.83 35.59
N HIS C 95 11.93 9.74 36.32
CA HIS C 95 11.61 10.80 37.27
C HIS C 95 12.57 10.84 38.46
N ILE C 96 13.42 9.82 38.64
CA ILE C 96 14.37 9.85 39.75
C ILE C 96 15.72 10.40 39.35
N ILE C 97 16.00 10.55 38.05
CA ILE C 97 17.32 11.00 37.61
C ILE C 97 17.71 12.36 38.18
N PRO C 98 16.87 13.40 38.14
CA PRO C 98 17.32 14.70 38.70
C PRO C 98 17.70 14.63 40.16
N PHE C 99 17.02 13.81 40.96
CA PHE C 99 17.37 13.66 42.37
C PHE C 99 18.71 12.96 42.53
N ILE C 100 18.99 11.96 41.69
CA ILE C 100 20.29 11.30 41.74
C ILE C 100 21.40 12.30 41.42
N LEU C 101 21.22 13.06 40.33
CA LEU C 101 22.26 14.00 39.91
C LEU C 101 22.54 15.03 41.00
N ASP C 102 21.51 15.49 41.71
CA ASP C 102 21.73 16.40 42.82
C ASP C 102 22.45 15.73 43.97
N GLU C 103 22.22 14.44 44.20
CA GLU C 103 22.83 13.78 45.34
C GLU C 103 24.30 13.47 45.14
N ILE C 104 24.74 13.20 43.91
CA ILE C 104 26.10 12.78 43.65
C ILE C 104 26.85 13.73 42.74
N GLY C 105 26.23 14.83 42.30
CA GLY C 105 26.89 15.73 41.36
C GLY C 105 28.22 16.25 41.86
N ALA C 106 28.31 16.52 43.17
CA ALA C 106 29.57 17.00 43.75
C ALA C 106 30.64 15.92 43.83
N ASP C 107 30.28 14.65 43.62
CA ASP C 107 31.25 13.57 43.69
C ASP C 107 31.73 13.09 42.33
N ILE C 108 31.15 13.60 41.25
CA ILE C 108 31.60 13.22 39.91
C ILE C 108 33.00 13.79 39.67
N GLU C 109 33.94 12.92 39.33
CA GLU C 109 35.32 13.33 39.09
C GLU C 109 35.60 13.31 37.59
N ASP C 110 36.82 13.71 37.23
CA ASP C 110 37.17 13.77 35.81
C ASP C 110 37.18 12.38 35.17
N ARG C 111 37.43 11.34 35.96
CA ARG C 111 37.53 9.98 35.44
C ARG C 111 36.19 9.37 35.07
N HIS C 112 35.07 9.97 35.48
CA HIS C 112 33.78 9.30 35.38
C HIS C 112 33.16 9.43 33.99
N ILE C 113 32.58 8.33 33.52
CA ILE C 113 31.65 8.33 32.39
C ILE C 113 30.28 8.02 32.98
N VAL C 114 29.36 8.99 32.89
CA VAL C 114 27.99 8.82 33.39
C VAL C 114 27.13 8.34 32.23
N VAL C 115 26.52 7.17 32.39
CA VAL C 115 25.71 6.56 31.35
C VAL C 115 24.27 6.50 31.84
N SER C 116 23.39 7.30 31.24
CA SER C 116 21.99 7.30 31.63
C SER C 116 21.22 6.34 30.74
N CYS C 117 20.54 5.37 31.35
CA CYS C 117 19.66 4.46 30.62
C CYS C 117 18.21 4.88 30.68
N ALA C 118 17.88 5.96 31.36
CA ALA C 118 16.49 6.31 31.61
C ALA C 118 15.81 6.76 30.32
N ALA C 119 14.59 6.28 30.11
CA ALA C 119 13.83 6.66 28.93
C ALA C 119 13.54 8.15 28.93
N GLY C 120 13.70 8.78 27.77
CA GLY C 120 13.29 10.16 27.61
C GLY C 120 14.28 11.21 28.09
N VAL C 121 15.07 10.90 29.12
CA VAL C 121 15.88 11.93 29.79
C VAL C 121 17.02 12.37 28.87
N THR C 122 17.09 13.66 28.61
CA THR C 122 18.00 14.18 27.60
C THR C 122 19.40 14.38 28.16
N ILE C 123 20.39 14.23 27.26
CA ILE C 123 21.78 14.55 27.61
C ILE C 123 21.86 15.97 28.14
N SER C 124 21.14 16.91 27.49
CA SER C 124 21.15 18.30 27.90
C SER C 124 20.77 18.45 29.38
N SER C 125 19.68 17.81 29.80
CA SER C 125 19.22 17.97 31.17
C SER C 125 20.21 17.36 32.16
N ILE C 126 20.89 16.28 31.77
CA ILE C 126 21.89 15.68 32.64
C ILE C 126 23.11 16.59 32.75
N GLU C 127 23.59 17.08 31.61
CA GLU C 127 24.78 17.93 31.62
C GLU C 127 24.53 19.21 32.41
N LYS C 128 23.31 19.74 32.34
CA LYS C 128 23.01 21.00 33.04
C LYS C 128 23.13 20.82 34.55
N LYS C 129 22.58 19.74 35.09
CA LYS C 129 22.64 19.51 36.52
C LYS C 129 24.08 19.24 36.97
N LEU C 130 24.79 18.35 36.26
CA LEU C 130 26.15 18.02 36.68
C LEU C 130 27.13 19.18 36.48
N SER C 131 26.93 20.00 35.44
CA SER C 131 27.88 21.09 35.17
C SER C 131 27.87 22.14 36.27
N ALA C 132 26.78 22.27 37.03
CA ALA C 132 26.77 23.21 38.14
C ALA C 132 27.83 22.88 39.18
N PHE C 133 28.21 21.61 39.27
CA PHE C 133 29.19 21.16 40.25
C PHE C 133 30.62 21.20 39.70
N ARG C 134 30.81 20.71 38.47
CA ARG C 134 32.13 20.57 37.89
C ARG C 134 31.94 20.64 36.38
N PRO C 135 32.72 21.44 35.67
CA PRO C 135 32.56 21.54 34.22
C PRO C 135 33.01 20.27 33.50
N ALA C 136 32.54 20.15 32.27
CA ALA C 136 32.82 19.06 31.34
C ALA C 136 32.47 17.67 31.85
N PRO C 137 31.28 17.42 32.39
CA PRO C 137 30.92 16.03 32.72
C PRO C 137 30.84 15.20 31.44
N ARG C 138 31.34 13.97 31.53
CA ARG C 138 31.32 13.04 30.40
C ARG C 138 30.04 12.22 30.51
N VAL C 139 29.12 12.39 29.55
CA VAL C 139 27.79 11.80 29.64
C VAL C 139 27.51 10.98 28.38
N ILE C 140 26.93 9.79 28.57
CA ILE C 140 26.41 8.97 27.48
C ILE C 140 24.95 8.68 27.77
N ARG C 141 24.11 8.77 26.75
CA ARG C 141 22.71 8.35 26.86
C ARG C 141 22.51 7.05 26.09
N CYS C 142 21.89 6.07 26.72
CA CYS C 142 21.66 4.84 25.99
C CYS C 142 20.21 4.39 26.17
N MET C 143 19.73 3.64 25.18
CA MET C 143 18.44 2.96 25.28
C MET C 143 18.71 1.49 25.00
N THR C 144 18.46 0.65 26.00
CA THR C 144 18.67 -0.78 25.89
C THR C 144 17.38 -1.48 26.22
N ASN C 145 17.39 -2.82 26.34
CA ASN C 145 16.17 -3.55 26.68
C ASN C 145 16.54 -4.77 27.50
N THR C 146 15.51 -5.42 28.04
CA THR C 146 15.75 -6.50 29.00
C THR C 146 16.48 -7.71 28.41
N PRO C 147 16.38 -8.07 27.10
CA PRO C 147 17.13 -9.24 26.61
C PRO C 147 18.66 -9.14 26.67
N VAL C 148 19.23 -8.04 27.18
CA VAL C 148 20.66 -8.09 27.52
C VAL C 148 20.94 -9.20 28.52
N VAL C 149 19.92 -9.61 29.29
CA VAL C 149 20.11 -10.65 30.32
C VAL C 149 20.47 -11.99 29.67
N VAL C 150 20.08 -12.22 28.43
CA VAL C 150 20.51 -13.39 27.66
C VAL C 150 21.45 -12.98 26.54
N ARG C 151 22.09 -11.81 26.68
CA ARG C 151 23.11 -11.33 25.74
C ARG C 151 22.55 -11.17 24.33
N GLU C 152 21.28 -10.80 24.22
CA GLU C 152 20.67 -10.53 22.92
C GLU C 152 19.90 -9.22 22.97
N GLY C 153 20.44 -8.25 23.70
CA GLY C 153 19.82 -6.95 23.76
C GLY C 153 19.93 -6.18 22.45
N ALA C 154 19.19 -5.08 22.40
CA ALA C 154 19.27 -4.10 21.34
C ALA C 154 19.56 -2.77 22.00
N THR C 155 20.72 -2.19 21.70
CA THR C 155 21.16 -0.99 22.39
C THR C 155 21.56 0.07 21.38
N VAL C 156 21.12 1.30 21.61
CA VAL C 156 21.68 2.45 20.91
C VAL C 156 22.20 3.40 21.98
N TYR C 157 23.14 4.25 21.58
CA TYR C 157 23.69 5.25 22.50
C TYR C 157 24.01 6.53 21.74
N ALA C 158 23.98 7.65 22.45
CA ALA C 158 24.41 8.94 21.93
C ALA C 158 25.43 9.52 22.90
N THR C 159 26.46 10.15 22.35
CA THR C 159 27.53 10.73 23.15
C THR C 159 27.23 12.19 23.49
N GLY C 160 27.63 12.60 24.69
CA GLY C 160 27.37 13.95 25.13
C GLY C 160 28.38 14.94 24.61
N THR C 161 28.22 16.19 25.06
CA THR C 161 29.07 17.28 24.61
C THR C 161 30.54 17.03 24.94
N HIS C 162 30.83 16.49 26.12
CA HIS C 162 32.20 16.39 26.59
C HIS C 162 32.71 14.96 26.64
N ALA C 163 31.94 14.02 26.11
CA ALA C 163 32.42 12.65 25.99
C ALA C 163 33.55 12.61 24.96
N GLN C 164 34.67 12.01 25.35
CA GLN C 164 35.77 11.85 24.41
C GLN C 164 35.44 10.75 23.41
N VAL C 165 36.22 10.70 22.32
CA VAL C 165 35.98 9.71 21.28
C VAL C 165 36.15 8.31 21.83
N GLU C 166 37.13 8.11 22.73
CA GLU C 166 37.33 6.80 23.33
C GLU C 166 36.15 6.41 24.22
N ASP C 167 35.42 7.39 24.77
CA ASP C 167 34.26 7.08 25.61
C ASP C 167 33.20 6.32 24.83
N GLY C 168 32.91 6.77 23.61
CA GLY C 168 31.90 6.10 22.80
C GLY C 168 32.36 4.73 22.34
N ARG C 169 33.63 4.62 21.94
CA ARG C 169 34.18 3.34 21.52
C ARG C 169 34.15 2.33 22.65
N LEU C 170 34.52 2.76 23.86
CA LEU C 170 34.46 1.87 25.03
C LEU C 170 33.04 1.45 25.33
N MET C 171 32.11 2.40 25.28
CA MET C 171 30.72 2.05 25.56
CA MET C 171 30.69 2.12 25.51
C MET C 171 30.19 1.07 24.53
N GLU C 172 30.48 1.27 23.24
CA GLU C 172 30.01 0.32 22.24
C GLU C 172 30.63 -1.06 22.44
N GLN C 173 31.90 -1.09 22.84
CA GLN C 173 32.54 -2.38 23.09
C GLN C 173 31.90 -3.10 24.27
N LEU C 174 31.61 -2.38 25.35
CA LEU C 174 30.96 -2.99 26.50
C LEU C 174 29.55 -3.47 26.16
N LEU C 175 28.75 -2.63 25.50
CA LEU C 175 27.36 -3.03 25.26
C LEU C 175 27.21 -4.01 24.11
N SER C 176 28.18 -4.07 23.19
CA SER C 176 28.16 -5.09 22.14
C SER C 176 28.35 -6.49 22.70
N SER C 177 28.86 -6.61 23.92
CA SER C 177 29.02 -7.93 24.50
C SER C 177 27.70 -8.54 24.93
N VAL C 178 26.64 -7.73 25.04
CA VAL C 178 25.34 -8.21 25.48
C VAL C 178 24.26 -8.03 24.41
N GLY C 179 24.64 -7.75 23.17
CA GLY C 179 23.66 -7.67 22.11
C GLY C 179 24.13 -6.76 21.00
N PHE C 180 23.18 -6.37 20.15
CA PHE C 180 23.43 -5.37 19.14
C PHE C 180 23.67 -4.01 19.80
N CYS C 181 24.61 -3.25 19.26
CA CYS C 181 24.85 -1.91 19.79
C CYS C 181 25.32 -0.99 18.68
N THR C 182 24.74 0.21 18.61
CA THR C 182 25.21 1.15 17.60
C THR C 182 25.00 2.57 18.11
N GLU C 183 25.86 3.47 17.66
CA GLU C 183 25.70 4.88 17.97
C GLU C 183 24.60 5.50 17.11
N VAL C 184 23.81 6.39 17.72
CA VAL C 184 22.79 7.17 17.00
C VAL C 184 22.86 8.62 17.43
N GLU C 185 22.30 9.50 16.59
CA GLU C 185 21.98 10.85 17.03
C GLU C 185 20.91 10.78 18.10
N GLU C 186 21.02 11.66 19.10
CA GLU C 186 20.13 11.60 20.25
C GLU C 186 18.67 11.76 19.86
N ASP C 187 18.38 12.50 18.78
CA ASP C 187 16.96 12.72 18.48
C ASP C 187 16.25 11.49 17.93
N LEU C 188 16.95 10.37 17.76
CA LEU C 188 16.31 9.10 17.39
C LEU C 188 15.91 8.24 18.58
N ILE C 189 16.38 8.57 19.78
CA ILE C 189 16.32 7.61 20.89
C ILE C 189 14.88 7.38 21.34
N ASP C 190 14.03 8.43 21.32
CA ASP C 190 12.64 8.22 21.75
C ASP C 190 11.92 7.26 20.79
N ALA C 191 12.22 7.33 19.49
CA ALA C 191 11.66 6.37 18.54
C ALA C 191 12.22 4.97 18.78
N VAL C 192 13.52 4.85 19.06
CA VAL C 192 14.07 3.55 19.40
C VAL C 192 13.36 2.96 20.61
N THR C 193 13.08 3.81 21.61
CA THR C 193 12.34 3.33 22.78
C THR C 193 11.01 2.68 22.38
N GLY C 194 10.30 3.30 21.43
CA GLY C 194 9.03 2.75 21.01
C GLY C 194 9.16 1.44 20.25
N LEU C 195 10.31 1.22 19.62
CA LEU C 195 10.51 0.01 18.81
C LEU C 195 11.18 -1.11 19.61
N SER C 196 12.47 -0.95 19.95
CA SER C 196 13.16 -2.03 20.64
C SER C 196 13.14 -1.91 22.16
N GLY C 197 12.89 -0.72 22.72
CA GLY C 197 12.74 -0.63 24.17
C GLY C 197 11.48 -1.34 24.64
N SER C 198 10.33 -1.03 24.03
CA SER C 198 9.06 -1.65 24.33
C SER C 198 8.85 -2.97 23.58
N GLY C 199 9.64 -3.21 22.52
CA GLY C 199 9.43 -4.35 21.66
C GLY C 199 9.35 -5.71 22.33
N PRO C 200 10.20 -6.00 23.33
CA PRO C 200 10.06 -7.30 24.00
C PRO C 200 8.65 -7.54 24.54
N ALA C 201 8.01 -6.48 25.06
CA ALA C 201 6.66 -6.64 25.60
C ALA C 201 5.66 -6.99 24.50
N TYR C 202 5.80 -6.37 23.31
CA TYR C 202 4.95 -6.76 22.18
C TYR C 202 5.15 -8.23 21.88
N ALA C 203 6.41 -8.70 21.92
CA ALA C 203 6.71 -10.09 21.59
C ALA C 203 6.15 -11.03 22.65
N PHE C 204 6.25 -10.66 23.94
CA PHE C 204 5.67 -11.50 24.99
C PHE C 204 4.15 -11.61 24.84
N THR C 205 3.49 -10.49 24.51
CA THR C 205 2.06 -10.53 24.26
C THR C 205 1.73 -11.46 23.10
N ALA C 206 2.47 -11.31 22.00
CA ALA C 206 2.28 -12.13 20.81
C ALA C 206 2.50 -13.60 21.12
N LEU C 207 3.54 -13.91 21.91
CA LEU C 207 3.82 -15.30 22.25
C LEU C 207 2.72 -15.90 23.12
N ASP C 208 2.19 -15.14 24.08
CA ASP C 208 1.07 -15.63 24.89
C ASP C 208 -0.14 -15.95 23.99
N ALA C 209 -0.44 -15.06 23.05
CA ALA C 209 -1.60 -15.26 22.18
C ALA C 209 -1.40 -16.43 21.23
N LEU C 210 -0.22 -16.54 20.63
CA LEU C 210 0.08 -17.67 19.77
C LEU C 210 -0.07 -18.98 20.52
N ALA C 211 0.38 -19.01 21.78
CA ALA C 211 0.21 -20.22 22.59
C ALA C 211 -1.26 -20.51 22.84
N ASP C 212 -2.05 -19.48 23.16
CA ASP C 212 -3.50 -19.66 23.29
C ASP C 212 -4.08 -20.28 22.03
N GLY C 213 -3.63 -19.81 20.85
CA GLY C 213 -4.10 -20.38 19.59
C GLY C 213 -3.69 -21.84 19.42
N GLY C 214 -2.42 -22.16 19.73
CA GLY C 214 -2.01 -23.56 19.71
C GLY C 214 -2.85 -24.41 20.64
N VAL C 215 -3.15 -23.90 21.84
CA VAL C 215 -3.97 -24.66 22.79
C VAL C 215 -5.39 -24.84 22.27
N LYS C 216 -5.97 -23.78 21.69
CA LYS C 216 -7.31 -23.92 21.11
C LYS C 216 -7.36 -25.05 20.08
N MET C 217 -6.30 -25.18 19.28
CA MET C 217 -6.26 -26.21 18.25
C MET C 217 -5.73 -27.55 18.76
N GLY C 218 -5.52 -27.72 20.05
CA GLY C 218 -5.28 -29.05 20.62
C GLY C 218 -3.90 -29.30 21.18
N LEU C 219 -3.01 -28.30 21.16
CA LEU C 219 -1.66 -28.52 21.68
C LEU C 219 -1.62 -28.33 23.19
N PRO C 220 -0.81 -29.11 23.90
CA PRO C 220 -0.52 -28.80 25.31
C PRO C 220 0.15 -27.44 25.43
N ARG C 221 -0.13 -26.77 26.54
CA ARG C 221 0.34 -25.40 26.70
C ARG C 221 1.86 -25.34 26.65
N ARG C 222 2.55 -26.26 27.34
CA ARG C 222 4.01 -26.21 27.38
C ARG C 222 4.59 -26.31 25.98
N LEU C 223 4.09 -27.26 25.19
CA LEU C 223 4.57 -27.41 23.81
C LEU C 223 4.22 -26.18 22.97
N ALA C 224 3.02 -25.63 23.15
CA ALA C 224 2.63 -24.47 22.35
C ALA C 224 3.55 -23.27 22.65
N VAL C 225 3.90 -23.07 23.92
CA VAL C 225 4.80 -21.96 24.26
C VAL C 225 6.17 -22.15 23.63
N ARG C 226 6.70 -23.38 23.71
CA ARG C 226 8.04 -23.68 23.19
C ARG C 226 8.10 -23.50 21.68
N LEU C 227 7.08 -24.03 20.98
CA LEU C 227 7.05 -23.93 19.52
C LEU C 227 6.86 -22.49 19.06
N GLY C 228 5.99 -21.72 19.72
CA GLY C 228 5.78 -20.35 19.32
C GLY C 228 7.03 -19.51 19.51
N ALA C 229 7.68 -19.67 20.67
CA ALA C 229 8.92 -18.93 20.92
C ALA C 229 10.02 -19.35 19.96
N GLN C 230 10.14 -20.65 19.67
CA GLN C 230 11.15 -21.08 18.70
C GLN C 230 10.86 -20.50 17.32
N ALA C 231 9.59 -20.43 16.93
CA ALA C 231 9.27 -19.87 15.62
C ALA C 231 9.72 -18.42 15.53
N LEU C 232 9.42 -17.64 16.58
CA LEU C 232 9.75 -16.23 16.54
C LEU C 232 11.26 -16.03 16.55
N LEU C 233 11.97 -16.81 17.35
CA LEU C 233 13.42 -16.72 17.39
C LEU C 233 14.04 -17.06 16.04
N GLY C 234 13.57 -18.14 15.42
CA GLY C 234 14.15 -18.56 14.16
C GLY C 234 13.87 -17.56 13.05
N ALA C 235 12.67 -17.00 13.01
CA ALA C 235 12.33 -16.03 11.97
C ALA C 235 13.16 -14.77 12.13
N ALA C 236 13.29 -14.28 13.36
CA ALA C 236 14.12 -13.10 13.60
C ALA C 236 15.56 -13.36 13.19
N LYS C 237 16.11 -14.52 13.56
CA LYS C 237 17.47 -14.84 13.14
C LYS C 237 17.56 -14.94 11.62
N MET C 238 16.55 -15.55 10.98
CA MET C 238 16.56 -15.61 9.52
C MET C 238 16.68 -14.22 8.90
N LEU C 239 15.88 -13.28 9.39
CA LEU C 239 15.89 -11.92 8.85
C LEU C 239 17.24 -11.24 9.09
N LEU C 240 17.78 -11.38 10.31
CA LEU C 240 19.07 -10.77 10.60
C LEU C 240 20.18 -11.36 9.74
N HIS C 241 20.10 -12.64 9.37
CA HIS C 241 21.13 -13.29 8.57
C HIS C 241 20.92 -13.18 7.07
N SER C 242 19.77 -12.66 6.63
CA SER C 242 19.44 -12.52 5.21
C SER C 242 19.61 -11.08 4.75
N GLU C 243 19.95 -10.91 3.48
CA GLU C 243 19.89 -9.58 2.88
C GLU C 243 18.51 -9.26 2.31
N GLN C 244 17.54 -10.12 2.51
CA GLN C 244 16.26 -9.98 1.82
C GLN C 244 15.26 -9.21 2.66
N HIS C 245 14.32 -8.58 1.98
CA HIS C 245 13.26 -7.84 2.63
C HIS C 245 12.35 -8.79 3.40
N PRO C 246 11.83 -8.40 4.57
CA PRO C 246 10.91 -9.28 5.29
C PRO C 246 9.72 -9.72 4.46
N GLY C 247 9.26 -8.89 3.52
CA GLY C 247 8.17 -9.33 2.66
C GLY C 247 8.61 -10.41 1.70
N GLN C 248 9.87 -10.38 1.28
CA GLN C 248 10.39 -11.44 0.43
C GLN C 248 10.45 -12.76 1.17
N LEU C 249 10.90 -12.74 2.43
CA LEU C 249 10.93 -13.96 3.22
C LEU C 249 9.51 -14.46 3.49
N LYS C 250 8.58 -13.55 3.74
CA LYS C 250 7.17 -13.93 3.82
C LYS C 250 6.70 -14.62 2.54
N ASP C 251 7.05 -14.04 1.39
CA ASP C 251 6.70 -14.66 0.12
C ASP C 251 7.30 -16.05 -0.02
N ASN C 252 8.58 -16.21 0.36
CA ASN C 252 9.23 -17.50 0.21
C ASN C 252 8.53 -18.58 1.04
N VAL C 253 7.91 -18.21 2.15
CA VAL C 253 7.30 -19.17 3.07
C VAL C 253 5.87 -19.57 2.68
N SER C 254 5.12 -18.73 1.96
CA SER C 254 3.71 -18.97 1.70
C SER C 254 3.53 -19.70 0.37
N SER C 255 3.23 -21.00 0.42
CA SER C 255 2.93 -21.74 -0.80
C SER C 255 1.52 -21.43 -1.30
N PRO C 256 1.29 -21.53 -2.61
CA PRO C 256 -0.01 -21.15 -3.18
C PRO C 256 -1.15 -21.99 -2.64
N GLY C 257 -2.22 -21.31 -2.22
CA GLY C 257 -3.41 -21.94 -1.67
C GLY C 257 -3.24 -22.56 -0.30
N GLY C 258 -2.07 -22.39 0.33
CA GLY C 258 -1.69 -23.17 1.50
C GLY C 258 -2.14 -22.58 2.83
N ALA C 259 -1.71 -23.25 3.90
CA ALA C 259 -2.17 -22.89 5.23
C ALA C 259 -1.66 -21.50 5.61
N THR C 260 -0.43 -21.20 5.26
CA THR C 260 0.17 -19.96 5.73
C THR C 260 -0.50 -18.74 5.09
N ILE C 261 -0.77 -18.78 3.78
CA ILE C 261 -1.38 -17.61 3.14
C ILE C 261 -2.82 -17.42 3.66
N HIS C 262 -3.51 -18.52 4.00
CA HIS C 262 -4.81 -18.37 4.64
C HIS C 262 -4.72 -17.66 6.00
N ALA C 263 -3.72 -18.00 6.81
CA ALA C 263 -3.53 -17.33 8.08
C ALA C 263 -3.12 -15.87 7.90
N LEU C 264 -2.30 -15.57 6.89
CA LEU C 264 -1.90 -14.18 6.69
C LEU C 264 -3.09 -13.32 6.30
N HIS C 265 -4.04 -13.88 5.56
CA HIS C 265 -5.24 -13.12 5.22
C HIS C 265 -6.00 -12.68 6.47
N VAL C 266 -6.19 -13.60 7.43
CA VAL C 266 -6.95 -13.22 8.63
C VAL C 266 -6.18 -12.22 9.47
N LEU C 267 -4.83 -12.25 9.46
CA LEU C 267 -4.10 -11.15 10.10
C LEU C 267 -4.38 -9.83 9.41
N GLU C 268 -4.32 -9.84 8.07
CA GLU C 268 -4.54 -8.60 7.33
C GLU C 268 -5.94 -8.06 7.57
N SER C 269 -6.93 -8.95 7.63
CA SER C 269 -8.30 -8.50 7.80
C SER C 269 -8.50 -7.79 9.13
N GLY C 270 -7.71 -8.15 10.14
CA GLY C 270 -7.76 -7.44 11.42
C GLY C 270 -6.87 -6.23 11.52
N GLY C 271 -6.14 -5.86 10.47
CA GLY C 271 -5.27 -4.68 10.57
C GLY C 271 -4.06 -4.93 11.44
N PHE C 272 -3.58 -6.18 11.47
CA PHE C 272 -2.42 -6.59 12.27
C PHE C 272 -1.27 -5.60 12.14
N ARG C 273 -0.87 -5.28 10.90
CA ARG C 273 0.26 -4.37 10.70
C ARG C 273 0.00 -3.02 11.36
N SER C 274 -1.21 -2.48 11.19
CA SER C 274 -1.48 -1.17 11.77
C SER C 274 -1.40 -1.19 13.28
N LEU C 275 -1.73 -2.31 13.93
CA LEU C 275 -1.67 -2.32 15.40
C LEU C 275 -0.23 -2.18 15.90
N LEU C 276 0.70 -2.85 15.23
CA LEU C 276 2.10 -2.73 15.58
C LEU C 276 2.64 -1.33 15.28
N ILE C 277 2.19 -0.71 14.18
CA ILE C 277 2.57 0.69 13.96
C ILE C 277 2.01 1.56 15.09
N ASN C 278 0.74 1.34 15.45
CA ASN C 278 0.12 2.08 16.55
C ASN C 278 0.95 1.98 17.82
N ALA C 279 1.46 0.78 18.11
CA ALA C 279 2.19 0.53 19.36
C ALA C 279 3.51 1.32 19.38
N VAL C 280 4.32 1.18 18.33
CA VAL C 280 5.57 1.95 18.26
C VAL C 280 5.29 3.43 18.44
N GLU C 281 4.28 3.93 17.72
CA GLU C 281 3.91 5.34 17.81
C GLU C 281 3.53 5.72 19.24
N ALA C 282 2.68 4.90 19.88
CA ALA C 282 2.17 5.27 21.20
C ALA C 282 3.29 5.28 22.23
N SER C 283 4.19 4.31 22.17
CA SER C 283 5.32 4.28 23.11
C SER C 283 6.24 5.46 22.89
N CYS C 284 6.58 5.75 21.62
CA CYS C 284 7.38 6.93 21.31
C CYS C 284 6.73 8.20 21.82
N ILE C 285 5.44 8.39 21.52
CA ILE C 285 4.76 9.63 21.92
C ILE C 285 4.73 9.76 23.44
N ARG C 286 4.45 8.66 24.15
CA ARG C 286 4.43 8.73 25.61
C ARG C 286 5.80 9.10 26.16
N THR C 287 6.86 8.55 25.54
CA THR C 287 8.22 8.88 25.96
C THR C 287 8.48 10.37 25.82
N ARG C 288 8.07 10.96 24.69
CA ARG C 288 8.24 12.41 24.49
C ARG C 288 7.42 13.21 25.50
N GLU C 289 6.18 12.77 25.73
CA GLU C 289 5.27 13.38 26.70
C GLU C 289 5.90 13.45 28.08
N LEU C 290 6.41 12.31 28.55
CA LEU C 290 7.01 12.23 29.88
C LEU C 290 8.18 13.20 30.01
N GLN C 291 9.03 13.27 28.99
CA GLN C 291 10.15 14.22 29.07
C GLN C 291 9.66 15.67 29.07
N SER C 292 8.63 15.97 28.28
CA SER C 292 8.09 17.33 28.28
C SER C 292 7.52 17.71 29.64
N MET C 293 7.03 16.75 30.41
CA MET C 293 6.60 17.05 31.78
C MET C 293 7.80 17.26 32.69
N ALA C 294 8.86 16.48 32.48
CA ALA C 294 10.06 16.62 33.31
C ALA C 294 10.74 17.97 33.10
N ASP C 295 10.78 18.45 31.85
CA ASP C 295 11.42 19.74 31.59
C ASP C 295 10.59 20.90 32.14
N GLN C 296 9.26 20.77 32.09
CA GLN C 296 8.37 21.78 32.64
C GLN C 296 7.85 21.36 34.03
N ASN D 17 26.92 -40.00 16.77
CA ASN D 17 27.16 -39.51 15.41
C ASN D 17 27.37 -40.66 14.42
N LEU D 18 27.31 -41.90 14.91
CA LEU D 18 27.36 -43.05 14.02
C LEU D 18 26.12 -43.17 13.14
N TYR D 19 25.01 -42.55 13.54
CA TYR D 19 23.83 -42.50 12.67
C TYR D 19 24.18 -41.90 11.32
N PHE D 20 24.92 -40.80 11.34
CA PHE D 20 25.23 -40.04 10.13
C PHE D 20 26.54 -40.48 9.48
N GLN D 21 27.16 -41.53 10.00
CA GLN D 21 28.45 -41.99 9.48
C GLN D 21 28.38 -42.20 7.97
N SER D 22 27.46 -43.04 7.52
CA SER D 22 27.37 -43.41 6.11
C SER D 22 25.99 -43.11 5.55
N MET D 23 25.27 -42.15 6.13
CA MET D 23 23.90 -41.88 5.75
C MET D 23 23.83 -41.06 4.46
N SER D 24 22.94 -41.47 3.57
CA SER D 24 22.62 -40.70 2.37
C SER D 24 21.21 -40.15 2.51
N VAL D 25 21.02 -38.90 2.12
CA VAL D 25 19.73 -38.22 2.23
C VAL D 25 19.30 -37.78 0.84
N GLY D 26 18.01 -37.93 0.56
CA GLY D 26 17.46 -37.49 -0.71
C GLY D 26 16.26 -36.60 -0.51
N PHE D 27 16.10 -35.66 -1.44
CA PHE D 27 14.94 -34.77 -1.48
C PHE D 27 14.21 -34.97 -2.79
N ILE D 28 12.92 -35.28 -2.70
CA ILE D 28 12.02 -35.23 -3.84
C ILE D 28 11.24 -33.93 -3.69
N GLY D 29 11.58 -32.96 -4.52
CA GLY D 29 11.21 -31.56 -4.34
C GLY D 29 12.48 -30.77 -4.09
N ALA D 30 12.55 -29.57 -4.68
CA ALA D 30 13.72 -28.72 -4.51
C ALA D 30 13.34 -27.26 -4.28
N GLY D 31 12.17 -27.03 -3.66
CA GLY D 31 11.72 -25.69 -3.35
C GLY D 31 12.37 -25.12 -2.10
N GLN D 32 11.63 -24.24 -1.43
CA GLN D 32 12.19 -23.49 -0.30
C GLN D 32 12.60 -24.40 0.85
N LEU D 33 11.80 -25.44 1.12
CA LEU D 33 12.07 -26.27 2.29
C LEU D 33 13.24 -27.23 2.06
N ALA D 34 13.34 -27.83 0.87
CA ALA D 34 14.47 -28.69 0.57
C ALA D 34 15.79 -27.93 0.65
N PHE D 35 15.83 -26.70 0.14
CA PHE D 35 17.05 -25.91 0.26
C PHE D 35 17.34 -25.58 1.72
N ALA D 36 16.30 -25.22 2.48
CA ALA D 36 16.52 -24.84 3.87
C ALA D 36 17.08 -26.00 4.67
N LEU D 37 16.51 -27.21 4.49
CA LEU D 37 17.02 -28.38 5.20
C LEU D 37 18.43 -28.73 4.75
N ALA D 38 18.67 -28.75 3.44
CA ALA D 38 20.00 -29.10 2.94
C ALA D 38 21.04 -28.09 3.42
N LYS D 39 20.67 -26.82 3.44
CA LYS D 39 21.58 -25.79 3.93
C LYS D 39 21.85 -25.97 5.43
N GLY D 40 20.79 -26.23 6.21
CA GLY D 40 20.98 -26.46 7.64
C GLY D 40 21.75 -27.72 7.94
N PHE D 41 21.42 -28.83 7.23
CA PHE D 41 22.14 -30.08 7.47
C PHE D 41 23.63 -29.92 7.21
N THR D 42 24.00 -29.26 6.12
CA THR D 42 25.41 -29.11 5.81
C THR D 42 26.08 -28.13 6.77
N ALA D 43 25.40 -27.03 7.11
CA ALA D 43 25.97 -26.05 8.04
C ALA D 43 26.23 -26.67 9.41
N ALA D 44 25.35 -27.58 9.84
CA ALA D 44 25.53 -28.31 11.08
C ALA D 44 26.65 -29.33 11.00
N GLY D 45 27.11 -29.67 9.80
CA GLY D 45 28.15 -30.66 9.63
C GLY D 45 27.68 -32.09 9.74
N VAL D 46 26.37 -32.32 9.81
CA VAL D 46 25.90 -33.68 10.00
C VAL D 46 26.02 -34.46 8.69
N LEU D 47 26.00 -33.78 7.54
CA LEU D 47 26.07 -34.46 6.25
C LEU D 47 26.85 -33.60 5.27
N ALA D 48 27.59 -34.27 4.38
CA ALA D 48 28.30 -33.60 3.31
C ALA D 48 27.36 -33.32 2.15
N ALA D 49 27.48 -32.12 1.57
CA ALA D 49 26.58 -31.69 0.50
C ALA D 49 26.53 -32.68 -0.66
N HIS D 50 27.63 -33.37 -0.95
CA HIS D 50 27.63 -34.35 -2.03
C HIS D 50 26.91 -35.63 -1.68
N LYS D 51 26.60 -35.87 -0.39
CA LYS D 51 25.82 -37.01 0.04
C LYS D 51 24.32 -36.73 0.01
N ILE D 52 23.93 -35.56 -0.50
CA ILE D 52 22.53 -35.16 -0.61
C ILE D 52 22.17 -35.08 -2.09
N MET D 53 21.02 -35.61 -2.46
CA MET D 53 20.53 -35.55 -3.83
C MET D 53 19.13 -34.97 -3.83
N ALA D 54 18.85 -34.11 -4.80
CA ALA D 54 17.53 -33.50 -4.93
C ALA D 54 17.03 -33.71 -6.35
N SER D 55 15.71 -33.77 -6.49
CA SER D 55 15.09 -33.88 -7.80
C SER D 55 13.91 -32.91 -7.89
N SER D 56 13.77 -32.28 -9.05
CA SER D 56 12.73 -31.29 -9.29
C SER D 56 12.26 -31.38 -10.74
N PRO D 57 10.97 -31.16 -11.00
CA PRO D 57 10.51 -31.15 -12.40
C PRO D 57 11.03 -29.95 -13.18
N ASP D 58 11.27 -28.81 -12.52
CA ASP D 58 11.70 -27.58 -13.16
C ASP D 58 13.07 -27.17 -12.63
N MET D 59 14.12 -27.45 -13.40
CA MET D 59 15.46 -26.98 -13.06
C MET D 59 15.61 -25.46 -13.21
N ASP D 60 14.54 -24.75 -13.53
CA ASP D 60 14.57 -23.31 -13.72
C ASP D 60 14.28 -22.53 -12.45
N LEU D 61 13.99 -23.21 -11.34
CA LEU D 61 13.67 -22.51 -10.09
C LEU D 61 14.92 -21.86 -9.51
N ALA D 62 14.68 -20.87 -8.65
CA ALA D 62 15.80 -20.16 -8.00
C ALA D 62 16.51 -21.05 -7.00
N THR D 63 15.76 -21.85 -6.24
CA THR D 63 16.36 -22.70 -5.23
C THR D 63 17.15 -23.85 -5.84
N VAL D 64 16.77 -24.29 -7.04
CA VAL D 64 17.55 -25.32 -7.73
C VAL D 64 18.93 -24.77 -8.11
N SER D 65 19.01 -23.48 -8.43
CA SER D 65 20.30 -22.87 -8.72
C SER D 65 21.16 -22.80 -7.46
N ALA D 66 20.56 -22.47 -6.31
CA ALA D 66 21.33 -22.36 -5.08
C ALA D 66 21.85 -23.72 -4.61
N LEU D 67 21.00 -24.75 -4.68
CA LEU D 67 21.43 -26.09 -4.29
C LEU D 67 22.62 -26.55 -5.13
N ARG D 68 22.63 -26.20 -6.41
CA ARG D 68 23.77 -26.56 -7.26
C ARG D 68 25.06 -25.92 -6.76
N LYS D 69 24.99 -24.66 -6.33
CA LYS D 69 26.17 -23.99 -5.79
C LYS D 69 26.70 -24.69 -4.55
N MET D 70 25.80 -25.11 -3.65
CA MET D 70 26.19 -25.79 -2.42
C MET D 70 26.97 -27.07 -2.66
N GLY D 71 26.91 -27.63 -3.86
CA GLY D 71 27.46 -28.95 -4.10
C GLY D 71 26.47 -30.08 -3.94
N VAL D 72 25.18 -29.77 -3.79
CA VAL D 72 24.17 -30.81 -3.72
C VAL D 72 23.95 -31.39 -5.10
N LYS D 73 24.03 -32.72 -5.20
CA LYS D 73 23.77 -33.38 -6.48
C LYS D 73 22.32 -33.19 -6.89
N LEU D 74 22.11 -32.82 -8.15
CA LEU D 74 20.79 -32.64 -8.70
C LEU D 74 20.51 -33.71 -9.75
N THR D 75 19.22 -33.84 -10.09
CA THR D 75 18.75 -34.76 -11.11
C THR D 75 17.27 -34.46 -11.37
N PRO D 76 16.77 -34.72 -12.57
CA PRO D 76 15.33 -34.59 -12.82
C PRO D 76 14.52 -35.84 -12.52
N HIS D 77 15.17 -36.94 -12.15
CA HIS D 77 14.51 -38.25 -12.05
C HIS D 77 14.39 -38.65 -10.59
N ASN D 78 13.15 -38.67 -10.08
CA ASN D 78 12.90 -39.09 -8.71
C ASN D 78 13.43 -40.49 -8.42
N LYS D 79 13.43 -41.37 -9.42
CA LYS D 79 13.98 -42.70 -9.22
C LYS D 79 15.46 -42.66 -8.86
N GLU D 80 16.20 -41.67 -9.38
CA GLU D 80 17.61 -41.57 -9.04
C GLU D 80 17.79 -41.12 -7.60
N THR D 81 16.95 -40.19 -7.15
CA THR D 81 16.98 -39.79 -5.73
C THR D 81 16.64 -40.97 -4.83
N VAL D 82 15.69 -41.81 -5.23
CA VAL D 82 15.29 -42.93 -4.39
C VAL D 82 16.43 -43.93 -4.24
N GLN D 83 17.04 -44.32 -5.36
CA GLN D 83 18.13 -45.30 -5.29
C GLN D 83 19.29 -44.79 -4.45
N HIS D 84 19.55 -43.48 -4.51
CA HIS D 84 20.66 -42.88 -3.77
C HIS D 84 20.40 -42.82 -2.26
N SER D 85 19.14 -42.66 -1.85
CA SER D 85 18.82 -42.20 -0.49
C SER D 85 18.65 -43.35 0.49
N ASP D 86 19.12 -43.13 1.73
CA ASP D 86 18.68 -43.95 2.86
C ASP D 86 17.45 -43.31 3.51
N VAL D 87 17.54 -42.02 3.80
CA VAL D 87 16.42 -41.23 4.28
C VAL D 87 15.94 -40.37 3.12
N LEU D 88 14.64 -40.46 2.82
CA LEU D 88 14.05 -39.82 1.64
C LEU D 88 12.99 -38.83 2.09
N PHE D 89 13.27 -37.53 1.92
CA PHE D 89 12.33 -36.47 2.26
C PHE D 89 11.40 -36.20 1.08
N LEU D 90 10.11 -36.10 1.36
CA LEU D 90 9.12 -35.73 0.35
C LEU D 90 8.77 -34.27 0.60
N ALA D 91 9.37 -33.39 -0.20
CA ALA D 91 9.19 -31.95 0.00
C ALA D 91 8.44 -31.33 -1.17
N VAL D 92 7.28 -31.90 -1.50
CA VAL D 92 6.47 -31.41 -2.60
C VAL D 92 5.11 -30.99 -2.05
N LYS D 93 4.44 -30.12 -2.81
CA LYS D 93 3.11 -29.66 -2.45
C LYS D 93 2.18 -30.85 -2.20
N PRO D 94 1.23 -30.73 -1.26
CA PRO D 94 0.47 -31.90 -0.81
C PRO D 94 -0.27 -32.63 -1.91
N HIS D 95 -0.71 -31.93 -2.96
CA HIS D 95 -1.52 -32.56 -3.99
C HIS D 95 -0.70 -33.35 -5.01
N ILE D 96 0.63 -33.22 -5.01
CA ILE D 96 1.47 -34.02 -5.91
C ILE D 96 1.90 -35.34 -5.30
N ILE D 97 1.74 -35.50 -3.98
CA ILE D 97 2.25 -36.69 -3.30
C ILE D 97 1.67 -37.98 -3.89
N PRO D 98 0.36 -38.11 -4.10
CA PRO D 98 -0.14 -39.37 -4.70
C PRO D 98 0.49 -39.69 -6.05
N PHE D 99 0.80 -38.68 -6.86
CA PHE D 99 1.48 -38.98 -8.12
C PHE D 99 2.92 -39.39 -7.91
N ILE D 100 3.56 -38.87 -6.85
CA ILE D 100 4.94 -39.26 -6.56
C ILE D 100 4.99 -40.68 -6.00
N LEU D 101 4.05 -41.01 -5.10
CA LEU D 101 4.04 -42.33 -4.49
C LEU D 101 3.67 -43.41 -5.51
N ASP D 102 2.83 -43.08 -6.50
CA ASP D 102 2.58 -44.01 -7.60
C ASP D 102 3.83 -44.17 -8.45
N GLU D 103 4.58 -43.08 -8.65
CA GLU D 103 5.71 -43.10 -9.59
C GLU D 103 6.87 -43.95 -9.08
N ILE D 104 7.30 -43.74 -7.84
CA ILE D 104 8.47 -44.43 -7.32
C ILE D 104 8.13 -45.40 -6.20
N GLY D 105 6.84 -45.70 -6.01
CA GLY D 105 6.45 -46.64 -4.96
C GLY D 105 7.07 -48.02 -5.15
N ALA D 106 7.21 -48.46 -6.40
CA ALA D 106 7.84 -49.73 -6.68
C ALA D 106 9.32 -49.74 -6.35
N ASP D 107 9.93 -48.57 -6.12
CA ASP D 107 11.35 -48.48 -5.81
C ASP D 107 11.64 -48.30 -4.32
N ILE D 108 10.62 -48.10 -3.50
CA ILE D 108 10.85 -48.03 -2.06
C ILE D 108 11.16 -49.43 -1.55
N GLU D 109 12.28 -49.55 -0.84
CA GLU D 109 12.73 -50.84 -0.34
C GLU D 109 12.65 -50.84 1.18
N ASP D 110 12.88 -52.02 1.77
CA ASP D 110 12.85 -52.12 3.22
C ASP D 110 13.89 -51.23 3.87
N ARG D 111 14.96 -50.90 3.14
CA ARG D 111 16.03 -50.07 3.68
C ARG D 111 15.66 -48.59 3.78
N HIS D 112 14.54 -48.16 3.19
CA HIS D 112 14.22 -46.74 3.10
C HIS D 112 13.43 -46.25 4.30
N ILE D 113 13.76 -45.04 4.76
CA ILE D 113 12.88 -44.28 5.64
C ILE D 113 12.34 -43.11 4.83
N VAL D 114 11.02 -43.09 4.65
CA VAL D 114 10.33 -42.05 3.89
C VAL D 114 9.81 -41.01 4.86
N VAL D 115 10.25 -39.77 4.70
CA VAL D 115 9.91 -38.67 5.60
C VAL D 115 9.09 -37.68 4.80
N SER D 116 7.81 -37.59 5.11
CA SER D 116 6.93 -36.68 4.41
C SER D 116 6.91 -35.34 5.13
N CYS D 117 7.20 -34.28 4.38
CA CYS D 117 7.06 -32.91 4.85
C CYS D 117 5.86 -32.19 4.27
N ALA D 118 5.14 -32.82 3.35
CA ALA D 118 3.98 -32.19 2.72
C ALA D 118 2.87 -31.98 3.73
N ALA D 119 2.34 -30.76 3.77
CA ALA D 119 1.39 -30.42 4.83
C ALA D 119 0.09 -31.21 4.69
N GLY D 120 -0.48 -31.60 5.82
CA GLY D 120 -1.74 -32.30 5.86
C GLY D 120 -1.70 -33.76 5.45
N VAL D 121 -0.67 -34.19 4.72
CA VAL D 121 -0.62 -35.56 4.19
C VAL D 121 -0.43 -36.53 5.36
N THR D 122 -1.38 -37.46 5.51
CA THR D 122 -1.39 -38.33 6.66
C THR D 122 -0.48 -39.54 6.47
N ILE D 123 0.05 -40.05 7.59
CA ILE D 123 0.82 -41.29 7.53
C ILE D 123 0.01 -42.38 6.86
N SER D 124 -1.26 -42.50 7.24
CA SER D 124 -2.13 -43.54 6.69
C SER D 124 -2.16 -43.50 5.16
N SER D 125 -2.32 -42.30 4.58
CA SER D 125 -2.40 -42.20 3.14
C SER D 125 -1.12 -42.67 2.47
N ILE D 126 0.03 -42.32 3.05
CA ILE D 126 1.30 -42.73 2.47
C ILE D 126 1.47 -44.24 2.60
N GLU D 127 1.25 -44.78 3.79
CA GLU D 127 1.39 -46.22 3.99
C GLU D 127 0.42 -47.00 3.11
N LYS D 128 -0.77 -46.45 2.86
CA LYS D 128 -1.71 -47.17 1.99
C LYS D 128 -1.15 -47.30 0.58
N LYS D 129 -0.55 -46.22 0.06
CA LYS D 129 -0.01 -46.24 -1.30
C LYS D 129 1.21 -47.15 -1.38
N LEU D 130 2.14 -47.01 -0.44
CA LEU D 130 3.39 -47.76 -0.53
C LEU D 130 3.23 -49.23 -0.14
N SER D 131 2.24 -49.56 0.70
CA SER D 131 2.05 -50.96 1.10
C SER D 131 1.54 -51.83 -0.04
N ALA D 132 0.98 -51.22 -1.09
CA ALA D 132 0.62 -52.01 -2.26
C ALA D 132 1.84 -52.56 -2.98
N PHE D 133 3.02 -51.97 -2.75
CA PHE D 133 4.24 -52.46 -3.35
C PHE D 133 4.96 -53.41 -2.39
N ARG D 134 5.60 -52.90 -1.35
CA ARG D 134 6.18 -53.78 -0.34
C ARG D 134 5.45 -53.56 1.00
N PRO D 135 5.36 -54.58 1.86
CA PRO D 135 4.33 -54.56 2.92
C PRO D 135 4.60 -53.69 4.14
N ALA D 136 5.85 -53.38 4.47
CA ALA D 136 6.18 -52.72 5.73
C ALA D 136 6.93 -51.41 5.52
N PRO D 137 6.36 -50.45 4.77
CA PRO D 137 7.10 -49.21 4.50
C PRO D 137 7.32 -48.42 5.78
N ARG D 138 8.55 -47.92 5.95
CA ARG D 138 8.91 -47.12 7.12
C ARG D 138 8.65 -45.65 6.79
N VAL D 139 7.68 -45.05 7.49
CA VAL D 139 7.19 -43.72 7.16
C VAL D 139 7.26 -42.85 8.41
N ILE D 140 7.79 -41.64 8.26
CA ILE D 140 7.77 -40.62 9.31
C ILE D 140 7.13 -39.39 8.71
N ARG D 141 6.26 -38.75 9.48
CA ARG D 141 5.66 -37.48 9.08
C ARG D 141 6.29 -36.37 9.89
N CYS D 142 6.64 -35.28 9.20
CA CYS D 142 7.44 -34.19 9.74
C CYS D 142 6.72 -32.87 9.50
N MET D 143 6.76 -31.96 10.48
CA MET D 143 6.36 -30.57 10.25
C MET D 143 7.53 -29.73 10.75
N THR D 144 8.21 -29.06 9.83
CA THR D 144 9.34 -28.24 10.19
C THR D 144 9.09 -26.87 9.60
N ASN D 145 10.05 -25.94 9.68
CA ASN D 145 9.80 -24.61 9.15
C ASN D 145 11.09 -24.05 8.57
N THR D 146 10.99 -22.91 7.92
CA THR D 146 12.13 -22.46 7.13
C THR D 146 13.35 -22.06 7.96
N PRO D 147 13.24 -21.64 9.23
CA PRO D 147 14.46 -21.28 9.97
C PRO D 147 15.41 -22.43 10.25
N VAL D 148 15.13 -23.66 9.81
CA VAL D 148 16.20 -24.66 9.81
C VAL D 148 17.39 -24.17 8.99
N VAL D 149 17.17 -23.21 8.08
CA VAL D 149 18.26 -22.69 7.27
C VAL D 149 19.29 -21.97 8.13
N VAL D 150 18.88 -21.41 9.27
CA VAL D 150 19.84 -20.83 10.22
C VAL D 150 19.95 -21.72 11.47
N ARG D 151 19.63 -23.00 11.32
CA ARG D 151 19.71 -23.98 12.39
C ARG D 151 18.90 -23.56 13.62
N GLU D 152 17.77 -22.90 13.39
CA GLU D 152 16.87 -22.57 14.49
C GLU D 152 15.44 -22.93 14.14
N GLY D 153 15.29 -24.07 13.46
CA GLY D 153 13.97 -24.56 13.13
C GLY D 153 13.20 -25.01 14.35
N ALA D 154 11.91 -25.25 14.11
CA ALA D 154 10.99 -25.84 15.07
C ALA D 154 10.38 -27.03 14.36
N THR D 155 10.71 -28.24 14.82
CA THR D 155 10.33 -29.47 14.12
C THR D 155 9.59 -30.41 15.06
N VAL D 156 8.47 -30.98 14.60
CA VAL D 156 7.89 -32.15 15.25
C VAL D 156 7.80 -33.26 14.24
N TYR D 157 7.75 -34.50 14.74
CA TYR D 157 7.58 -35.65 13.86
C TYR D 157 6.73 -36.69 14.55
N ALA D 158 6.05 -37.51 13.74
CA ALA D 158 5.31 -38.67 14.21
C ALA D 158 5.75 -39.90 13.42
N THR D 159 5.90 -41.04 14.11
CA THR D 159 6.41 -42.25 13.50
C THR D 159 5.25 -43.12 13.01
N GLY D 160 5.46 -43.78 11.87
CA GLY D 160 4.45 -44.62 11.27
C GLY D 160 4.40 -46.01 11.88
N THR D 161 3.54 -46.84 11.28
CA THR D 161 3.31 -48.19 11.78
C THR D 161 4.57 -49.02 11.80
N HIS D 162 5.37 -48.96 10.74
CA HIS D 162 6.52 -49.85 10.58
C HIS D 162 7.85 -49.17 10.88
N ALA D 163 7.83 -47.92 11.33
CA ALA D 163 9.07 -47.26 11.70
C ALA D 163 9.67 -47.95 12.93
N GLN D 164 10.93 -48.37 12.82
CA GLN D 164 11.58 -49.01 13.95
C GLN D 164 11.96 -47.97 15.00
N VAL D 165 12.42 -48.46 16.16
CA VAL D 165 12.79 -47.56 17.25
C VAL D 165 13.96 -46.69 16.84
N GLU D 166 14.96 -47.28 16.18
CA GLU D 166 16.11 -46.51 15.72
C GLU D 166 15.74 -45.48 14.68
N ASP D 167 14.63 -45.69 13.94
CA ASP D 167 14.21 -44.71 12.94
C ASP D 167 13.81 -43.39 13.60
N GLY D 168 12.99 -43.47 14.65
CA GLY D 168 12.63 -42.27 15.37
C GLY D 168 13.82 -41.58 16.00
N ARG D 169 14.75 -42.37 16.55
CA ARG D 169 15.95 -41.80 17.16
C ARG D 169 16.82 -41.12 16.11
N LEU D 170 17.03 -41.80 14.97
CA LEU D 170 17.73 -41.21 13.85
C LEU D 170 17.07 -39.91 13.39
N MET D 171 15.74 -39.92 13.26
CA MET D 171 15.03 -38.71 12.87
C MET D 171 15.25 -37.58 13.88
N GLU D 172 15.19 -37.90 15.17
CA GLU D 172 15.32 -36.87 16.19
C GLU D 172 16.71 -36.24 16.16
N GLN D 173 17.75 -37.07 15.96
CA GLN D 173 19.11 -36.54 15.94
C GLN D 173 19.37 -35.68 14.70
N LEU D 174 18.87 -36.12 13.55
CA LEU D 174 19.01 -35.33 12.32
C LEU D 174 18.33 -33.97 12.45
N LEU D 175 17.05 -33.97 12.79
CA LEU D 175 16.32 -32.71 12.84
C LEU D 175 16.74 -31.85 14.03
N SER D 176 17.33 -32.45 15.07
CA SER D 176 17.85 -31.66 16.18
C SER D 176 19.09 -30.87 15.78
N SER D 177 19.77 -31.25 14.70
CA SER D 177 20.96 -30.52 14.28
C SER D 177 20.62 -29.16 13.69
N VAL D 178 19.35 -28.94 13.33
CA VAL D 178 18.92 -27.70 12.70
C VAL D 178 17.86 -26.96 13.52
N GLY D 179 17.65 -27.35 14.77
CA GLY D 179 16.81 -26.59 15.67
C GLY D 179 16.14 -27.49 16.70
N PHE D 180 15.01 -27.01 17.22
CA PHE D 180 14.24 -27.77 18.18
C PHE D 180 13.54 -28.92 17.48
N CYS D 181 13.50 -30.09 18.14
CA CYS D 181 12.84 -31.25 17.56
C CYS D 181 12.26 -32.11 18.67
N THR D 182 11.01 -32.55 18.50
CA THR D 182 10.44 -33.49 19.45
C THR D 182 9.39 -34.35 18.75
N GLU D 183 9.17 -35.53 19.30
CA GLU D 183 8.14 -36.44 18.79
C GLU D 183 6.78 -36.04 19.35
N VAL D 184 5.75 -36.12 18.50
CA VAL D 184 4.36 -35.89 18.89
C VAL D 184 3.50 -37.01 18.33
N GLU D 185 2.28 -37.09 18.85
CA GLU D 185 1.25 -37.89 18.19
C GLU D 185 0.81 -37.18 16.91
N GLU D 186 0.49 -37.96 15.87
CA GLU D 186 0.23 -37.36 14.57
C GLU D 186 -0.95 -36.38 14.62
N ASP D 187 -1.91 -36.60 15.52
CA ASP D 187 -3.09 -35.74 15.53
C ASP D 187 -2.79 -34.32 16.00
N LEU D 188 -1.56 -34.03 16.42
CA LEU D 188 -1.18 -32.67 16.79
C LEU D 188 -0.53 -31.89 15.65
N ILE D 189 -0.21 -32.55 14.53
CA ILE D 189 0.65 -31.91 13.53
C ILE D 189 -0.06 -30.78 12.81
N ASP D 190 -1.38 -30.90 12.59
CA ASP D 190 -2.13 -29.81 11.96
CA ASP D 190 -2.08 -29.81 11.94
C ASP D 190 -2.04 -28.54 12.80
N ALA D 191 -2.18 -28.68 14.11
CA ALA D 191 -2.08 -27.54 15.03
C ALA D 191 -0.65 -26.98 15.07
N VAL D 192 0.36 -27.86 15.02
CA VAL D 192 1.73 -27.38 14.95
C VAL D 192 1.97 -26.59 13.67
N THR D 193 1.39 -27.05 12.55
CA THR D 193 1.48 -26.27 11.31
C THR D 193 0.98 -24.85 11.53
N GLY D 194 -0.17 -24.70 12.18
CA GLY D 194 -0.73 -23.38 12.37
C GLY D 194 0.12 -22.48 13.26
N LEU D 195 0.91 -23.09 14.15
CA LEU D 195 1.68 -22.34 15.13
C LEU D 195 3.10 -22.11 14.62
N SER D 196 3.93 -23.16 14.57
CA SER D 196 5.33 -22.95 14.19
C SER D 196 5.60 -23.18 12.71
N GLY D 197 4.74 -23.93 12.01
CA GLY D 197 4.89 -24.05 10.57
C GLY D 197 4.67 -22.71 9.87
N SER D 198 3.52 -22.08 10.12
CA SER D 198 3.21 -20.77 9.56
C SER D 198 3.80 -19.63 10.36
N GLY D 199 4.24 -19.89 11.61
CA GLY D 199 4.72 -18.83 12.47
C GLY D 199 5.76 -17.89 11.92
N PRO D 200 6.75 -18.38 11.16
CA PRO D 200 7.74 -17.43 10.63
C PRO D 200 7.11 -16.35 9.77
N ALA D 201 6.06 -16.69 8.98
CA ALA D 201 5.39 -15.67 8.18
C ALA D 201 4.70 -14.63 9.07
N TYR D 202 4.13 -15.05 10.19
CA TYR D 202 3.54 -14.08 11.11
C TYR D 202 4.62 -13.13 11.61
N ALA D 203 5.79 -13.69 11.95
CA ALA D 203 6.90 -12.88 12.44
C ALA D 203 7.43 -11.94 11.37
N PHE D 204 7.56 -12.41 10.11
CA PHE D 204 8.03 -11.54 9.04
C PHE D 204 7.04 -10.39 8.83
N THR D 205 5.74 -10.69 8.89
CA THR D 205 4.72 -9.63 8.79
C THR D 205 4.86 -8.62 9.92
N ALA D 206 5.01 -9.11 11.15
CA ALA D 206 5.15 -8.23 12.31
C ALA D 206 6.40 -7.36 12.21
N LEU D 207 7.49 -7.93 11.71
CA LEU D 207 8.75 -7.16 11.64
C LEU D 207 8.69 -6.06 10.59
N ASP D 208 8.05 -6.34 9.44
CA ASP D 208 7.81 -5.31 8.44
C ASP D 208 7.00 -4.16 9.05
N ALA D 209 5.91 -4.51 9.75
CA ALA D 209 5.04 -3.50 10.36
C ALA D 209 5.74 -2.72 11.47
N LEU D 210 6.47 -3.41 12.35
CA LEU D 210 7.24 -2.71 13.38
C LEU D 210 8.24 -1.75 12.76
N ALA D 211 8.90 -2.16 11.68
CA ALA D 211 9.83 -1.26 11.01
C ALA D 211 9.12 -0.04 10.43
N ASP D 212 7.93 -0.24 9.83
CA ASP D 212 7.15 0.91 9.37
C ASP D 212 6.83 1.86 10.53
N GLY D 213 6.52 1.30 11.70
CA GLY D 213 6.31 2.13 12.87
C GLY D 213 7.55 2.91 13.26
N GLY D 214 8.70 2.24 13.26
CA GLY D 214 9.96 2.96 13.51
C GLY D 214 10.19 4.09 12.52
N VAL D 215 9.94 3.83 11.23
CA VAL D 215 10.12 4.84 10.20
C VAL D 215 9.14 6.01 10.42
N LYS D 216 7.87 5.68 10.74
CA LYS D 216 6.91 6.76 10.98
C LYS D 216 7.42 7.68 12.08
N MET D 217 8.07 7.13 13.11
CA MET D 217 8.55 7.92 14.23
C MET D 217 9.97 8.49 14.02
N GLY D 218 10.54 8.36 12.81
CA GLY D 218 11.75 9.08 12.43
C GLY D 218 13.01 8.24 12.26
N LEU D 219 12.94 6.93 12.42
CA LEU D 219 14.11 6.09 12.26
C LEU D 219 14.36 5.78 10.79
N PRO D 220 15.62 5.69 10.39
CA PRO D 220 15.94 5.13 9.07
C PRO D 220 15.45 3.69 8.96
N ARG D 221 15.01 3.31 7.76
CA ARG D 221 14.40 1.99 7.60
CA ARG D 221 14.42 2.00 7.56
C ARG D 221 15.39 0.88 7.98
N ARG D 222 16.64 0.97 7.50
CA ARG D 222 17.63 -0.06 7.80
C ARG D 222 17.79 -0.28 9.30
N LEU D 223 17.90 0.81 10.06
CA LEU D 223 18.01 0.69 11.51
C LEU D 223 16.73 0.12 12.12
N ALA D 224 15.57 0.58 11.66
CA ALA D 224 14.33 0.11 12.24
C ALA D 224 14.16 -1.40 12.03
N VAL D 225 14.56 -1.91 10.87
CA VAL D 225 14.46 -3.36 10.62
C VAL D 225 15.38 -4.12 11.56
N ARG D 226 16.62 -3.65 11.71
CA ARG D 226 17.60 -4.30 12.58
C ARG D 226 17.15 -4.30 14.04
N LEU D 227 16.64 -3.17 14.52
CA LEU D 227 16.22 -3.08 15.93
C LEU D 227 15.00 -3.95 16.19
N GLY D 228 14.04 -3.96 15.27
CA GLY D 228 12.85 -4.76 15.47
C GLY D 228 13.16 -6.24 15.47
N ALA D 229 14.00 -6.69 14.54
CA ALA D 229 14.37 -8.10 14.51
C ALA D 229 15.13 -8.49 15.76
N GLN D 230 16.03 -7.61 16.23
CA GLN D 230 16.79 -7.92 17.43
C GLN D 230 15.90 -7.98 18.66
N ALA D 231 14.90 -7.09 18.73
CA ALA D 231 13.94 -7.12 19.84
C ALA D 231 13.19 -8.44 19.88
N LEU D 232 12.74 -8.90 18.71
CA LEU D 232 11.99 -10.15 18.64
C LEU D 232 12.87 -11.34 19.02
N LEU D 233 14.06 -11.41 18.42
CA LEU D 233 15.00 -12.48 18.73
C LEU D 233 15.32 -12.52 20.21
N GLY D 234 15.64 -11.36 20.79
CA GLY D 234 15.97 -11.33 22.21
C GLY D 234 14.81 -11.73 23.10
N ALA D 235 13.60 -11.28 22.78
CA ALA D 235 12.45 -11.61 23.61
C ALA D 235 12.15 -13.10 23.55
N ALA D 236 12.22 -13.69 22.36
CA ALA D 236 12.00 -15.13 22.23
C ALA D 236 13.05 -15.92 23.02
N LYS D 237 14.32 -15.51 22.92
CA LYS D 237 15.36 -16.19 23.70
C LYS D 237 15.11 -16.04 25.20
N MET D 238 14.71 -14.84 25.65
CA MET D 238 14.38 -14.64 27.05
C MET D 238 13.34 -15.64 27.54
N LEU D 239 12.23 -15.76 26.78
CA LEU D 239 11.16 -16.66 27.19
C LEU D 239 11.63 -18.11 27.18
N LEU D 240 12.43 -18.49 26.17
CA LEU D 240 12.91 -19.86 26.14
C LEU D 240 13.80 -20.17 27.33
N HIS D 241 14.54 -19.18 27.82
CA HIS D 241 15.46 -19.41 28.92
C HIS D 241 14.84 -19.16 30.29
N SER D 242 13.58 -18.74 30.35
CA SER D 242 12.94 -18.35 31.59
C SER D 242 11.92 -19.40 32.01
N GLU D 243 11.77 -19.57 33.32
CA GLU D 243 10.67 -20.37 33.84
C GLU D 243 9.40 -19.54 34.03
N GLN D 244 9.45 -18.25 33.71
CA GLN D 244 8.34 -17.37 34.03
C GLN D 244 7.33 -17.33 32.90
N HIS D 245 6.07 -17.09 33.27
CA HIS D 245 5.01 -16.94 32.30
C HIS D 245 5.27 -15.72 31.41
N PRO D 246 4.89 -15.80 30.13
CA PRO D 246 5.03 -14.61 29.25
C PRO D 246 4.38 -13.36 29.82
N GLY D 247 3.28 -13.49 30.55
CA GLY D 247 2.66 -12.33 31.18
C GLY D 247 3.51 -11.72 32.27
N GLN D 248 4.20 -12.56 33.05
CA GLN D 248 5.12 -12.05 34.07
C GLN D 248 6.31 -11.33 33.43
N LEU D 249 6.85 -11.88 32.33
CA LEU D 249 7.92 -11.17 31.64
C LEU D 249 7.42 -9.84 31.08
N LYS D 250 6.23 -9.86 30.49
CA LYS D 250 5.57 -8.63 30.07
C LYS D 250 5.44 -7.65 31.25
N ASP D 251 4.98 -8.15 32.41
CA ASP D 251 4.83 -7.28 33.57
C ASP D 251 6.16 -6.66 33.98
N ASN D 252 7.25 -7.42 33.87
CA ASN D 252 8.57 -6.89 34.24
C ASN D 252 8.99 -5.73 33.35
N VAL D 253 8.56 -5.73 32.09
CA VAL D 253 8.96 -4.72 31.12
C VAL D 253 8.23 -3.39 31.36
N SER D 254 6.99 -3.44 31.85
CA SER D 254 6.10 -2.29 31.86
C SER D 254 6.19 -1.53 33.18
N SER D 255 6.86 -0.38 33.17
CA SER D 255 6.84 0.46 34.36
C SER D 255 5.53 1.23 34.48
N PRO D 256 5.09 1.55 35.70
CA PRO D 256 3.81 2.26 35.88
C PRO D 256 3.78 3.58 35.13
N GLY D 257 2.66 3.81 34.44
CA GLY D 257 2.48 5.03 33.66
C GLY D 257 3.34 5.18 32.42
N GLY D 258 4.16 4.17 32.10
CA GLY D 258 5.26 4.33 31.18
C GLY D 258 4.89 4.11 29.72
N ALA D 259 5.92 4.16 28.88
CA ALA D 259 5.74 4.05 27.43
C ALA D 259 5.20 2.69 27.04
N THR D 260 5.75 1.63 27.63
CA THR D 260 5.40 0.29 27.17
C THR D 260 3.94 -0.04 27.48
N ILE D 261 3.47 0.24 28.70
CA ILE D 261 2.08 -0.06 29.04
C ILE D 261 1.13 0.78 28.19
N HIS D 262 1.54 2.00 27.77
CA HIS D 262 0.70 2.75 26.85
C HIS D 262 0.58 2.05 25.49
N ALA D 263 1.70 1.55 24.96
CA ALA D 263 1.69 0.81 23.71
C ALA D 263 0.90 -0.49 23.83
N LEU D 264 1.03 -1.18 24.98
CA LEU D 264 0.28 -2.44 25.11
C LEU D 264 -1.23 -2.19 25.07
N HIS D 265 -1.69 -1.06 25.63
CA HIS D 265 -3.11 -0.73 25.55
C HIS D 265 -3.58 -0.62 24.10
N VAL D 266 -2.81 0.03 23.22
CA VAL D 266 -3.32 0.18 21.87
C VAL D 266 -3.29 -1.16 21.13
N LEU D 267 -2.35 -2.06 21.47
CA LEU D 267 -2.44 -3.42 20.94
C LEU D 267 -3.73 -4.10 21.39
N GLU D 268 -4.06 -3.99 22.69
CA GLU D 268 -5.27 -4.62 23.20
C GLU D 268 -6.52 -4.05 22.54
N SER D 269 -6.54 -2.73 22.33
CA SER D 269 -7.73 -2.09 21.76
C SER D 269 -8.03 -2.59 20.36
N GLY D 270 -7.01 -3.04 19.64
CA GLY D 270 -7.22 -3.64 18.33
C GLY D 270 -7.41 -5.14 18.34
N GLY D 271 -7.47 -5.77 19.51
CA GLY D 271 -7.64 -7.22 19.54
C GLY D 271 -6.44 -7.97 18.99
N PHE D 272 -5.24 -7.44 19.22
CA PHE D 272 -3.99 -8.02 18.75
C PHE D 272 -3.91 -9.51 19.09
N ARG D 273 -4.23 -9.88 20.34
CA ARG D 273 -4.17 -11.28 20.74
C ARG D 273 -5.11 -12.14 19.91
N SER D 274 -6.35 -11.67 19.74
CA SER D 274 -7.31 -12.47 18.98
C SER D 274 -6.86 -12.68 17.52
N LEU D 275 -6.12 -11.73 16.93
CA LEU D 275 -5.71 -11.92 15.54
C LEU D 275 -4.70 -13.06 15.42
N LEU D 276 -3.79 -13.17 16.37
CA LEU D 276 -2.83 -14.27 16.35
C LEU D 276 -3.52 -15.61 16.61
N ILE D 277 -4.50 -15.64 17.50
CA ILE D 277 -5.29 -16.88 17.69
C ILE D 277 -6.01 -17.22 16.38
N ASN D 278 -6.64 -16.22 15.77
CA ASN D 278 -7.32 -16.42 14.49
C ASN D 278 -6.39 -17.02 13.46
N ALA D 279 -5.13 -16.56 13.45
CA ALA D 279 -4.17 -17.01 12.44
C ALA D 279 -3.82 -18.48 12.66
N VAL D 280 -3.46 -18.86 13.89
CA VAL D 280 -3.14 -20.25 14.19
C VAL D 280 -4.30 -21.14 13.79
N GLU D 281 -5.52 -20.70 14.13
CA GLU D 281 -6.71 -21.47 13.82
C GLU D 281 -6.92 -21.59 12.31
N ALA D 282 -6.76 -20.48 11.58
CA ALA D 282 -7.00 -20.53 10.14
C ALA D 282 -6.01 -21.43 9.42
N SER D 283 -4.73 -21.39 9.83
CA SER D 283 -3.72 -22.25 9.20
C SER D 283 -3.96 -23.72 9.53
N CYS D 284 -4.29 -24.01 10.78
CA CYS D 284 -4.62 -25.38 11.18
C CYS D 284 -5.84 -25.90 10.43
N ILE D 285 -6.89 -25.09 10.32
CA ILE D 285 -8.11 -25.54 9.63
C ILE D 285 -7.83 -25.77 8.15
N ARG D 286 -7.06 -24.87 7.51
CA ARG D 286 -6.74 -25.09 6.10
C ARG D 286 -5.94 -26.38 5.92
N THR D 287 -5.04 -26.67 6.86
CA THR D 287 -4.25 -27.90 6.79
C THR D 287 -5.17 -29.11 6.89
N ARG D 288 -6.18 -29.06 7.76
CA ARG D 288 -7.17 -30.13 7.83
C ARG D 288 -7.94 -30.29 6.52
N GLU D 289 -8.28 -29.16 5.86
CA GLU D 289 -8.92 -29.26 4.55
C GLU D 289 -8.02 -29.94 3.53
N LEU D 290 -6.76 -29.52 3.45
CA LEU D 290 -5.83 -30.15 2.51
C LEU D 290 -5.71 -31.64 2.81
N GLN D 291 -5.73 -32.02 4.09
CA GLN D 291 -5.67 -33.43 4.47
C GLN D 291 -6.90 -34.21 4.02
N SER D 292 -8.01 -33.53 3.73
CA SER D 292 -9.19 -34.17 3.17
C SER D 292 -9.18 -34.14 1.64
N MET D 293 -8.01 -34.05 1.02
CA MET D 293 -7.89 -34.04 -0.43
C MET D 293 -6.90 -35.11 -0.86
N GLN E 21 -39.00 41.87 -18.74
CA GLN E 21 -38.87 41.25 -20.06
C GLN E 21 -37.67 41.85 -20.81
N SER E 22 -37.53 43.17 -20.75
CA SER E 22 -36.37 43.89 -21.29
C SER E 22 -35.12 43.73 -20.43
N MET E 23 -35.20 42.78 -19.50
CA MET E 23 -34.16 42.56 -18.51
C MET E 23 -32.89 41.99 -19.15
N SER E 24 -31.74 42.53 -18.74
CA SER E 24 -30.43 42.11 -19.23
C SER E 24 -29.67 41.44 -18.09
N VAL E 25 -29.12 40.24 -18.35
CA VAL E 25 -28.49 39.42 -17.32
C VAL E 25 -27.04 39.15 -17.71
N GLY E 26 -26.14 39.25 -16.73
CA GLY E 26 -24.75 38.95 -16.95
C GLY E 26 -24.22 37.93 -15.95
N PHE E 27 -23.15 37.25 -16.37
CA PHE E 27 -22.48 36.26 -15.54
C PHE E 27 -20.99 36.57 -15.49
N ILE E 28 -20.46 36.77 -14.29
CA ILE E 28 -19.02 36.77 -14.03
C ILE E 28 -18.65 35.35 -13.60
N GLY E 29 -17.90 34.65 -14.45
CA GLY E 29 -17.69 33.24 -14.29
C GLY E 29 -18.49 32.49 -15.34
N ALA E 30 -17.87 31.55 -16.05
CA ALA E 30 -18.55 30.81 -17.08
C ALA E 30 -18.36 29.32 -16.88
N GLY E 31 -18.51 28.86 -15.64
CA GLY E 31 -18.31 27.47 -15.29
C GLY E 31 -19.62 26.70 -15.28
N GLN E 32 -19.65 25.64 -14.49
CA GLN E 32 -20.79 24.72 -14.52
C GLN E 32 -22.09 25.42 -14.11
N LEU E 33 -22.02 26.31 -13.11
CA LEU E 33 -23.25 26.91 -12.60
C LEU E 33 -23.80 27.98 -13.54
N ALA E 34 -22.92 28.80 -14.11
CA ALA E 34 -23.37 29.81 -15.08
C ALA E 34 -23.99 29.17 -16.30
N PHE E 35 -23.40 28.08 -16.79
CA PHE E 35 -23.99 27.38 -17.92
C PHE E 35 -25.36 26.83 -17.55
N ALA E 36 -25.43 26.15 -16.40
CA ALA E 36 -26.69 25.57 -15.96
C ALA E 36 -27.78 26.62 -15.85
N LEU E 37 -27.45 27.77 -15.23
CA LEU E 37 -28.46 28.82 -15.07
C LEU E 37 -28.87 29.39 -16.42
N ALA E 38 -27.89 29.64 -17.31
CA ALA E 38 -28.23 30.21 -18.61
C ALA E 38 -29.04 29.23 -19.44
N LYS E 39 -28.70 27.94 -19.37
CA LYS E 39 -29.47 26.94 -20.10
C LYS E 39 -30.90 26.84 -19.55
N GLY E 40 -31.03 26.85 -18.21
CA GLY E 40 -32.35 26.80 -17.61
C GLY E 40 -33.20 28.02 -17.92
N PHE E 41 -32.59 29.21 -17.81
CA PHE E 41 -33.33 30.45 -18.10
C PHE E 41 -33.85 30.44 -19.53
N THR E 42 -32.99 30.08 -20.48
CA THR E 42 -33.40 30.16 -21.88
C THR E 42 -34.37 29.05 -22.26
N ALA E 43 -34.23 27.87 -21.65
CA ALA E 43 -35.21 26.81 -21.85
C ALA E 43 -36.57 27.22 -21.31
N ALA E 44 -36.59 27.91 -20.16
CA ALA E 44 -37.85 28.36 -19.57
C ALA E 44 -38.54 29.43 -20.39
N GLY E 45 -37.82 30.11 -21.30
CA GLY E 45 -38.38 31.21 -22.03
C GLY E 45 -38.42 32.53 -21.29
N VAL E 46 -37.95 32.59 -20.04
CA VAL E 46 -37.98 33.85 -19.32
C VAL E 46 -36.93 34.83 -19.84
N LEU E 47 -35.98 34.35 -20.63
CA LEU E 47 -34.83 35.14 -21.04
C LEU E 47 -34.36 34.62 -22.38
N ALA E 48 -34.18 35.51 -23.37
CA ALA E 48 -33.57 35.11 -24.63
C ALA E 48 -32.05 35.04 -24.44
N ALA E 49 -31.43 34.09 -25.14
CA ALA E 49 -29.98 33.89 -24.99
C ALA E 49 -29.20 35.16 -25.28
N HIS E 50 -29.71 35.99 -26.19
CA HIS E 50 -29.03 37.23 -26.55
C HIS E 50 -29.13 38.31 -25.48
N LYS E 51 -29.94 38.11 -24.44
CA LYS E 51 -29.98 39.04 -23.32
C LYS E 51 -28.99 38.68 -22.23
N ILE E 52 -28.19 37.63 -22.44
CA ILE E 52 -27.25 37.10 -21.46
C ILE E 52 -25.84 37.32 -21.98
N MET E 53 -24.96 37.82 -21.13
CA MET E 53 -23.54 37.91 -21.44
C MET E 53 -22.75 37.26 -20.32
N ALA E 54 -21.70 36.53 -20.67
CA ALA E 54 -20.83 35.89 -19.68
C ALA E 54 -19.38 36.23 -19.95
N SER E 55 -18.59 36.26 -18.87
CA SER E 55 -17.16 36.54 -18.94
C SER E 55 -16.42 35.50 -18.10
N SER E 56 -15.22 35.16 -18.55
CA SER E 56 -14.40 34.17 -17.87
C SER E 56 -12.95 34.52 -18.09
N PRO E 57 -12.07 34.19 -17.14
CA PRO E 57 -10.63 34.30 -17.41
C PRO E 57 -10.19 33.37 -18.52
N ASP E 58 -10.49 32.08 -18.38
CA ASP E 58 -10.19 31.08 -19.39
C ASP E 58 -11.31 31.03 -20.42
N MET E 59 -11.03 31.51 -21.63
CA MET E 59 -12.03 31.55 -22.70
C MET E 59 -12.01 30.30 -23.56
N ASP E 60 -11.33 29.23 -23.14
CA ASP E 60 -11.26 27.99 -23.90
C ASP E 60 -12.05 26.87 -23.25
N LEU E 61 -12.83 27.16 -22.22
CA LEU E 61 -13.61 26.15 -21.53
C LEU E 61 -14.69 25.59 -22.45
N ALA E 62 -15.12 24.36 -22.15
CA ALA E 62 -16.22 23.77 -22.89
C ALA E 62 -17.54 24.50 -22.60
N THR E 63 -17.71 24.96 -21.36
CA THR E 63 -18.89 25.73 -21.01
C THR E 63 -18.98 27.02 -21.84
N VAL E 64 -17.84 27.66 -22.08
CA VAL E 64 -17.82 28.86 -22.90
C VAL E 64 -18.23 28.53 -24.34
N SER E 65 -17.82 27.37 -24.85
CA SER E 65 -18.23 26.97 -26.18
C SER E 65 -19.72 26.68 -26.23
N ALA E 66 -20.24 25.98 -25.22
CA ALA E 66 -21.66 25.67 -25.16
C ALA E 66 -22.50 26.94 -25.12
N LEU E 67 -22.12 27.89 -24.26
CA LEU E 67 -22.85 29.16 -24.16
C LEU E 67 -22.89 29.87 -25.51
N ARG E 68 -21.80 29.80 -26.27
CA ARG E 68 -21.77 30.45 -27.58
C ARG E 68 -22.79 29.83 -28.53
N LYS E 69 -22.82 28.50 -28.60
CA LYS E 69 -23.77 27.82 -29.46
C LYS E 69 -25.21 28.17 -29.09
N MET E 70 -25.49 28.35 -27.80
CA MET E 70 -26.84 28.69 -27.38
C MET E 70 -27.26 30.10 -27.78
N GLY E 71 -26.30 30.94 -28.16
CA GLY E 71 -26.59 32.32 -28.47
C GLY E 71 -26.31 33.29 -27.35
N VAL E 72 -25.57 32.89 -26.32
CA VAL E 72 -25.18 33.81 -25.24
C VAL E 72 -23.97 34.61 -25.67
N LYS E 73 -24.01 35.92 -25.41
CA LYS E 73 -22.87 36.77 -25.75
C LYS E 73 -21.71 36.48 -24.80
N LEU E 74 -20.48 36.55 -25.32
CA LEU E 74 -19.32 36.23 -24.52
C LEU E 74 -18.27 37.33 -24.65
N THR E 75 -17.42 37.42 -23.63
CA THR E 75 -16.33 38.40 -23.55
C THR E 75 -15.36 37.94 -22.49
N PRO E 76 -14.07 38.27 -22.62
CA PRO E 76 -13.12 38.01 -21.53
C PRO E 76 -13.04 39.14 -20.52
N HIS E 77 -13.65 40.28 -20.80
CA HIS E 77 -13.58 41.46 -19.92
C HIS E 77 -14.78 41.46 -18.98
N ASN E 78 -14.50 41.28 -17.69
CA ASN E 78 -15.54 41.42 -16.68
C ASN E 78 -16.24 42.78 -16.76
N LYS E 79 -15.51 43.82 -17.17
CA LYS E 79 -16.10 45.15 -17.25
C LYS E 79 -17.23 45.20 -18.29
N GLU E 80 -17.08 44.47 -19.40
CA GLU E 80 -18.12 44.47 -20.42
C GLU E 80 -19.40 43.82 -19.91
N THR E 81 -19.26 42.69 -19.23
CA THR E 81 -20.42 42.03 -18.62
C THR E 81 -21.16 42.98 -17.68
N VAL E 82 -20.42 43.77 -16.89
CA VAL E 82 -21.06 44.69 -15.96
C VAL E 82 -21.84 45.76 -16.73
N GLN E 83 -21.21 46.35 -17.76
CA GLN E 83 -21.86 47.41 -18.53
C GLN E 83 -23.09 46.92 -19.28
N HIS E 84 -23.15 45.63 -19.61
CA HIS E 84 -24.28 45.03 -20.32
C HIS E 84 -25.44 44.69 -19.38
N SER E 85 -25.16 44.41 -18.12
CA SER E 85 -26.12 43.72 -17.26
C SER E 85 -26.96 44.69 -16.43
N ASP E 86 -28.19 44.27 -16.17
CA ASP E 86 -28.99 44.78 -15.07
C ASP E 86 -28.83 43.88 -13.85
N VAL E 87 -29.09 42.59 -14.02
CA VAL E 87 -28.86 41.59 -12.99
C VAL E 87 -27.50 40.94 -13.29
N LEU E 88 -26.61 40.97 -12.30
CA LEU E 88 -25.24 40.48 -12.44
C LEU E 88 -25.03 39.32 -11.49
N PHE E 89 -24.84 38.11 -12.03
CA PHE E 89 -24.54 36.94 -11.23
C PHE E 89 -23.03 36.79 -11.06
N LEU E 90 -22.60 36.55 -9.82
CA LEU E 90 -21.21 36.22 -9.50
C LEU E 90 -21.14 34.71 -9.34
N ALA E 91 -20.66 34.02 -10.38
CA ALA E 91 -20.63 32.57 -10.35
C ALA E 91 -19.19 32.08 -10.42
N VAL E 92 -18.33 32.60 -9.55
CA VAL E 92 -16.93 32.24 -9.51
C VAL E 92 -16.63 31.59 -8.18
N LYS E 93 -15.43 31.01 -8.07
CA LYS E 93 -15.04 30.37 -6.83
C LYS E 93 -15.00 31.41 -5.72
N PRO E 94 -15.36 31.04 -4.49
CA PRO E 94 -15.47 32.04 -3.42
C PRO E 94 -14.19 32.79 -3.12
N HIS E 95 -13.02 32.20 -3.36
CA HIS E 95 -11.78 32.93 -3.10
C HIS E 95 -11.51 33.99 -4.16
N ILE E 96 -12.20 33.94 -5.30
CA ILE E 96 -12.03 34.95 -6.35
C ILE E 96 -12.97 36.13 -6.19
N ILE E 97 -13.95 36.05 -5.29
CA ILE E 97 -14.94 37.13 -5.16
C ILE E 97 -14.30 38.45 -4.75
N PRO E 98 -13.44 38.51 -3.72
CA PRO E 98 -12.80 39.80 -3.40
C PRO E 98 -12.03 40.39 -4.56
N PHE E 99 -11.37 39.53 -5.35
CA PHE E 99 -10.63 40.03 -6.50
C PHE E 99 -11.56 40.61 -7.56
N ILE E 100 -12.69 39.94 -7.81
CA ILE E 100 -13.63 40.44 -8.80
C ILE E 100 -14.26 41.74 -8.31
N LEU E 101 -14.62 41.80 -7.03
CA LEU E 101 -15.27 43.00 -6.52
C LEU E 101 -14.34 44.21 -6.64
N ASP E 102 -13.05 44.03 -6.38
CA ASP E 102 -12.12 45.14 -6.56
C ASP E 102 -11.91 45.49 -8.04
N GLU E 103 -12.17 44.56 -8.96
CA GLU E 103 -11.95 44.87 -10.37
C GLU E 103 -13.13 45.63 -10.97
N ILE E 104 -14.35 45.27 -10.59
CA ILE E 104 -15.56 45.84 -11.18
C ILE E 104 -16.27 46.82 -10.26
N GLY E 105 -15.77 47.01 -9.04
CA GLY E 105 -16.51 47.79 -8.05
C GLY E 105 -16.84 49.20 -8.54
N ALA E 106 -15.91 49.82 -9.26
CA ALA E 106 -16.12 51.18 -9.73
C ALA E 106 -17.14 51.26 -10.86
N ASP E 107 -17.51 50.13 -11.46
CA ASP E 107 -18.46 50.09 -12.57
C ASP E 107 -19.88 49.71 -12.15
N ILE E 108 -20.10 49.36 -10.88
CA ILE E 108 -21.46 49.14 -10.40
C ILE E 108 -22.22 50.46 -10.42
N GLU E 109 -23.49 50.40 -10.78
CA GLU E 109 -24.32 51.60 -10.82
C GLU E 109 -25.58 51.35 -10.01
N ASP E 110 -26.47 52.35 -9.99
CA ASP E 110 -27.68 52.25 -9.21
C ASP E 110 -28.63 51.19 -9.77
N ARG E 111 -28.60 50.96 -11.09
CA ARG E 111 -29.50 50.00 -11.71
C ARG E 111 -29.13 48.55 -11.39
N HIS E 112 -27.94 48.31 -10.85
CA HIS E 112 -27.41 46.96 -10.76
C HIS E 112 -27.96 46.23 -9.54
N ILE E 113 -28.31 44.96 -9.75
CA ILE E 113 -28.52 44.00 -8.68
C ILE E 113 -27.40 42.98 -8.79
N VAL E 114 -26.60 42.85 -7.73
CA VAL E 114 -25.49 41.92 -7.70
C VAL E 114 -25.94 40.67 -6.97
N VAL E 115 -25.93 39.54 -7.66
CA VAL E 115 -26.39 38.27 -7.11
C VAL E 115 -25.17 37.39 -6.95
N SER E 116 -24.75 37.15 -5.71
CA SER E 116 -23.62 36.28 -5.46
C SER E 116 -24.11 34.86 -5.22
N CYS E 117 -23.62 33.91 -6.02
CA CYS E 117 -23.82 32.50 -5.82
C CYS E 117 -22.64 31.84 -5.10
N ALA E 118 -21.58 32.59 -4.83
CA ALA E 118 -20.35 31.99 -4.34
C ALA E 118 -20.57 31.39 -2.97
N ALA E 119 -19.95 30.23 -2.74
CA ALA E 119 -20.22 29.47 -1.54
C ALA E 119 -19.73 30.21 -0.30
N GLY E 120 -20.63 30.36 0.67
CA GLY E 120 -20.29 30.93 1.97
C GLY E 120 -20.07 32.43 2.03
N VAL E 121 -19.81 33.08 0.89
CA VAL E 121 -19.47 34.50 0.86
C VAL E 121 -20.67 35.31 1.34
N THR E 122 -20.47 36.09 2.39
CA THR E 122 -21.58 36.76 3.05
C THR E 122 -21.97 38.06 2.36
N ILE E 123 -23.23 38.46 2.57
CA ILE E 123 -23.70 39.74 2.04
C ILE E 123 -22.86 40.87 2.60
N SER E 124 -22.55 40.79 3.89
CA SER E 124 -21.77 41.85 4.55
C SER E 124 -20.43 42.06 3.86
N SER E 125 -19.76 40.97 3.49
CA SER E 125 -18.45 41.09 2.84
C SER E 125 -18.58 41.71 1.46
N ILE E 126 -19.63 41.35 0.72
CA ILE E 126 -19.82 41.95 -0.60
C ILE E 126 -20.19 43.42 -0.47
N GLU E 127 -21.06 43.74 0.46
CA GLU E 127 -21.51 45.12 0.62
C GLU E 127 -20.36 46.01 1.08
N LYS E 128 -19.48 45.50 1.93
CA LYS E 128 -18.35 46.30 2.40
C LYS E 128 -17.41 46.63 1.23
N LYS E 129 -17.12 45.65 0.37
CA LYS E 129 -16.23 45.86 -0.77
C LYS E 129 -16.81 46.86 -1.76
N LEU E 130 -18.08 46.67 -2.14
CA LEU E 130 -18.67 47.53 -3.16
C LEU E 130 -18.96 48.93 -2.62
N SER E 131 -19.27 49.06 -1.33
CA SER E 131 -19.60 50.38 -0.78
C SER E 131 -18.41 51.31 -0.77
N ALA E 132 -17.20 50.80 -0.88
CA ALA E 132 -16.05 51.69 -0.98
C ALA E 132 -16.06 52.48 -2.28
N PHE E 133 -16.76 51.98 -3.30
CA PHE E 133 -16.84 52.63 -4.60
C PHE E 133 -18.08 53.50 -4.74
N ARG E 134 -19.24 52.97 -4.38
CA ARG E 134 -20.51 53.68 -4.49
C ARG E 134 -21.43 53.17 -3.39
N PRO E 135 -22.08 54.05 -2.64
CA PRO E 135 -22.92 53.58 -1.53
C PRO E 135 -24.18 52.90 -2.04
N ALA E 136 -24.82 52.19 -1.14
CA ALA E 136 -26.06 51.45 -1.36
C ALA E 136 -26.02 50.43 -2.50
N PRO E 137 -25.01 49.57 -2.58
CA PRO E 137 -25.08 48.47 -3.56
C PRO E 137 -26.23 47.53 -3.22
N ARG E 138 -26.95 47.11 -4.26
CA ARG E 138 -28.07 46.19 -4.11
C ARG E 138 -27.53 44.77 -4.29
N VAL E 139 -27.48 44.02 -3.20
CA VAL E 139 -26.85 42.71 -3.17
C VAL E 139 -27.88 41.67 -2.75
N ILE E 140 -27.89 40.54 -3.45
CA ILE E 140 -28.68 39.36 -3.08
C ILE E 140 -27.74 38.17 -3.05
N ARG E 141 -27.86 37.35 -2.00
CA ARG E 141 -27.07 36.14 -1.89
C ARG E 141 -27.93 34.93 -2.25
N CYS E 142 -27.40 34.05 -3.08
CA CYS E 142 -28.13 32.92 -3.64
C CYS E 142 -27.43 31.62 -3.26
N MET E 143 -28.18 30.54 -3.01
CA MET E 143 -27.61 29.20 -3.02
C MET E 143 -28.51 28.37 -3.94
N THR E 144 -27.99 27.97 -5.09
CA THR E 144 -28.74 27.18 -6.06
C THR E 144 -27.93 25.91 -6.33
N ASN E 145 -28.39 25.08 -7.26
CA ASN E 145 -27.67 23.83 -7.51
C ASN E 145 -27.75 23.51 -9.00
N THR E 146 -27.00 22.50 -9.42
CA THR E 146 -26.81 22.27 -10.85
C THR E 146 -28.09 21.83 -11.57
N PRO E 147 -29.08 21.21 -10.91
CA PRO E 147 -30.28 20.81 -11.65
C PRO E 147 -31.14 21.96 -12.18
N VAL E 148 -30.78 23.24 -11.96
CA VAL E 148 -31.42 24.29 -12.74
C VAL E 148 -31.23 24.07 -14.23
N VAL E 149 -30.20 23.30 -14.62
CA VAL E 149 -29.96 23.02 -16.03
C VAL E 149 -31.14 22.26 -16.66
N VAL E 150 -31.90 21.51 -15.87
CA VAL E 150 -33.11 20.83 -16.34
C VAL E 150 -34.37 21.43 -15.69
N ARG E 151 -34.28 22.68 -15.24
CA ARG E 151 -35.37 23.42 -14.60
C ARG E 151 -35.95 22.69 -13.39
N GLU E 152 -35.12 21.98 -12.64
CA GLU E 152 -35.53 21.35 -11.39
C GLU E 152 -34.56 21.70 -10.27
N GLY E 153 -34.06 22.92 -10.27
CA GLY E 153 -33.16 23.35 -9.22
C GLY E 153 -33.87 23.55 -7.91
N ALA E 154 -33.05 23.72 -6.87
CA ALA E 154 -33.51 24.13 -5.55
C ALA E 154 -32.72 25.35 -5.18
N THR E 155 -33.40 26.47 -4.98
CA THR E 155 -32.74 27.75 -4.78
C THR E 155 -33.30 28.44 -3.54
N VAL E 156 -32.42 28.99 -2.70
CA VAL E 156 -32.83 29.95 -1.70
C VAL E 156 -32.04 31.23 -1.93
N TYR E 157 -32.58 32.34 -1.46
CA TYR E 157 -31.90 33.63 -1.58
C TYR E 157 -32.15 34.46 -0.33
N ALA E 158 -31.20 35.34 -0.02
CA ALA E 158 -31.34 36.32 1.04
C ALA E 158 -31.06 37.70 0.48
N THR E 159 -31.80 38.70 0.93
CA THR E 159 -31.69 40.06 0.39
C THR E 159 -30.79 40.89 1.28
N GLY E 160 -29.97 41.72 0.64
CA GLY E 160 -29.04 42.55 1.36
C GLY E 160 -29.67 43.82 1.88
N THR E 161 -28.80 44.66 2.45
CA THR E 161 -29.23 45.86 3.17
C THR E 161 -29.99 46.83 2.28
N HIS E 162 -29.52 47.01 1.05
CA HIS E 162 -30.06 48.02 0.15
C HIS E 162 -30.92 47.41 -0.95
N ALA E 163 -31.20 46.12 -0.89
CA ALA E 163 -32.08 45.50 -1.87
C ALA E 163 -33.51 46.00 -1.68
N GLN E 164 -34.11 46.54 -2.73
CA GLN E 164 -35.50 46.92 -2.65
C GLN E 164 -36.39 45.68 -2.63
N VAL E 165 -37.65 45.86 -2.23
CA VAL E 165 -38.59 44.75 -2.18
C VAL E 165 -38.84 44.20 -3.58
N GLU E 166 -38.91 45.08 -4.58
CA GLU E 166 -39.05 44.61 -5.95
C GLU E 166 -37.86 43.72 -6.36
N ASP E 167 -36.67 43.98 -5.79
CA ASP E 167 -35.50 43.19 -6.15
C ASP E 167 -35.66 41.74 -5.72
N GLY E 168 -36.15 41.51 -4.50
CA GLY E 168 -36.41 40.14 -4.06
C GLY E 168 -37.44 39.44 -4.92
N ARG E 169 -38.49 40.17 -5.32
CA ARG E 169 -39.54 39.58 -6.14
C ARG E 169 -39.03 39.27 -7.55
N LEU E 170 -38.22 40.17 -8.12
CA LEU E 170 -37.62 39.89 -9.42
C LEU E 170 -36.77 38.63 -9.35
N MET E 171 -35.97 38.52 -8.30
CA MET E 171 -35.10 37.36 -8.11
CA MET E 171 -35.11 37.35 -8.22
C MET E 171 -35.91 36.09 -7.97
N GLU E 172 -36.98 36.15 -7.18
CA GLU E 172 -37.79 34.95 -6.98
C GLU E 172 -38.49 34.55 -8.27
N GLN E 173 -38.96 35.53 -9.03
CA GLN E 173 -39.59 35.22 -10.32
C GLN E 173 -38.59 34.59 -11.28
N LEU E 174 -37.38 35.13 -11.36
CA LEU E 174 -36.37 34.57 -12.26
C LEU E 174 -35.97 33.15 -11.84
N LEU E 175 -35.69 32.94 -10.56
CA LEU E 175 -35.18 31.63 -10.16
C LEU E 175 -36.26 30.58 -10.03
N SER E 176 -37.52 30.98 -9.84
CA SER E 176 -38.62 30.02 -9.87
C SER E 176 -38.81 29.41 -11.25
N SER E 177 -38.31 30.05 -12.31
CA SER E 177 -38.50 29.49 -13.63
C SER E 177 -37.64 28.26 -13.86
N VAL E 178 -36.61 28.05 -13.03
CA VAL E 178 -35.72 26.91 -13.19
C VAL E 178 -35.75 25.97 -11.98
N GLY E 179 -36.77 26.07 -11.12
CA GLY E 179 -36.92 25.15 -10.01
C GLY E 179 -37.63 25.79 -8.83
N PHE E 180 -37.47 25.15 -7.67
CA PHE E 180 -38.01 25.68 -6.42
C PHE E 180 -37.19 26.89 -6.00
N CYS E 181 -37.87 27.94 -5.52
CA CYS E 181 -37.19 29.12 -5.01
C CYS E 181 -37.93 29.70 -3.82
N THR E 182 -37.19 30.05 -2.76
CA THR E 182 -37.83 30.75 -1.66
C THR E 182 -36.79 31.63 -0.96
N GLU E 183 -37.28 32.69 -0.32
CA GLU E 183 -36.42 33.55 0.48
C GLU E 183 -36.17 32.92 1.84
N VAL E 184 -34.94 33.07 2.33
CA VAL E 184 -34.53 32.63 3.67
C VAL E 184 -33.73 33.76 4.32
N GLU E 185 -33.61 33.69 5.65
CA GLU E 185 -32.61 34.48 6.33
C GLU E 185 -31.22 33.98 5.98
N GLU E 186 -30.26 34.91 5.93
CA GLU E 186 -28.93 34.54 5.45
C GLU E 186 -28.29 33.49 6.34
N ASP E 187 -28.64 33.44 7.63
CA ASP E 187 -27.96 32.46 8.46
C ASP E 187 -28.41 31.02 8.20
N LEU E 188 -29.39 30.78 7.31
CA LEU E 188 -29.74 29.42 6.92
C LEU E 188 -28.97 28.93 5.71
N ILE E 189 -28.23 29.79 5.00
CA ILE E 189 -27.72 29.43 3.68
C ILE E 189 -26.63 28.36 3.78
N ASP E 190 -25.79 28.41 4.81
CA ASP E 190 -24.76 27.37 4.93
C ASP E 190 -25.39 25.98 5.12
N ALA E 191 -26.50 25.89 5.85
CA ALA E 191 -27.20 24.61 6.02
C ALA E 191 -27.86 24.17 4.73
N VAL E 192 -28.45 25.12 4.00
CA VAL E 192 -29.02 24.79 2.68
C VAL E 192 -27.93 24.26 1.76
N THR E 193 -26.71 24.83 1.83
CA THR E 193 -25.62 24.31 1.01
C THR E 193 -25.40 22.83 1.29
N GLY E 194 -25.39 22.46 2.58
CA GLY E 194 -25.15 21.07 2.95
C GLY E 194 -26.23 20.12 2.48
N LEU E 195 -27.44 20.64 2.25
CA LEU E 195 -28.59 19.80 1.92
C LEU E 195 -28.86 19.83 0.43
N SER E 196 -29.34 20.95 -0.13
CA SER E 196 -29.64 20.94 -1.55
C SER E 196 -28.49 21.42 -2.43
N GLY E 197 -27.54 22.18 -1.90
CA GLY E 197 -26.35 22.53 -2.67
C GLY E 197 -25.51 21.31 -3.03
N SER E 198 -25.10 20.55 -2.02
CA SER E 198 -24.33 19.33 -2.23
C SER E 198 -25.20 18.13 -2.55
N GLY E 199 -26.51 18.22 -2.30
CA GLY E 199 -27.41 17.10 -2.46
C GLY E 199 -27.34 16.36 -3.79
N PRO E 200 -27.24 17.06 -4.93
CA PRO E 200 -27.17 16.32 -6.19
C PRO E 200 -25.99 15.35 -6.22
N ALA E 201 -24.86 15.72 -5.60
CA ALA E 201 -23.69 14.82 -5.59
C ALA E 201 -23.97 13.57 -4.76
N TYR E 202 -24.70 13.71 -3.64
CA TYR E 202 -25.12 12.52 -2.88
C TYR E 202 -25.98 11.62 -3.75
N ALA E 203 -26.89 12.22 -4.54
CA ALA E 203 -27.76 11.43 -5.40
C ALA E 203 -27.00 10.77 -6.54
N PHE E 204 -26.02 11.46 -7.13
CA PHE E 204 -25.23 10.82 -8.18
C PHE E 204 -24.46 9.63 -7.62
N THR E 205 -23.90 9.78 -6.40
CA THR E 205 -23.19 8.67 -5.76
C THR E 205 -24.15 7.50 -5.52
N ALA E 206 -25.33 7.80 -4.97
CA ALA E 206 -26.35 6.78 -4.71
C ALA E 206 -26.74 6.05 -6.00
N LEU E 207 -26.92 6.81 -7.08
CA LEU E 207 -27.35 6.21 -8.35
C LEU E 207 -26.27 5.33 -8.96
N ASP E 208 -24.99 5.72 -8.85
CA ASP E 208 -23.90 4.85 -9.29
C ASP E 208 -23.93 3.53 -8.52
N ALA E 209 -24.09 3.61 -7.22
CA ALA E 209 -24.08 2.41 -6.37
C ALA E 209 -25.31 1.54 -6.60
N LEU E 210 -26.49 2.16 -6.72
CA LEU E 210 -27.68 1.38 -7.03
C LEU E 210 -27.53 0.65 -8.36
N ALA E 211 -26.94 1.31 -9.35
CA ALA E 211 -26.69 0.66 -10.63
C ALA E 211 -25.71 -0.50 -10.48
N ASP E 212 -24.63 -0.33 -9.70
CA ASP E 212 -23.74 -1.45 -9.44
C ASP E 212 -24.51 -2.61 -8.80
N GLY E 213 -25.44 -2.31 -7.90
CA GLY E 213 -26.26 -3.35 -7.30
C GLY E 213 -27.12 -4.06 -8.33
N GLY E 214 -27.77 -3.30 -9.21
CA GLY E 214 -28.52 -3.91 -10.29
C GLY E 214 -27.67 -4.82 -11.16
N VAL E 215 -26.46 -4.35 -11.53
CA VAL E 215 -25.54 -5.16 -12.33
C VAL E 215 -25.11 -6.42 -11.58
N LYS E 216 -24.82 -6.29 -10.28
CA LYS E 216 -24.44 -7.49 -9.52
C LYS E 216 -25.55 -8.55 -9.61
N MET E 217 -26.80 -8.12 -9.58
CA MET E 217 -27.91 -9.05 -9.60
C MET E 217 -28.35 -9.44 -11.02
N GLY E 218 -27.63 -8.99 -12.04
CA GLY E 218 -27.81 -9.52 -13.40
C GLY E 218 -28.38 -8.56 -14.43
N LEU E 219 -28.61 -7.27 -14.07
CA LEU E 219 -29.14 -6.35 -15.07
C LEU E 219 -28.02 -5.76 -15.91
N PRO E 220 -28.29 -5.50 -17.17
CA PRO E 220 -27.35 -4.68 -17.96
C PRO E 220 -27.20 -3.30 -17.35
N ARG E 221 -25.99 -2.76 -17.49
CA ARG E 221 -25.67 -1.49 -16.84
C ARG E 221 -26.61 -0.37 -17.29
N ARG E 222 -26.85 -0.27 -18.60
CA ARG E 222 -27.68 0.84 -19.11
C ARG E 222 -29.08 0.81 -18.52
N LEU E 223 -29.69 -0.38 -18.47
CA LEU E 223 -30.99 -0.53 -17.83
C LEU E 223 -30.94 -0.24 -16.33
N ALA E 224 -29.90 -0.70 -15.64
CA ALA E 224 -29.81 -0.45 -14.20
C ALA E 224 -29.75 1.05 -13.90
N VAL E 225 -28.97 1.81 -14.68
CA VAL E 225 -28.87 3.25 -14.43
C VAL E 225 -30.22 3.92 -14.65
N ARG E 226 -30.91 3.52 -15.73
CA ARG E 226 -32.19 4.13 -16.07
C ARG E 226 -33.24 3.82 -15.00
N LEU E 227 -33.31 2.56 -14.55
CA LEU E 227 -34.29 2.18 -13.54
C LEU E 227 -34.01 2.86 -12.20
N GLY E 228 -32.74 2.93 -11.79
CA GLY E 228 -32.41 3.56 -10.53
C GLY E 228 -32.73 5.04 -10.53
N ALA E 229 -32.38 5.74 -11.62
CA ALA E 229 -32.68 7.17 -11.72
C ALA E 229 -34.18 7.40 -11.74
N GLN E 230 -34.91 6.57 -12.49
CA GLN E 230 -36.37 6.72 -12.55
C GLN E 230 -37.00 6.46 -11.19
N ALA E 231 -36.48 5.48 -10.43
CA ALA E 231 -37.00 5.22 -9.10
C ALA E 231 -36.80 6.42 -8.18
N LEU E 232 -35.61 7.02 -8.19
CA LEU E 232 -35.37 8.15 -7.30
C LEU E 232 -36.18 9.36 -7.71
N LEU E 233 -36.33 9.60 -9.02
CA LEU E 233 -37.14 10.72 -9.49
C LEU E 233 -38.60 10.56 -9.06
N GLY E 234 -39.16 9.36 -9.29
CA GLY E 234 -40.55 9.14 -8.96
C GLY E 234 -40.81 9.28 -7.47
N ALA E 235 -39.90 8.75 -6.64
CA ALA E 235 -40.08 8.81 -5.21
C ALA E 235 -40.03 10.25 -4.73
N ALA E 236 -39.08 11.01 -5.25
CA ALA E 236 -38.99 12.42 -4.86
C ALA E 236 -40.24 13.18 -5.26
N LYS E 237 -40.76 12.90 -6.47
CA LYS E 237 -41.98 13.56 -6.90
C LYS E 237 -43.17 13.15 -6.02
N MET E 238 -43.26 11.86 -5.67
CA MET E 238 -44.33 11.42 -4.77
C MET E 238 -44.33 12.22 -3.48
N LEU E 239 -43.15 12.38 -2.88
CA LEU E 239 -43.06 13.07 -1.59
C LEU E 239 -43.42 14.55 -1.76
N LEU E 240 -43.00 15.16 -2.86
CA LEU E 240 -43.33 16.56 -3.09
C LEU E 240 -44.83 16.75 -3.29
N HIS E 241 -45.50 15.75 -3.85
CA HIS E 241 -46.94 15.83 -4.10
C HIS E 241 -47.76 15.33 -2.93
N SER E 242 -47.13 14.84 -1.87
CA SER E 242 -47.86 14.24 -0.77
C SER E 242 -47.83 15.18 0.43
N GLU E 243 -48.88 15.10 1.24
CA GLU E 243 -48.82 15.71 2.56
C GLU E 243 -48.24 14.76 3.60
N GLN E 244 -47.97 13.52 3.22
CA GLN E 244 -47.62 12.50 4.19
C GLN E 244 -46.13 12.50 4.49
N HIS E 245 -45.80 12.08 5.70
CA HIS E 245 -44.43 11.96 6.14
C HIS E 245 -43.68 10.94 5.29
N PRO E 246 -42.38 11.14 5.02
CA PRO E 246 -41.64 10.14 4.23
C PRO E 246 -41.65 8.75 4.87
N GLY E 247 -41.71 8.68 6.19
CA GLY E 247 -41.86 7.38 6.85
C GLY E 247 -43.20 6.72 6.55
N GLN E 248 -44.26 7.51 6.42
CA GLN E 248 -45.55 6.94 6.05
C GLN E 248 -45.51 6.37 4.63
N LEU E 249 -44.90 7.12 3.69
CA LEU E 249 -44.75 6.60 2.34
C LEU E 249 -43.89 5.35 2.33
N LYS E 250 -42.83 5.33 3.14
CA LYS E 250 -42.04 4.12 3.30
C LYS E 250 -42.91 2.96 3.79
N ASP E 251 -43.74 3.21 4.81
CA ASP E 251 -44.64 2.20 5.34
C ASP E 251 -45.62 1.71 4.28
N ASN E 252 -46.22 2.65 3.52
CA ASN E 252 -47.13 2.28 2.44
C ASN E 252 -46.49 1.31 1.46
N VAL E 253 -45.18 1.40 1.26
CA VAL E 253 -44.50 0.64 0.22
C VAL E 253 -43.99 -0.73 0.66
N SER E 254 -43.81 -0.96 1.97
CA SER E 254 -43.20 -2.19 2.46
C SER E 254 -44.27 -3.18 2.91
N SER E 255 -44.53 -4.21 2.09
CA SER E 255 -45.46 -5.26 2.50
C SER E 255 -44.82 -6.20 3.53
N PRO E 256 -45.63 -6.77 4.42
CA PRO E 256 -45.09 -7.64 5.49
C PRO E 256 -44.31 -8.81 4.94
N GLY E 257 -43.12 -9.02 5.52
CA GLY E 257 -42.23 -10.09 5.13
C GLY E 257 -41.56 -9.93 3.79
N GLY E 258 -41.79 -8.82 3.10
CA GLY E 258 -41.48 -8.70 1.70
C GLY E 258 -40.05 -8.30 1.41
N ALA E 259 -39.79 -8.10 0.12
CA ALA E 259 -38.46 -7.82 -0.37
C ALA E 259 -37.98 -6.46 0.12
N THR E 260 -38.87 -5.47 0.10
CA THR E 260 -38.46 -4.11 0.45
C THR E 260 -38.07 -4.00 1.92
N ILE E 261 -38.89 -4.56 2.82
CA ILE E 261 -38.55 -4.43 4.26
C ILE E 261 -37.26 -5.20 4.56
N HIS E 262 -36.97 -6.28 3.82
CA HIS E 262 -35.68 -6.94 3.99
C HIS E 262 -34.53 -6.02 3.55
N ALA E 263 -34.68 -5.31 2.43
CA ALA E 263 -33.61 -4.40 2.00
C ALA E 263 -33.47 -3.23 2.96
N LEU E 264 -34.59 -2.70 3.45
CA LEU E 264 -34.51 -1.60 4.41
C LEU E 264 -33.71 -2.00 5.65
N HIS E 265 -33.86 -3.25 6.10
CA HIS E 265 -33.09 -3.68 7.27
C HIS E 265 -31.58 -3.58 7.01
N VAL E 266 -31.11 -4.02 5.84
CA VAL E 266 -29.66 -3.98 5.65
C VAL E 266 -29.19 -2.53 5.52
N LEU E 267 -30.03 -1.62 5.00
CA LEU E 267 -29.67 -0.19 5.05
C LEU E 267 -29.53 0.28 6.48
N GLU E 268 -30.49 -0.07 7.34
CA GLU E 268 -30.43 0.33 8.74
C GLU E 268 -29.21 -0.24 9.44
N SER E 269 -28.85 -1.48 9.12
CA SER E 269 -27.74 -2.12 9.83
C SER E 269 -26.41 -1.41 9.54
N GLY E 270 -26.31 -0.75 8.40
CA GLY E 270 -25.14 0.01 8.03
C GLY E 270 -25.19 1.46 8.48
N GLY E 271 -26.25 1.87 9.18
CA GLY E 271 -26.32 3.28 9.58
C GLY E 271 -26.53 4.22 8.40
N PHE E 272 -27.26 3.77 7.38
CA PHE E 272 -27.53 4.55 6.16
C PHE E 272 -27.99 5.96 6.50
N ARG E 273 -28.98 6.07 7.41
CA ARG E 273 -29.52 7.38 7.78
C ARG E 273 -28.42 8.28 8.34
N SER E 274 -27.61 7.74 9.25
CA SER E 274 -26.57 8.55 9.88
C SER E 274 -25.54 9.05 8.87
N LEU E 275 -25.29 8.30 7.79
CA LEU E 275 -24.29 8.76 6.83
C LEU E 275 -24.77 10.03 6.13
N LEU E 276 -26.05 10.06 5.76
CA LEU E 276 -26.64 11.23 5.11
C LEU E 276 -26.69 12.42 6.08
N ILE E 277 -27.01 12.20 7.36
CA ILE E 277 -26.89 13.30 8.32
C ILE E 277 -25.44 13.79 8.39
N ASN E 278 -24.49 12.85 8.50
CA ASN E 278 -23.06 13.22 8.51
C ASN E 278 -22.70 14.11 7.32
N ALA E 279 -23.25 13.77 6.14
CA ALA E 279 -22.86 14.48 4.91
C ALA E 279 -23.38 15.92 4.94
N VAL E 280 -24.67 16.11 5.24
CA VAL E 280 -25.22 17.46 5.36
C VAL E 280 -24.39 18.28 6.34
N GLU E 281 -24.10 17.69 7.50
CA GLU E 281 -23.32 18.38 8.51
C GLU E 281 -21.93 18.75 7.98
N ALA E 282 -21.26 17.78 7.34
CA ALA E 282 -19.89 18.03 6.89
C ALA E 282 -19.85 19.14 5.86
N SER E 283 -20.83 19.16 4.93
CA SER E 283 -20.87 20.21 3.91
C SER E 283 -21.18 21.56 4.53
N CYS E 284 -22.16 21.61 5.42
CA CYS E 284 -22.45 22.86 6.13
C CYS E 284 -21.23 23.36 6.91
N ILE E 285 -20.56 22.47 7.63
CA ILE E 285 -19.44 22.93 8.46
C ILE E 285 -18.30 23.44 7.58
N ARG E 286 -18.02 22.76 6.46
CA ARG E 286 -16.98 23.24 5.56
C ARG E 286 -17.34 24.59 4.98
N THR E 287 -18.62 24.78 4.63
CA THR E 287 -19.04 26.08 4.14
C THR E 287 -18.78 27.17 5.17
N ARG E 288 -19.08 26.90 6.44
CA ARG E 288 -18.78 27.86 7.51
C ARG E 288 -17.27 28.11 7.61
N GLU E 289 -16.45 27.06 7.47
CA GLU E 289 -15.00 27.21 7.49
C GLU E 289 -14.52 28.09 6.36
N LEU E 290 -14.99 27.82 5.14
CA LEU E 290 -14.57 28.61 3.98
C LEU E 290 -14.86 30.09 4.21
N GLN E 291 -16.00 30.42 4.83
CA GLN E 291 -16.30 31.82 5.13
C GLN E 291 -15.36 32.37 6.20
N SER E 292 -15.05 31.59 7.22
CA SER E 292 -14.14 32.08 8.26
C SER E 292 -12.74 32.30 7.70
N MET E 293 -12.29 31.45 6.78
CA MET E 293 -11.02 31.71 6.10
C MET E 293 -11.09 32.94 5.22
N ALA E 294 -12.27 33.24 4.66
CA ALA E 294 -12.45 34.45 3.87
C ALA E 294 -12.21 35.69 4.72
N ASP E 295 -12.87 35.79 5.86
CA ASP E 295 -12.74 36.96 6.73
C ASP E 295 -11.41 36.96 7.46
S SO4 F . -16.02 -10.04 -15.83
O1 SO4 F . -15.91 -11.38 -16.41
O2 SO4 F . -16.79 -10.09 -14.57
O3 SO4 F . -14.65 -9.55 -15.61
O4 SO4 F . -16.74 -9.15 -16.73
S SO4 G . -11.93 6.12 -25.76
O1 SO4 G . -11.93 5.32 -24.53
O2 SO4 G . -12.94 5.63 -26.67
O3 SO4 G . -10.61 6.03 -26.39
O4 SO4 G . -12.20 7.52 -25.43
C02 ZR0 H . 7.69 12.17 2.38
C04 ZR0 H . 7.78 12.39 0.85
C05 ZR0 H . 8.23 13.60 0.28
C06 ZR0 H . 8.32 13.75 -1.12
C10 ZR0 H . 7.95 12.64 -1.86
C12 ZR0 H . 7.50 11.42 -1.33
C13 ZR0 H . 7.45 11.33 0.03
O01 ZR0 H . 7.87 13.16 3.15
O03 ZR0 H . 7.44 11.01 2.76
BR11 ZR0 H . 8.03 12.65 -3.78
S SO4 I . 16.48 -2.65 -9.90
O1 SO4 I . 16.51 -4.11 -9.77
O2 SO4 I . 15.36 -2.11 -9.13
O3 SO4 I . 17.72 -2.07 -9.37
O4 SO4 I . 16.35 -2.28 -11.31
S SO4 J . 8.19 11.23 1.26
O1 SO4 J . 7.51 10.91 0.00
O2 SO4 J . 7.28 10.98 2.38
O3 SO4 J . 8.59 12.64 1.23
O4 SO4 J . 9.38 10.41 1.42
S SO4 K . 13.41 -1.20 37.86
O1 SO4 K . 12.44 -1.31 36.78
O2 SO4 K . 13.16 -2.27 38.82
O3 SO4 K . 14.76 -1.29 37.31
O4 SO4 K . 13.26 0.10 38.54
S SO4 L . 2.67 -23.49 3.94
O1 SO4 L . 2.47 -24.95 3.97
O2 SO4 L . 1.37 -22.84 3.72
O3 SO4 L . 3.34 -23.09 5.17
O4 SO4 L . 3.51 -23.12 2.79
S SO4 M . 8.95 1.41 30.02
O1 SO4 M . 7.55 1.72 29.74
O2 SO4 M . 8.94 0.60 31.23
O3 SO4 M . 9.68 2.66 30.27
O4 SO4 M . 9.58 0.66 28.91
S SO4 N . -42.57 -5.13 -1.64
O1 SO4 N . -43.07 -6.14 -2.56
O2 SO4 N . -43.68 -4.49 -0.91
O3 SO4 N . -41.67 -5.72 -0.62
O4 SO4 N . -41.89 -4.07 -2.39
#